data_4K8N
#
_entry.id   4K8N
#
_cell.length_a   236.983
_cell.length_b   128.758
_cell.length_c   66.663
_cell.angle_alpha   90.00
_cell.angle_beta   93.53
_cell.angle_gamma   90.00
#
_symmetry.space_group_name_H-M   'C 1 2 1'
#
loop_
_entity.id
_entity.type
_entity.pdbx_description
1 polymer 'Glycolipid transfer protein domain-containing protein 1'
2 non-polymer '(2S,3R,4Z)-3-hydroxy-2-[(9E)-octadec-9-enoylamino]octadec-4-en-1-yl dihydrogen phosphate'
3 water water
#
_entity_poly.entity_id   1
_entity_poly.type   'polypeptide(L)'
_entity_poly.pdbx_seq_one_letter_code
;SMDDSETGFNLKVVLVSFKQCLDEKEEVLLDPYIASWKGLVRFLNSLGTIFSFISKDVVSKLRIMERLRGGPQSEHYRSL
QAMVAHELSNRLVDLERRSHHPESGCRTVLRLHRALHWLQLFLEGLRTSPEDARTSALCADSYNASLAAYHPWVVRRAVT
VAFCTLPTREVFLEAMNVGPPEQAVQMLGEALPFIQRVYNVSQKLYAEHSLLDLP
;
_entity_poly.pdbx_strand_id   A,B,C,D,E,F
#
loop_
_chem_comp.id
_chem_comp.type
_chem_comp.name
_chem_comp.formula
1Q0 non-polymer '(2S,3R,4Z)-3-hydroxy-2-[(9E)-octadec-9-enoylamino]octadec-4-en-1-yl dihydrogen phosphate' 'C36 H70 N O6 P'
#
# COMPACT_ATOMS: atom_id res chain seq x y z
N PHE A 9 -7.51 33.99 17.63
CA PHE A 9 -7.29 32.56 17.81
C PHE A 9 -8.35 31.94 18.73
N ASN A 10 -9.06 30.95 18.20
CA ASN A 10 -10.08 30.23 18.96
C ASN A 10 -10.30 28.82 18.43
N LEU A 11 -11.25 28.10 19.03
CA LEU A 11 -11.47 26.70 18.69
C LEU A 11 -11.99 26.49 17.26
N LYS A 12 -12.83 27.41 16.79
CA LYS A 12 -13.33 27.36 15.41
C LYS A 12 -12.18 27.46 14.41
N VAL A 13 -11.23 28.36 14.68
CA VAL A 13 -10.05 28.52 13.85
C VAL A 13 -9.31 27.19 13.66
N VAL A 14 -9.16 26.46 14.76
CA VAL A 14 -8.50 25.18 14.75
C VAL A 14 -9.28 24.13 13.96
N LEU A 15 -10.54 23.96 14.33
CA LEU A 15 -11.37 22.89 13.79
C LEU A 15 -11.59 22.98 12.28
N VAL A 16 -11.45 24.16 11.71
CA VAL A 16 -11.63 24.33 10.27
C VAL A 16 -10.29 24.41 9.54
N SER A 17 -9.20 24.29 10.29
CA SER A 17 -7.88 24.17 9.69
C SER A 17 -7.68 22.74 9.20
N PHE A 18 -8.50 21.83 9.73
CA PHE A 18 -8.53 20.45 9.29
C PHE A 18 -9.07 20.31 7.87
N LYS A 19 -9.84 21.30 7.43
CA LYS A 19 -10.32 21.38 6.05
C LYS A 19 -9.12 21.28 5.11
N GLN A 20 -7.96 21.74 5.59
CA GLN A 20 -6.74 21.78 4.79
C GLN A 20 -5.94 20.48 4.88
N CYS A 21 -6.31 19.59 5.78
CA CYS A 21 -5.59 18.33 5.95
C CYS A 21 -5.93 17.31 4.86
N LEU A 22 -7.10 17.46 4.24
CA LEU A 22 -7.53 16.57 3.18
C LEU A 22 -7.46 17.22 1.80
N ASP A 23 -6.56 16.71 0.94
CA ASP A 23 -6.47 17.20 -0.42
C ASP A 23 -7.67 16.75 -1.24
N GLU A 24 -7.74 17.22 -2.48
CA GLU A 24 -8.90 17.00 -3.34
C GLU A 24 -9.21 15.52 -3.61
N LYS A 25 -8.22 14.66 -3.36
CA LYS A 25 -8.35 13.23 -3.60
C LYS A 25 -8.38 12.46 -2.29
N GLU A 26 -8.74 13.14 -1.21
CA GLU A 26 -8.85 12.55 0.12
C GLU A 26 -7.59 11.85 0.64
N GLU A 27 -6.44 12.49 0.48
CA GLU A 27 -5.24 12.08 1.20
C GLU A 27 -5.03 13.03 2.39
N VAL A 28 -4.42 12.52 3.44
CA VAL A 28 -4.16 13.32 4.64
C VAL A 28 -2.75 13.94 4.63
N LEU A 29 -2.67 15.23 4.25
CA LEU A 29 -1.41 15.95 4.19
C LEU A 29 -0.78 16.17 5.56
N LEU A 30 0.52 15.86 5.67
CA LEU A 30 1.24 15.95 6.94
C LEU A 30 1.36 17.38 7.48
N ASP A 31 1.88 18.29 6.67
CA ASP A 31 2.10 19.67 7.09
C ASP A 31 0.89 20.37 7.76
N PRO A 32 -0.31 20.30 7.13
CA PRO A 32 -1.50 20.83 7.80
C PRO A 32 -1.84 20.06 9.07
N TYR A 33 -1.75 18.74 9.02
CA TYR A 33 -2.02 17.88 10.18
C TYR A 33 -1.19 18.31 11.40
N ILE A 34 0.12 18.42 11.20
CA ILE A 34 1.01 18.97 12.23
C ILE A 34 0.54 20.36 12.66
N ALA A 35 0.36 21.27 11.70
CA ALA A 35 -0.10 22.64 11.98
C ALA A 35 -1.39 22.64 12.79
N SER A 36 -2.32 21.78 12.42
CA SER A 36 -3.58 21.69 13.14
C SER A 36 -3.35 21.21 14.57
N TRP A 37 -2.31 20.41 14.76
CA TRP A 37 -1.99 19.88 16.07
C TRP A 37 -1.27 20.88 16.96
N LYS A 38 -0.47 21.76 16.37
CA LYS A 38 0.19 22.82 17.12
C LYS A 38 -0.87 23.71 17.74
N GLY A 39 -1.99 23.88 17.02
CA GLY A 39 -3.13 24.63 17.51
C GLY A 39 -3.84 23.95 18.65
N LEU A 40 -4.10 22.64 18.50
CA LEU A 40 -4.75 21.86 19.55
C LEU A 40 -3.93 21.87 20.85
N VAL A 41 -2.61 21.80 20.72
CA VAL A 41 -1.72 21.96 21.86
C VAL A 41 -1.96 23.33 22.47
N ARG A 42 -1.94 24.36 21.64
CA ARG A 42 -2.14 25.73 22.08
C ARG A 42 -3.45 25.91 22.83
N PHE A 43 -4.50 25.25 22.37
CA PHE A 43 -5.81 25.36 22.99
C PHE A 43 -5.89 24.57 24.29
N LEU A 44 -5.28 23.39 24.30
CA LEU A 44 -5.18 22.59 25.52
C LEU A 44 -4.50 23.41 26.62
N ASN A 45 -3.42 24.09 26.24
CA ASN A 45 -2.63 24.85 27.19
C ASN A 45 -3.41 26.04 27.75
N SER A 46 -4.21 26.68 26.90
CA SER A 46 -4.96 27.87 27.29
C SER A 46 -5.92 27.59 28.46
N LEU A 47 -6.38 26.35 28.58
CA LEU A 47 -7.16 25.94 29.73
C LEU A 47 -6.25 25.82 30.94
N GLY A 48 -6.72 26.23 32.10
CA GLY A 48 -5.90 26.14 33.30
C GLY A 48 -5.91 24.74 33.87
N THR A 49 -5.56 23.77 33.04
CA THR A 49 -5.82 22.37 33.34
C THR A 49 -4.59 21.61 33.82
N ILE A 50 -4.82 20.58 34.64
CA ILE A 50 -3.77 19.67 35.04
C ILE A 50 -3.27 18.88 33.81
N PHE A 51 -4.12 18.77 32.79
CA PHE A 51 -3.81 17.94 31.64
C PHE A 51 -2.95 18.63 30.57
N SER A 52 -2.12 19.57 31.01
CA SER A 52 -1.20 20.24 30.10
C SER A 52 0.12 19.50 30.06
N PHE A 53 0.29 18.54 30.98
CA PHE A 53 1.50 17.73 31.05
C PHE A 53 1.60 16.76 29.87
N ILE A 54 0.46 16.40 29.30
CA ILE A 54 0.41 15.49 28.16
C ILE A 54 0.72 16.22 26.87
N SER A 55 0.85 17.54 26.95
CA SER A 55 1.15 18.34 25.77
C SER A 55 2.64 18.25 25.47
N LYS A 56 3.42 17.73 26.42
CA LYS A 56 4.83 17.47 26.16
C LYS A 56 5.03 16.18 25.37
N ASP A 57 4.10 15.24 25.52
CA ASP A 57 4.09 14.02 24.71
C ASP A 57 3.69 14.33 23.27
N VAL A 58 2.69 15.19 23.12
CA VAL A 58 2.23 15.62 21.80
C VAL A 58 3.33 16.37 21.05
N VAL A 59 3.86 17.41 21.67
CA VAL A 59 4.93 18.21 21.07
C VAL A 59 6.12 17.32 20.72
N SER A 60 6.49 16.42 21.63
CA SER A 60 7.50 15.40 21.37
C SER A 60 7.22 14.64 20.07
N LYS A 61 6.00 14.13 19.97
CA LYS A 61 5.55 13.41 18.78
C LYS A 61 5.48 14.31 17.53
N LEU A 62 5.05 15.55 17.71
CA LEU A 62 4.95 16.49 16.60
C LEU A 62 6.33 16.85 16.07
N ARG A 63 7.35 16.71 16.91
CA ARG A 63 8.72 16.97 16.48
C ARG A 63 9.34 15.75 15.80
N ILE A 64 8.85 14.57 16.16
CA ILE A 64 9.19 13.34 15.46
C ILE A 64 8.79 13.45 13.99
N MET A 65 7.51 13.74 13.76
CA MET A 65 6.96 13.88 12.41
C MET A 65 7.53 15.10 11.67
N GLU A 66 8.09 16.05 12.42
CA GLU A 66 8.67 17.24 11.80
C GLU A 66 10.08 16.97 11.26
N ARG A 67 10.79 16.04 11.88
CA ARG A 67 12.15 15.71 11.45
C ARG A 67 12.10 14.78 10.25
N LEU A 68 11.12 13.88 10.24
CA LEU A 68 10.89 12.99 9.11
C LEU A 68 10.54 13.78 7.85
N ARG A 69 9.59 14.70 7.99
CA ARG A 69 9.19 15.58 6.89
C ARG A 69 10.33 16.50 6.46
N GLY A 70 11.29 16.72 7.35
CA GLY A 70 12.41 17.61 7.05
C GLY A 70 13.66 16.86 6.62
N GLY A 71 13.67 15.55 6.81
CA GLY A 71 14.83 14.72 6.52
C GLY A 71 15.05 14.45 5.04
N PRO A 72 15.91 13.47 4.72
CA PRO A 72 16.29 13.10 3.35
C PRO A 72 15.17 12.37 2.61
N GLN A 73 14.16 11.91 3.34
CA GLN A 73 13.01 11.27 2.74
C GLN A 73 11.73 12.08 3.01
N SER A 74 11.83 13.38 2.82
CA SER A 74 10.72 14.31 3.06
C SER A 74 9.48 13.91 2.26
N GLU A 75 9.72 13.41 1.06
CA GLU A 75 8.67 13.23 0.05
C GLU A 75 7.72 12.10 0.42
N HIS A 76 8.19 11.15 1.22
CA HIS A 76 7.38 10.00 1.60
C HIS A 76 6.49 10.35 2.79
N TYR A 77 6.83 11.43 3.47
CA TYR A 77 6.04 11.89 4.60
C TYR A 77 5.15 13.07 4.21
N ARG A 78 4.92 13.22 2.91
CA ARG A 78 3.99 14.22 2.40
C ARG A 78 2.57 13.96 2.91
N SER A 79 2.18 12.69 2.92
CA SER A 79 0.86 12.27 3.39
C SER A 79 0.97 11.01 4.24
N LEU A 80 -0.09 10.72 4.99
CA LEU A 80 -0.11 9.51 5.80
C LEU A 80 -0.09 8.28 4.90
N GLN A 81 -0.82 8.37 3.79
CA GLN A 81 -0.88 7.30 2.81
C GLN A 81 0.51 7.03 2.24
N ALA A 82 1.20 8.11 1.86
CA ALA A 82 2.57 8.02 1.38
C ALA A 82 3.48 7.41 2.45
N MET A 83 3.33 7.91 3.68
CA MET A 83 4.12 7.45 4.82
C MET A 83 3.95 5.97 5.10
N VAL A 84 2.71 5.52 5.19
CA VAL A 84 2.41 4.12 5.43
C VAL A 84 3.00 3.25 4.33
N ALA A 85 2.82 3.67 3.09
CA ALA A 85 3.36 2.94 1.94
C ALA A 85 4.87 2.80 2.05
N HIS A 86 5.54 3.93 2.18
CA HIS A 86 6.99 3.95 2.28
C HIS A 86 7.53 3.14 3.44
N GLU A 87 6.96 3.34 4.62
CA GLU A 87 7.49 2.72 5.84
C GLU A 87 7.21 1.22 5.92
N LEU A 88 6.06 0.79 5.39
CA LEU A 88 5.72 -0.63 5.33
C LEU A 88 6.60 -1.36 4.30
N SER A 89 6.80 -0.74 3.14
CA SER A 89 7.65 -1.33 2.11
C SER A 89 9.09 -1.47 2.62
N ASN A 90 9.66 -0.37 3.10
CA ASN A 90 11.04 -0.36 3.59
C ASN A 90 11.21 -1.01 4.97
N ARG A 91 10.13 -1.57 5.49
CA ARG A 91 10.15 -2.28 6.77
C ARG A 91 10.70 -1.40 7.92
N LEU A 92 10.14 -0.20 8.01
CA LEU A 92 10.53 0.79 9.01
C LEU A 92 9.48 0.90 10.12
N VAL A 93 8.68 -0.16 10.28
CA VAL A 93 7.62 -0.17 11.29
C VAL A 93 7.69 -1.43 12.15
N ASP A 94 7.70 -1.26 13.46
CA ASP A 94 7.62 -2.40 14.36
C ASP A 94 6.18 -2.90 14.44
N LEU A 95 5.85 -3.88 13.61
CA LEU A 95 4.51 -4.46 13.56
C LEU A 95 4.27 -5.37 14.77
N GLU A 96 5.33 -6.03 15.23
CA GLU A 96 5.19 -6.99 16.31
C GLU A 96 5.40 -6.38 17.70
N ARG A 97 6.65 -6.00 17.99
CA ARG A 97 6.98 -5.35 19.26
C ARG A 97 7.95 -4.23 18.97
N ARG A 98 8.12 -3.33 19.93
CA ARG A 98 9.13 -2.30 19.77
C ARG A 98 10.53 -2.92 19.77
N SER A 99 11.30 -2.59 18.73
CA SER A 99 12.65 -3.09 18.59
C SER A 99 13.70 -2.09 18.11
N HIS A 100 13.66 -1.77 16.82
CA HIS A 100 14.59 -0.83 16.23
C HIS A 100 13.89 0.44 15.79
N HIS A 101 12.56 0.39 15.73
CA HIS A 101 11.77 1.55 15.35
C HIS A 101 10.72 1.92 16.40
N PRO A 102 11.18 2.42 17.56
CA PRO A 102 10.24 2.75 18.64
C PRO A 102 9.56 4.09 18.38
N GLU A 103 10.07 4.81 17.38
CA GLU A 103 9.51 6.11 17.01
C GLU A 103 9.19 6.14 15.52
N SER A 104 8.57 5.08 15.02
CA SER A 104 8.11 5.00 13.62
C SER A 104 7.20 6.18 13.29
N GLY A 105 7.21 6.61 12.04
CA GLY A 105 6.29 7.65 11.60
C GLY A 105 4.87 7.15 11.76
N CYS A 106 4.68 5.86 11.48
CA CYS A 106 3.36 5.24 11.53
C CYS A 106 2.78 5.18 12.94
N ARG A 107 3.51 4.60 13.90
CA ARG A 107 2.99 4.44 15.25
C ARG A 107 2.83 5.78 15.98
N THR A 108 3.69 6.75 15.63
CA THR A 108 3.60 8.07 16.24
C THR A 108 2.27 8.74 15.87
N VAL A 109 1.98 8.78 14.58
CA VAL A 109 0.71 9.31 14.09
C VAL A 109 -0.47 8.53 14.69
N LEU A 110 -0.29 7.22 14.88
CA LEU A 110 -1.32 6.39 15.48
C LEU A 110 -1.76 6.90 16.86
N ARG A 111 -0.80 7.37 17.67
CA ARG A 111 -1.13 7.87 19.00
C ARG A 111 -1.90 9.19 18.95
N LEU A 112 -1.57 10.06 17.98
CA LEU A 112 -2.27 11.32 17.82
C LEU A 112 -3.63 11.07 17.18
N HIS A 113 -3.70 10.01 16.39
CA HIS A 113 -4.95 9.59 15.76
C HIS A 113 -5.95 9.16 16.85
N ARG A 114 -5.48 8.34 17.79
CA ARG A 114 -6.33 7.87 18.87
C ARG A 114 -6.75 9.05 19.76
N ALA A 115 -5.82 9.99 19.95
CA ALA A 115 -6.08 11.18 20.74
C ALA A 115 -7.14 12.01 20.04
N LEU A 116 -7.04 12.06 18.71
CA LEU A 116 -8.01 12.78 17.90
C LEU A 116 -9.40 12.17 18.05
N HIS A 117 -9.46 10.87 18.33
CA HIS A 117 -10.73 10.19 18.51
C HIS A 117 -11.44 10.62 19.80
N TRP A 118 -10.71 10.65 20.92
CA TRP A 118 -11.26 11.14 22.19
C TRP A 118 -11.79 12.57 22.10
N LEU A 119 -11.11 13.40 21.29
CA LEU A 119 -11.47 14.81 21.18
C LEU A 119 -12.88 15.01 20.61
N GLN A 120 -13.13 14.39 19.47
CA GLN A 120 -14.41 14.53 18.79
C GLN A 120 -15.55 13.89 19.59
N LEU A 121 -15.25 12.83 20.34
CA LEU A 121 -16.24 12.20 21.20
C LEU A 121 -16.62 13.13 22.34
N PHE A 122 -15.62 13.80 22.91
CA PHE A 122 -15.84 14.70 24.03
C PHE A 122 -16.54 15.96 23.55
N LEU A 123 -16.06 16.51 22.44
CA LEU A 123 -16.66 17.72 21.86
C LEU A 123 -18.11 17.47 21.44
N GLU A 124 -18.40 16.25 21.00
CA GLU A 124 -19.77 15.87 20.69
C GLU A 124 -20.57 15.73 21.97
N GLY A 125 -20.02 14.99 22.93
CA GLY A 125 -20.64 14.82 24.23
C GLY A 125 -20.84 16.14 24.95
N LEU A 126 -20.02 17.12 24.59
CA LEU A 126 -20.16 18.46 25.15
C LEU A 126 -21.32 19.15 24.45
N ARG A 127 -21.50 18.82 23.18
CA ARG A 127 -22.49 19.46 22.34
C ARG A 127 -23.90 18.96 22.62
N THR A 128 -24.04 17.65 22.75
CA THR A 128 -25.35 17.02 22.89
C THR A 128 -25.66 16.65 24.34
N SER A 129 -25.27 17.53 25.28
CA SER A 129 -25.44 17.26 26.69
C SER A 129 -26.47 18.17 27.33
N PRO A 130 -27.04 17.74 28.48
CA PRO A 130 -27.85 18.64 29.30
C PRO A 130 -26.95 19.77 29.82
N GLU A 131 -27.49 20.94 30.12
CA GLU A 131 -26.68 22.11 30.47
C GLU A 131 -26.26 22.08 31.94
N ASP A 132 -26.39 20.90 32.54
CA ASP A 132 -26.09 20.67 33.93
C ASP A 132 -25.31 19.38 34.04
N ALA A 133 -24.57 19.04 32.99
CA ALA A 133 -23.87 17.77 32.90
C ALA A 133 -22.51 17.79 33.59
N ARG A 134 -22.18 16.68 34.25
CA ARG A 134 -20.88 16.52 34.87
C ARG A 134 -19.83 16.31 33.79
N THR A 135 -18.91 17.26 33.64
CA THR A 135 -17.84 17.16 32.65
C THR A 135 -16.85 16.03 32.96
N SER A 136 -16.75 15.64 34.23
CA SER A 136 -15.88 14.54 34.61
C SER A 136 -16.39 13.23 34.01
N ALA A 137 -17.70 13.03 34.09
CA ALA A 137 -18.33 11.81 33.58
C ALA A 137 -18.53 11.83 32.07
N LEU A 138 -18.61 13.02 31.48
CA LEU A 138 -18.60 13.15 30.03
C LEU A 138 -17.26 12.61 29.52
N CYS A 139 -16.19 13.05 30.18
CA CYS A 139 -14.83 12.69 29.80
C CYS A 139 -14.60 11.19 29.99
N ALA A 140 -15.06 10.66 31.12
CA ALA A 140 -14.88 9.25 31.45
C ALA A 140 -15.53 8.35 30.39
N ASP A 141 -16.72 8.72 29.92
CA ASP A 141 -17.39 7.98 28.86
C ASP A 141 -16.58 8.05 27.57
N SER A 142 -16.13 9.24 27.20
CA SER A 142 -15.30 9.43 26.01
C SER A 142 -13.98 8.68 26.11
N TYR A 143 -13.34 8.76 27.26
CA TYR A 143 -12.07 8.08 27.50
C TYR A 143 -12.21 6.57 27.41
N ASN A 144 -13.23 6.04 28.08
CA ASN A 144 -13.43 4.59 28.08
C ASN A 144 -13.87 4.07 26.71
N ALA A 145 -14.34 4.98 25.86
CA ALA A 145 -14.75 4.63 24.50
C ALA A 145 -13.63 4.79 23.49
N SER A 146 -12.44 5.17 23.98
CA SER A 146 -11.30 5.43 23.10
C SER A 146 -9.94 4.98 23.63
N LEU A 147 -9.35 5.75 24.51
CA LEU A 147 -7.97 5.50 24.98
C LEU A 147 -7.86 4.37 25.99
N ALA A 148 -8.92 4.12 26.76
CA ALA A 148 -8.87 3.19 27.89
C ALA A 148 -8.35 1.79 27.56
N ALA A 149 -8.60 1.33 26.33
CA ALA A 149 -8.13 0.02 25.90
C ALA A 149 -6.61 -0.04 25.86
N TYR A 150 -5.99 1.09 25.57
CA TYR A 150 -4.54 1.14 25.35
C TYR A 150 -3.75 1.58 26.59
N HIS A 151 -4.45 1.77 27.70
CA HIS A 151 -3.79 2.22 28.93
C HIS A 151 -3.90 1.19 30.04
N PRO A 152 -2.81 1.00 30.81
CA PRO A 152 -2.80 0.10 31.96
C PRO A 152 -3.82 0.54 32.99
N TRP A 153 -4.23 -0.36 33.88
CA TRP A 153 -5.23 -0.03 34.88
C TRP A 153 -4.80 1.11 35.78
N VAL A 154 -3.49 1.18 36.04
CA VAL A 154 -2.93 2.23 36.90
C VAL A 154 -3.16 3.60 36.27
N VAL A 155 -2.98 3.68 34.96
CA VAL A 155 -3.26 4.90 34.21
C VAL A 155 -4.76 5.15 34.21
N ARG A 156 -5.53 4.10 33.94
CA ARG A 156 -6.98 4.15 33.91
C ARG A 156 -7.58 4.67 35.23
N ARG A 157 -7.26 3.98 36.31
CA ARG A 157 -7.82 4.29 37.64
C ARG A 157 -7.44 5.69 38.13
N ALA A 158 -6.33 6.21 37.64
CA ALA A 158 -5.81 7.49 38.10
C ALA A 158 -6.27 8.67 37.24
N VAL A 159 -6.32 8.46 35.92
CA VAL A 159 -6.77 9.49 34.99
C VAL A 159 -8.23 9.89 35.29
N THR A 160 -8.99 8.94 35.83
CA THR A 160 -10.35 9.19 36.30
C THR A 160 -10.41 10.20 37.45
N VAL A 161 -9.49 10.05 38.40
CA VAL A 161 -9.36 10.99 39.50
C VAL A 161 -9.11 12.38 38.96
N ALA A 162 -8.25 12.47 37.94
CA ALA A 162 -7.89 13.76 37.35
C ALA A 162 -9.01 14.36 36.50
N PHE A 163 -10.00 13.55 36.13
CA PHE A 163 -11.16 14.05 35.40
C PHE A 163 -11.98 15.01 36.26
N CYS A 164 -11.70 14.99 37.56
CA CYS A 164 -12.45 15.80 38.51
C CYS A 164 -11.86 17.20 38.65
N THR A 165 -10.63 17.37 38.18
CA THR A 165 -9.99 18.67 38.17
C THR A 165 -10.54 19.50 37.01
N LEU A 166 -11.30 18.85 36.13
CA LEU A 166 -11.94 19.50 34.98
C LEU A 166 -12.97 20.54 35.38
N PRO A 167 -13.05 21.64 34.61
CA PRO A 167 -14.03 22.71 34.81
C PRO A 167 -15.45 22.25 34.56
N THR A 168 -16.39 23.18 34.51
CA THR A 168 -17.79 22.82 34.33
C THR A 168 -18.17 22.86 32.84
N ARG A 169 -19.34 22.33 32.48
CA ARG A 169 -19.77 22.25 31.08
C ARG A 169 -19.87 23.64 30.42
N GLU A 170 -20.38 24.62 31.17
CA GLU A 170 -20.31 26.03 30.77
C GLU A 170 -18.85 26.40 30.57
N VAL A 171 -18.08 26.52 31.66
CA VAL A 171 -16.63 26.88 31.60
C VAL A 171 -15.86 26.39 30.34
N PHE A 172 -16.11 25.15 29.93
CA PHE A 172 -15.54 24.68 28.67
C PHE A 172 -16.04 25.50 27.48
N LEU A 173 -17.34 25.76 27.43
CA LEU A 173 -17.99 26.36 26.26
C LEU A 173 -17.55 27.80 25.88
N GLU A 174 -17.29 28.65 26.89
CA GLU A 174 -16.84 30.05 26.68
C GLU A 174 -15.31 30.07 26.46
N ALA A 175 -14.63 29.03 26.93
CA ALA A 175 -13.19 28.89 26.77
C ALA A 175 -12.79 28.81 25.29
N MET A 176 -13.76 28.42 24.48
CA MET A 176 -13.55 28.29 23.04
C MET A 176 -13.46 29.63 22.30
N ASN A 177 -13.78 30.73 22.99
CA ASN A 177 -13.73 32.08 22.40
C ASN A 177 -14.60 32.30 21.17
N VAL A 178 -15.84 31.82 21.24
CA VAL A 178 -16.81 32.04 20.18
C VAL A 178 -18.02 32.82 20.70
N GLY A 179 -18.09 32.99 22.02
CA GLY A 179 -19.17 33.71 22.65
C GLY A 179 -19.90 32.87 23.69
N PRO A 180 -21.18 33.18 23.93
CA PRO A 180 -22.05 32.44 24.85
C PRO A 180 -22.10 30.95 24.51
N PRO A 181 -22.31 30.11 25.54
CA PRO A 181 -22.39 28.65 25.41
C PRO A 181 -23.28 28.19 24.24
N GLU A 182 -24.46 28.78 24.13
CA GLU A 182 -25.42 28.41 23.08
C GLU A 182 -24.93 28.71 21.66
N GLN A 183 -23.90 29.55 21.56
CA GLN A 183 -23.28 29.84 20.27
C GLN A 183 -21.95 29.12 20.12
N ALA A 184 -21.49 28.51 21.21
CA ALA A 184 -20.36 27.58 21.12
C ALA A 184 -20.91 26.26 20.61
N VAL A 185 -22.03 25.83 21.19
CA VAL A 185 -22.69 24.58 20.81
C VAL A 185 -23.12 24.58 19.34
N GLN A 186 -23.50 25.74 18.81
CA GLN A 186 -23.89 25.85 17.41
C GLN A 186 -22.69 25.67 16.46
N MET A 187 -21.56 26.29 16.81
CA MET A 187 -20.36 26.19 15.98
C MET A 187 -19.73 24.81 16.10
N LEU A 188 -20.00 24.14 17.22
CA LEU A 188 -19.52 22.79 17.44
C LEU A 188 -20.13 21.80 16.45
N GLY A 189 -21.37 22.04 16.03
CA GLY A 189 -22.00 21.17 15.06
C GLY A 189 -21.61 21.51 13.63
N GLU A 190 -20.81 22.55 13.47
CA GLU A 190 -20.46 23.04 12.14
C GLU A 190 -18.96 22.96 11.84
N ALA A 191 -18.14 23.10 12.88
CA ALA A 191 -16.69 23.02 12.71
C ALA A 191 -16.18 21.61 12.95
N LEU A 192 -17.04 20.77 13.53
CA LEU A 192 -16.67 19.39 13.83
C LEU A 192 -16.34 18.58 12.56
N PRO A 193 -17.23 18.59 11.53
CA PRO A 193 -17.09 17.47 10.59
C PRO A 193 -15.82 17.51 9.74
N PHE A 194 -15.02 18.57 9.91
CA PHE A 194 -13.72 18.66 9.25
C PHE A 194 -12.71 17.69 9.87
N ILE A 195 -12.70 17.61 11.20
CA ILE A 195 -11.82 16.70 11.94
C ILE A 195 -12.33 15.26 11.88
N GLN A 196 -13.65 15.11 11.69
CA GLN A 196 -14.28 13.80 11.62
C GLN A 196 -13.92 13.10 10.30
N ARG A 197 -13.77 13.88 9.25
CA ARG A 197 -13.37 13.36 7.95
C ARG A 197 -11.92 12.90 7.99
N VAL A 198 -11.05 13.76 8.50
CA VAL A 198 -9.64 13.43 8.67
C VAL A 198 -9.49 12.17 9.53
N TYR A 199 -10.23 12.09 10.63
CA TYR A 199 -10.19 10.90 11.46
C TYR A 199 -10.64 9.66 10.69
N ASN A 200 -11.79 9.77 10.03
CA ASN A 200 -12.37 8.63 9.31
C ASN A 200 -11.44 8.11 8.21
N VAL A 201 -10.85 9.04 7.46
CA VAL A 201 -9.86 8.67 6.44
C VAL A 201 -8.65 7.98 7.08
N SER A 202 -8.05 8.64 8.07
CA SER A 202 -6.89 8.09 8.76
C SER A 202 -7.20 6.75 9.42
N GLN A 203 -8.42 6.60 9.93
CA GLN A 203 -8.86 5.35 10.52
C GLN A 203 -8.93 4.25 9.47
N LYS A 204 -9.52 4.57 8.31
CA LYS A 204 -9.66 3.59 7.24
C LYS A 204 -8.29 3.13 6.77
N LEU A 205 -7.40 4.09 6.49
CA LEU A 205 -6.05 3.81 6.02
C LEU A 205 -5.30 2.89 6.98
N TYR A 206 -5.30 3.25 8.26
CA TYR A 206 -4.61 2.44 9.25
C TYR A 206 -5.22 1.05 9.41
N ALA A 207 -6.49 0.92 9.05
CA ALA A 207 -7.19 -0.37 9.20
C ALA A 207 -7.07 -1.25 7.95
N GLU A 208 -6.89 -0.63 6.78
CA GLU A 208 -6.62 -1.35 5.55
C GLU A 208 -5.34 -2.16 5.68
N HIS A 209 -4.38 -1.62 6.44
CA HIS A 209 -3.06 -2.22 6.56
C HIS A 209 -2.83 -2.88 7.92
N SER A 210 -3.90 -3.10 8.67
CA SER A 210 -3.83 -3.76 9.97
C SER A 210 -2.88 -3.07 10.94
N LEU A 211 -2.99 -1.73 11.04
CA LEU A 211 -2.02 -0.93 11.78
C LEU A 211 -2.62 -0.27 13.03
N LEU A 212 -3.75 -0.78 13.48
CA LEU A 212 -4.44 -0.20 14.64
C LEU A 212 -3.95 -0.78 15.96
N ASP A 213 -2.81 -1.46 15.92
CA ASP A 213 -2.26 -2.11 17.11
C ASP A 213 -0.74 -2.01 17.16
N LEU A 214 -0.21 -0.98 16.51
CA LEU A 214 1.24 -0.75 16.46
C LEU A 214 1.76 -0.40 17.85
N PRO A 215 2.80 -1.12 18.30
CA PRO A 215 3.45 -0.77 19.57
C PRO A 215 4.56 0.25 19.34
N ASN B 10 -16.47 -2.63 4.60
CA ASN B 10 -16.48 -2.95 6.03
C ASN B 10 -17.88 -2.85 6.66
N LEU B 11 -17.90 -2.69 7.98
CA LEU B 11 -19.15 -2.55 8.72
C LEU B 11 -19.41 -1.08 9.10
N LYS B 12 -18.40 -0.41 9.67
CA LYS B 12 -18.52 0.97 10.14
C LYS B 12 -19.04 1.95 9.08
N VAL B 13 -18.91 1.60 7.81
CA VAL B 13 -19.51 2.35 6.73
C VAL B 13 -21.00 2.07 6.65
N VAL B 14 -21.41 0.87 7.04
CA VAL B 14 -22.80 0.46 6.91
C VAL B 14 -23.62 0.63 8.20
N LEU B 15 -22.97 0.50 9.35
CA LEU B 15 -23.68 0.71 10.61
C LEU B 15 -24.07 2.18 10.77
N VAL B 16 -23.26 3.06 10.18
CA VAL B 16 -23.41 4.50 10.38
C VAL B 16 -24.28 5.15 9.31
N SER B 17 -24.42 4.51 8.16
CA SER B 17 -25.19 5.06 7.03
C SER B 17 -26.68 5.23 7.34
N PHE B 18 -27.05 4.95 8.58
CA PHE B 18 -28.42 5.07 9.07
C PHE B 18 -28.67 6.51 9.52
N LYS B 19 -27.58 7.26 9.65
CA LYS B 19 -27.60 8.70 9.81
C LYS B 19 -28.46 9.27 8.66
N GLN B 20 -28.18 8.80 7.45
CA GLN B 20 -28.88 9.25 6.24
C GLN B 20 -30.38 8.94 6.24
N CYS B 21 -30.78 7.93 7.00
CA CYS B 21 -32.18 7.54 7.05
C CYS B 21 -33.02 8.53 7.86
N LEU B 22 -32.39 9.22 8.81
CA LEU B 22 -33.08 10.24 9.60
C LEU B 22 -32.73 11.67 9.18
N ASP B 23 -33.77 12.50 9.04
CA ASP B 23 -33.56 13.93 8.79
C ASP B 23 -33.98 14.78 10.00
N GLU B 24 -34.04 16.09 9.81
CA GLU B 24 -34.36 17.02 10.89
C GLU B 24 -35.81 16.89 11.37
N LYS B 25 -36.70 16.46 10.49
CA LYS B 25 -38.11 16.29 10.83
C LYS B 25 -38.39 14.96 11.51
N GLU B 26 -37.32 14.23 11.84
CA GLU B 26 -37.43 12.88 12.40
C GLU B 26 -38.22 11.96 11.48
N GLU B 27 -38.03 12.13 10.18
CA GLU B 27 -38.70 11.30 9.19
C GLU B 27 -37.73 10.28 8.59
N VAL B 28 -38.12 9.01 8.67
CA VAL B 28 -37.27 7.92 8.22
C VAL B 28 -37.27 7.85 6.71
N LEU B 29 -36.12 8.09 6.08
CA LEU B 29 -36.04 8.13 4.63
C LEU B 29 -35.76 6.75 4.03
N LEU B 30 -36.61 6.34 3.11
CA LEU B 30 -36.56 4.98 2.57
C LEU B 30 -35.37 4.74 1.64
N ASP B 31 -35.05 5.71 0.80
CA ASP B 31 -33.94 5.54 -0.14
C ASP B 31 -32.57 5.35 0.55
N PRO B 32 -32.30 6.07 1.65
CA PRO B 32 -31.13 5.67 2.43
C PRO B 32 -31.39 4.33 3.12
N TYR B 33 -32.63 4.14 3.60
CA TYR B 33 -32.98 2.93 4.33
C TYR B 33 -32.73 1.67 3.52
N ILE B 34 -33.13 1.69 2.25
CA ILE B 34 -32.85 0.60 1.34
C ILE B 34 -31.35 0.48 1.14
N ALA B 35 -30.72 1.60 0.78
CA ALA B 35 -29.30 1.64 0.47
C ALA B 35 -28.46 1.12 1.62
N SER B 36 -28.82 1.50 2.83
CA SER B 36 -28.07 1.09 4.02
C SER B 36 -28.42 -0.34 4.46
N TRP B 37 -29.49 -0.88 3.88
CA TRP B 37 -29.84 -2.28 4.09
C TRP B 37 -29.09 -3.17 3.09
N LYS B 38 -28.97 -2.66 1.87
CA LYS B 38 -28.19 -3.32 0.82
C LYS B 38 -26.75 -3.54 1.24
N GLY B 39 -26.32 -2.82 2.28
CA GLY B 39 -25.01 -3.03 2.86
C GLY B 39 -24.99 -4.20 3.82
N LEU B 40 -26.03 -4.33 4.64
CA LEU B 40 -26.16 -5.49 5.52
C LEU B 40 -26.32 -6.77 4.71
N VAL B 41 -26.90 -6.64 3.51
CA VAL B 41 -26.95 -7.73 2.56
C VAL B 41 -25.54 -8.21 2.23
N ARG B 42 -24.70 -7.28 1.76
CA ARG B 42 -23.31 -7.56 1.46
C ARG B 42 -22.57 -8.21 2.63
N PHE B 43 -22.80 -7.67 3.82
CA PHE B 43 -22.18 -8.20 5.03
C PHE B 43 -22.61 -9.63 5.36
N LEU B 44 -23.88 -9.94 5.10
CA LEU B 44 -24.40 -11.27 5.41
C LEU B 44 -23.82 -12.34 4.49
N ASN B 45 -23.67 -12.00 3.21
CA ASN B 45 -23.13 -12.91 2.21
C ASN B 45 -21.66 -13.25 2.46
N SER B 46 -20.91 -12.28 2.99
CA SER B 46 -19.51 -12.46 3.35
C SER B 46 -19.37 -13.31 4.61
N LEU B 47 -20.26 -14.28 4.76
CA LEU B 47 -20.31 -15.11 5.95
C LEU B 47 -20.79 -16.53 5.66
N GLY B 48 -21.06 -16.83 4.39
CA GLY B 48 -21.45 -18.18 3.99
C GLY B 48 -22.42 -18.26 2.84
N THR B 49 -22.55 -19.47 2.29
CA THR B 49 -23.63 -19.83 1.37
C THR B 49 -24.87 -20.03 2.23
N ILE B 50 -24.63 -20.49 3.46
CA ILE B 50 -25.67 -20.77 4.44
C ILE B 50 -26.55 -19.55 4.78
N PHE B 51 -25.90 -18.40 5.00
CA PHE B 51 -26.63 -17.15 5.27
C PHE B 51 -27.15 -16.54 3.97
N SER B 52 -26.38 -16.70 2.90
CA SER B 52 -26.77 -16.19 1.57
C SER B 52 -28.10 -16.80 1.09
N PHE B 53 -28.59 -17.79 1.83
CA PHE B 53 -29.96 -18.26 1.73
C PHE B 53 -30.88 -17.14 2.20
N ILE B 54 -30.92 -16.97 3.52
CA ILE B 54 -31.84 -16.06 4.22
C ILE B 54 -31.80 -14.60 3.72
N SER B 55 -30.64 -14.17 3.24
CA SER B 55 -30.46 -12.79 2.78
C SER B 55 -31.26 -12.49 1.51
N LYS B 56 -31.62 -13.54 0.77
CA LYS B 56 -32.49 -13.39 -0.39
C LYS B 56 -33.80 -12.75 0.01
N ASP B 57 -34.40 -13.28 1.07
CA ASP B 57 -35.66 -12.78 1.60
C ASP B 57 -35.59 -11.28 1.87
N VAL B 58 -34.47 -10.83 2.43
CA VAL B 58 -34.18 -9.41 2.56
C VAL B 58 -34.15 -8.72 1.19
N VAL B 59 -33.31 -9.21 0.27
CA VAL B 59 -33.22 -8.64 -1.07
C VAL B 59 -34.55 -8.74 -1.82
N SER B 60 -35.30 -9.81 -1.54
CA SER B 60 -36.63 -9.99 -2.13
C SER B 60 -37.55 -8.81 -1.81
N LYS B 61 -37.37 -8.20 -0.65
CA LYS B 61 -38.21 -7.10 -0.19
C LYS B 61 -37.66 -5.75 -0.64
N LEU B 62 -36.38 -5.52 -0.42
CA LEU B 62 -35.77 -4.30 -0.94
C LEU B 62 -36.15 -4.08 -2.41
N ARG B 63 -36.13 -5.17 -3.16
CA ARG B 63 -36.58 -5.17 -4.53
C ARG B 63 -38.03 -4.62 -4.65
N ILE B 64 -38.86 -4.96 -3.67
CA ILE B 64 -40.21 -4.39 -3.58
C ILE B 64 -40.20 -2.89 -3.26
N MET B 65 -39.40 -2.50 -2.27
CA MET B 65 -39.30 -1.11 -1.86
C MET B 65 -38.78 -0.23 -2.99
N GLU B 66 -37.95 -0.80 -3.85
CA GLU B 66 -37.57 -0.17 -5.10
C GLU B 66 -38.82 0.11 -5.96
N ARG B 67 -39.44 -0.97 -6.44
CA ARG B 67 -40.65 -0.93 -7.25
C ARG B 67 -41.73 0.00 -6.76
N LEU B 68 -41.65 0.39 -5.49
CA LEU B 68 -42.58 1.34 -4.92
C LEU B 68 -42.04 2.75 -5.10
N ARG B 69 -40.74 2.92 -4.83
CA ARG B 69 -40.06 4.19 -5.00
C ARG B 69 -39.88 4.58 -6.46
N GLY B 70 -40.18 3.66 -7.38
CA GLY B 70 -40.05 3.92 -8.80
C GLY B 70 -41.39 3.95 -9.51
N GLY B 71 -42.46 3.58 -8.79
CA GLY B 71 -43.79 3.60 -9.35
C GLY B 71 -44.30 5.02 -9.60
N PRO B 72 -45.56 5.17 -10.02
CA PRO B 72 -46.12 6.49 -10.29
C PRO B 72 -46.32 7.31 -9.02
N GLN B 73 -46.34 6.64 -7.87
CA GLN B 73 -46.45 7.31 -6.58
C GLN B 73 -45.11 7.35 -5.87
N SER B 74 -44.06 7.70 -6.60
CA SER B 74 -42.70 7.70 -6.07
C SER B 74 -42.50 8.73 -4.96
N GLU B 75 -43.29 9.81 -5.01
CA GLU B 75 -43.16 10.90 -4.05
C GLU B 75 -43.83 10.59 -2.70
N HIS B 76 -44.49 9.44 -2.60
CA HIS B 76 -45.20 9.06 -1.38
C HIS B 76 -44.42 8.05 -0.52
N TYR B 77 -43.31 7.56 -1.05
CA TYR B 77 -42.47 6.63 -0.31
C TYR B 77 -41.10 7.22 0.03
N ARG B 78 -41.01 8.56 -0.01
CA ARG B 78 -39.79 9.25 0.39
C ARG B 78 -39.50 8.90 1.84
N SER B 79 -40.55 8.82 2.65
CA SER B 79 -40.42 8.46 4.05
C SER B 79 -41.48 7.45 4.49
N LEU B 80 -41.19 6.74 5.57
CA LEU B 80 -42.13 5.78 6.14
C LEU B 80 -43.38 6.50 6.60
N GLN B 81 -43.20 7.70 7.15
CA GLN B 81 -44.31 8.55 7.54
C GLN B 81 -45.21 8.80 6.34
N ALA B 82 -44.60 9.25 5.24
CA ALA B 82 -45.31 9.51 4.00
C ALA B 82 -46.01 8.25 3.49
N MET B 83 -45.37 7.10 3.69
CA MET B 83 -45.85 5.84 3.16
C MET B 83 -47.03 5.29 3.95
N VAL B 84 -46.87 5.22 5.27
CA VAL B 84 -47.92 4.76 6.15
C VAL B 84 -49.18 5.59 5.95
N ALA B 85 -49.00 6.91 5.86
CA ALA B 85 -50.11 7.82 5.62
C ALA B 85 -50.76 7.59 4.25
N HIS B 86 -49.92 7.33 3.24
CA HIS B 86 -50.41 7.16 1.87
C HIS B 86 -51.22 5.87 1.68
N GLU B 87 -50.63 4.74 2.10
CA GLU B 87 -51.24 3.43 1.87
C GLU B 87 -52.50 3.23 2.70
N LEU B 88 -52.49 3.79 3.91
CA LEU B 88 -53.65 3.70 4.81
C LEU B 88 -54.85 4.47 4.26
N SER B 89 -54.60 5.65 3.73
CA SER B 89 -55.64 6.49 3.14
C SER B 89 -56.29 5.77 1.97
N ASN B 90 -55.46 5.21 1.10
CA ASN B 90 -55.91 4.53 -0.13
C ASN B 90 -56.16 3.03 0.06
N ARG B 91 -56.16 2.58 1.31
CA ARG B 91 -56.49 1.20 1.66
C ARG B 91 -55.61 0.16 0.93
N LEU B 92 -54.32 0.47 0.84
CA LEU B 92 -53.36 -0.36 0.13
C LEU B 92 -52.63 -1.33 1.06
N VAL B 93 -53.23 -1.61 2.21
CA VAL B 93 -52.63 -2.48 3.21
C VAL B 93 -53.66 -3.50 3.69
N ASP B 94 -53.26 -4.77 3.70
CA ASP B 94 -54.09 -5.82 4.30
C ASP B 94 -53.85 -5.81 5.81
N LEU B 95 -54.89 -5.51 6.57
CA LEU B 95 -54.75 -5.27 8.00
C LEU B 95 -55.06 -6.49 8.84
N GLU B 96 -55.93 -7.36 8.33
CA GLU B 96 -56.30 -8.56 9.07
C GLU B 96 -55.79 -9.82 8.39
N ARG B 97 -56.17 -9.99 7.12
CA ARG B 97 -55.84 -11.19 6.37
C ARG B 97 -55.29 -10.79 5.00
N ARG B 98 -54.21 -11.46 4.60
CA ARG B 98 -53.54 -11.18 3.33
C ARG B 98 -54.38 -11.51 2.09
N SER B 99 -55.25 -10.58 1.70
CA SER B 99 -56.02 -10.74 0.47
C SER B 99 -55.40 -9.97 -0.68
N HIS B 100 -55.83 -8.71 -0.85
CA HIS B 100 -55.52 -7.94 -2.05
C HIS B 100 -54.09 -7.41 -2.14
N HIS B 101 -53.54 -6.91 -1.04
CA HIS B 101 -52.23 -6.29 -1.06
C HIS B 101 -51.26 -7.03 -0.14
N PRO B 102 -50.72 -8.16 -0.60
CA PRO B 102 -49.86 -9.03 0.21
C PRO B 102 -48.43 -8.53 0.25
N GLU B 103 -48.15 -7.47 -0.49
CA GLU B 103 -46.80 -6.91 -0.53
C GLU B 103 -46.82 -5.39 -0.43
N SER B 104 -47.72 -4.86 0.41
CA SER B 104 -47.73 -3.43 0.72
C SER B 104 -46.40 -3.05 1.37
N GLY B 105 -45.99 -1.80 1.15
CA GLY B 105 -44.74 -1.31 1.72
C GLY B 105 -44.75 -1.39 3.24
N CYS B 106 -45.94 -1.24 3.82
CA CYS B 106 -46.11 -1.26 5.27
C CYS B 106 -45.82 -2.62 5.89
N ARG B 107 -46.32 -3.69 5.28
CA ARG B 107 -46.03 -5.04 5.76
C ARG B 107 -44.59 -5.46 5.43
N THR B 108 -44.05 -4.90 4.37
CA THR B 108 -42.68 -5.20 3.97
C THR B 108 -41.65 -4.64 4.96
N VAL B 109 -41.73 -3.34 5.20
CA VAL B 109 -40.79 -2.65 6.07
C VAL B 109 -40.82 -3.24 7.47
N LEU B 110 -42.02 -3.59 7.92
CA LEU B 110 -42.26 -4.17 9.23
C LEU B 110 -41.40 -5.40 9.51
N ARG B 111 -41.20 -6.23 8.48
CA ARG B 111 -40.32 -7.40 8.59
C ARG B 111 -38.84 -7.00 8.77
N LEU B 112 -38.35 -6.11 7.90
CA LEU B 112 -37.00 -5.57 8.07
C LEU B 112 -36.86 -4.91 9.43
N HIS B 113 -37.91 -4.19 9.83
CA HIS B 113 -37.94 -3.50 11.11
C HIS B 113 -37.77 -4.46 12.29
N ARG B 114 -38.55 -5.54 12.30
CA ARG B 114 -38.42 -6.58 13.32
C ARG B 114 -37.02 -7.18 13.34
N ALA B 115 -36.47 -7.40 12.15
CA ALA B 115 -35.11 -7.92 12.03
C ALA B 115 -34.11 -6.95 12.66
N LEU B 116 -34.28 -5.66 12.36
CA LEU B 116 -33.37 -4.61 12.81
C LEU B 116 -33.33 -4.52 14.34
N HIS B 117 -34.46 -4.85 14.98
CA HIS B 117 -34.53 -4.96 16.43
C HIS B 117 -33.59 -6.05 16.94
N TRP B 118 -33.62 -7.21 16.29
CA TRP B 118 -32.77 -8.32 16.69
C TRP B 118 -31.31 -7.91 16.55
N LEU B 119 -30.99 -7.28 15.43
CA LEU B 119 -29.63 -6.88 15.11
C LEU B 119 -29.01 -6.07 16.25
N GLN B 120 -29.67 -4.98 16.60
CA GLN B 120 -29.26 -4.13 17.71
C GLN B 120 -29.16 -4.95 19.00
N LEU B 121 -30.20 -5.73 19.28
CA LEU B 121 -30.27 -6.55 20.48
C LEU B 121 -29.08 -7.53 20.55
N PHE B 122 -28.68 -8.03 19.38
CA PHE B 122 -27.52 -8.92 19.30
C PHE B 122 -26.19 -8.16 19.41
N LEU B 123 -26.02 -7.13 18.57
CA LEU B 123 -24.79 -6.35 18.55
C LEU B 123 -24.45 -5.71 19.89
N GLU B 124 -25.48 -5.37 20.67
CA GLU B 124 -25.27 -4.81 22.00
C GLU B 124 -24.85 -5.91 22.97
N GLY B 125 -25.47 -7.09 22.84
CA GLY B 125 -25.11 -8.22 23.67
C GLY B 125 -23.69 -8.67 23.35
N LEU B 126 -23.34 -8.54 22.07
CA LEU B 126 -21.99 -8.85 21.61
C LEU B 126 -21.00 -7.88 22.23
N ARG B 127 -21.36 -6.61 22.19
CA ARG B 127 -20.48 -5.51 22.64
C ARG B 127 -20.17 -5.60 24.13
N THR B 128 -21.11 -6.12 24.91
CA THR B 128 -20.97 -6.18 26.35
C THR B 128 -20.64 -7.59 26.82
N SER B 129 -20.14 -8.42 25.91
CA SER B 129 -19.91 -9.82 26.23
C SER B 129 -18.53 -10.07 26.82
N PRO B 130 -18.44 -11.08 27.70
CA PRO B 130 -17.16 -11.67 28.14
C PRO B 130 -16.45 -12.35 26.96
N GLU B 131 -15.19 -12.74 27.16
CA GLU B 131 -14.39 -13.31 26.06
C GLU B 131 -14.72 -14.77 25.79
N ASP B 132 -15.22 -15.47 26.80
CA ASP B 132 -15.60 -16.88 26.64
C ASP B 132 -17.06 -17.00 26.22
N ALA B 133 -17.68 -15.86 25.96
CA ALA B 133 -19.02 -15.81 25.39
C ALA B 133 -18.98 -16.38 23.97
N ARG B 134 -20.11 -16.92 23.54
CA ARG B 134 -20.17 -17.72 22.32
C ARG B 134 -21.15 -17.11 21.32
N THR B 135 -20.67 -16.88 20.10
CA THR B 135 -21.46 -16.26 19.04
C THR B 135 -22.76 -17.02 18.75
N SER B 136 -22.77 -18.31 19.06
CA SER B 136 -23.99 -19.11 18.98
C SER B 136 -25.01 -18.56 19.96
N ALA B 137 -24.56 -18.30 21.19
CA ALA B 137 -25.44 -17.89 22.29
C ALA B 137 -25.98 -16.48 22.11
N LEU B 138 -25.09 -15.52 21.89
CA LEU B 138 -25.45 -14.11 21.76
C LEU B 138 -26.52 -13.91 20.69
N CYS B 139 -26.40 -14.67 19.60
CA CYS B 139 -27.37 -14.64 18.52
C CYS B 139 -28.69 -15.27 18.94
N ALA B 140 -28.60 -16.43 19.57
CA ALA B 140 -29.78 -17.21 19.93
C ALA B 140 -30.55 -16.58 21.08
N ASP B 141 -29.84 -16.12 22.10
CA ASP B 141 -30.50 -15.51 23.25
C ASP B 141 -31.23 -14.21 22.85
N SER B 142 -30.64 -13.46 21.93
CA SER B 142 -31.30 -12.25 21.41
C SER B 142 -32.40 -12.64 20.42
N TYR B 143 -32.21 -13.74 19.70
CA TYR B 143 -33.23 -14.24 18.77
C TYR B 143 -34.48 -14.73 19.52
N ASN B 144 -34.27 -15.55 20.55
CA ASN B 144 -35.37 -16.11 21.33
C ASN B 144 -36.23 -15.04 21.98
N ALA B 145 -35.67 -13.86 22.18
CA ALA B 145 -36.40 -12.76 22.78
C ALA B 145 -37.15 -11.97 21.72
N SER B 146 -36.42 -11.52 20.71
CA SER B 146 -36.97 -10.64 19.68
C SER B 146 -37.70 -11.37 18.54
N LEU B 147 -36.93 -11.86 17.58
CA LEU B 147 -37.45 -12.28 16.28
C LEU B 147 -38.10 -13.68 16.24
N ALA B 148 -37.81 -14.50 17.24
CA ALA B 148 -38.37 -15.86 17.30
C ALA B 148 -39.89 -15.86 17.48
N ALA B 149 -40.44 -14.80 18.08
CA ALA B 149 -41.88 -14.73 18.32
C ALA B 149 -42.68 -14.54 17.04
N TYR B 150 -42.01 -14.12 15.97
CA TYR B 150 -42.67 -13.87 14.70
C TYR B 150 -42.36 -14.94 13.64
N HIS B 151 -41.57 -15.94 14.04
CA HIS B 151 -41.10 -16.95 13.09
C HIS B 151 -41.65 -18.34 13.40
N PRO B 152 -42.03 -19.09 12.34
CA PRO B 152 -42.52 -20.46 12.47
C PRO B 152 -41.42 -21.39 12.96
N TRP B 153 -41.80 -22.57 13.46
CA TRP B 153 -40.83 -23.52 14.03
C TRP B 153 -39.64 -23.82 13.12
N VAL B 154 -39.90 -23.95 11.82
CA VAL B 154 -38.87 -24.36 10.86
C VAL B 154 -37.92 -23.22 10.48
N VAL B 155 -38.39 -21.98 10.57
CA VAL B 155 -37.54 -20.82 10.29
C VAL B 155 -36.62 -20.59 11.46
N ARG B 156 -37.15 -20.81 12.66
CA ARG B 156 -36.37 -20.76 13.89
C ARG B 156 -35.33 -21.89 13.91
N ARG B 157 -35.73 -23.08 13.45
CA ARG B 157 -34.81 -24.20 13.35
C ARG B 157 -33.68 -23.86 12.37
N ALA B 158 -34.03 -23.44 11.17
CA ALA B 158 -33.04 -23.04 10.17
C ALA B 158 -32.08 -21.97 10.70
N VAL B 159 -32.63 -20.91 11.30
CA VAL B 159 -31.83 -19.83 11.83
C VAL B 159 -30.88 -20.33 12.93
N THR B 160 -31.43 -21.11 13.85
CA THR B 160 -30.65 -21.69 14.93
C THR B 160 -29.53 -22.56 14.38
N VAL B 161 -29.82 -23.28 13.30
CA VAL B 161 -28.83 -24.08 12.60
C VAL B 161 -27.73 -23.19 12.02
N ALA B 162 -28.12 -22.13 11.32
CA ALA B 162 -27.15 -21.22 10.70
C ALA B 162 -26.40 -20.41 11.76
N PHE B 163 -26.95 -20.38 12.97
CA PHE B 163 -26.30 -19.68 14.08
C PHE B 163 -25.05 -20.42 14.56
N CYS B 164 -25.07 -21.75 14.49
CA CYS B 164 -23.95 -22.58 14.95
C CYS B 164 -22.78 -22.56 13.99
N THR B 165 -23.03 -22.15 12.75
CA THR B 165 -21.98 -22.09 11.72
C THR B 165 -21.19 -20.79 11.81
N LEU B 166 -21.24 -20.16 12.98
CA LEU B 166 -20.59 -18.87 13.20
C LEU B 166 -19.21 -19.00 13.83
N PRO B 167 -18.29 -18.07 13.50
CA PRO B 167 -16.95 -18.06 14.09
C PRO B 167 -17.00 -17.83 15.59
N THR B 168 -15.85 -17.87 16.23
CA THR B 168 -15.78 -17.53 17.65
C THR B 168 -16.01 -16.03 17.78
N ARG B 169 -16.41 -15.59 18.98
CA ARG B 169 -16.60 -14.17 19.26
C ARG B 169 -15.39 -13.34 18.85
N GLU B 170 -14.21 -13.90 19.08
CA GLU B 170 -12.93 -13.30 18.72
C GLU B 170 -12.81 -13.08 17.21
N VAL B 171 -13.19 -14.09 16.43
CA VAL B 171 -13.07 -14.07 14.98
C VAL B 171 -14.19 -13.26 14.32
N PHE B 172 -15.34 -13.21 14.97
CA PHE B 172 -16.49 -12.48 14.44
C PHE B 172 -16.26 -10.97 14.47
N LEU B 173 -15.70 -10.48 15.58
CA LEU B 173 -15.42 -9.06 15.75
C LEU B 173 -14.41 -8.57 14.70
N GLU B 174 -13.43 -9.41 14.37
CA GLU B 174 -12.41 -9.01 13.41
C GLU B 174 -12.94 -9.11 11.98
N ALA B 175 -14.09 -9.76 11.82
CA ALA B 175 -14.69 -9.98 10.51
C ALA B 175 -15.46 -8.76 10.00
N MET B 176 -15.60 -7.76 10.87
CA MET B 176 -16.13 -6.45 10.50
C MET B 176 -15.00 -5.68 9.82
N ASN B 177 -13.80 -6.24 9.90
CA ASN B 177 -12.54 -5.60 9.50
C ASN B 177 -12.40 -4.12 9.82
N VAL B 178 -12.52 -3.80 11.11
CA VAL B 178 -12.20 -2.48 11.64
C VAL B 178 -11.11 -2.60 12.70
N GLY B 179 -10.41 -3.74 12.70
CA GLY B 179 -9.31 -3.96 13.61
C GLY B 179 -9.56 -5.06 14.64
N PRO B 180 -8.74 -5.07 15.70
CA PRO B 180 -8.80 -6.01 16.83
C PRO B 180 -10.19 -6.09 17.45
N PRO B 181 -10.48 -7.19 18.17
CA PRO B 181 -11.77 -7.36 18.87
C PRO B 181 -12.10 -6.18 19.77
N GLU B 182 -11.12 -5.72 20.53
CA GLU B 182 -11.31 -4.63 21.49
C GLU B 182 -11.45 -3.27 20.79
N GLN B 183 -11.10 -3.23 19.51
CA GLN B 183 -11.26 -2.03 18.68
C GLN B 183 -12.63 -2.05 17.99
N ALA B 184 -13.15 -3.25 17.74
CA ALA B 184 -14.44 -3.43 17.09
C ALA B 184 -15.60 -3.31 18.08
N VAL B 185 -15.32 -3.61 19.35
CA VAL B 185 -16.29 -3.40 20.41
C VAL B 185 -16.56 -1.90 20.57
N GLN B 186 -15.51 -1.10 20.37
CA GLN B 186 -15.66 0.36 20.37
C GLN B 186 -16.61 0.80 19.28
N MET B 187 -16.20 0.55 18.03
CA MET B 187 -16.95 0.98 16.85
C MET B 187 -18.46 0.73 16.96
N LEU B 188 -18.82 -0.37 17.62
CA LEU B 188 -20.22 -0.69 17.87
C LEU B 188 -20.87 0.41 18.71
N GLY B 189 -20.27 0.68 19.87
CA GLY B 189 -20.79 1.68 20.79
C GLY B 189 -21.12 3.03 20.17
N GLU B 190 -20.34 3.44 19.17
CA GLU B 190 -20.56 4.75 18.56
C GLU B 190 -21.14 4.68 17.14
N ALA B 191 -21.71 3.52 16.79
CA ALA B 191 -22.43 3.37 15.53
C ALA B 191 -23.78 2.70 15.80
N LEU B 192 -23.99 2.31 17.05
CA LEU B 192 -25.26 1.71 17.48
C LEU B 192 -26.44 2.67 17.65
N PRO B 193 -26.24 3.81 18.36
CA PRO B 193 -27.42 4.69 18.55
C PRO B 193 -27.97 5.21 17.22
N PHE B 194 -27.15 5.21 16.17
CA PHE B 194 -27.59 5.54 14.82
C PHE B 194 -28.66 4.55 14.35
N ILE B 195 -28.55 3.31 14.82
CA ILE B 195 -29.47 2.22 14.51
C ILE B 195 -30.61 2.19 15.54
N GLN B 196 -30.26 2.32 16.81
CA GLN B 196 -31.24 2.27 17.89
C GLN B 196 -32.27 3.40 17.73
N ARG B 197 -31.82 4.53 17.19
CA ARG B 197 -32.70 5.67 16.93
C ARG B 197 -33.75 5.34 15.86
N VAL B 198 -33.28 4.98 14.67
CA VAL B 198 -34.15 4.58 13.56
C VAL B 198 -35.19 3.53 14.00
N TYR B 199 -34.77 2.56 14.80
CA TYR B 199 -35.72 1.58 15.33
C TYR B 199 -36.75 2.25 16.23
N ASN B 200 -36.24 2.91 17.27
CA ASN B 200 -37.07 3.59 18.27
C ASN B 200 -38.08 4.57 17.66
N VAL B 201 -37.72 5.17 16.52
CA VAL B 201 -38.63 6.06 15.78
C VAL B 201 -39.67 5.23 15.02
N SER B 202 -39.18 4.35 14.14
CA SER B 202 -40.04 3.50 13.30
C SER B 202 -41.02 2.66 14.11
N GLN B 203 -40.59 2.14 15.24
CA GLN B 203 -41.46 1.39 16.14
C GLN B 203 -42.63 2.26 16.65
N LYS B 204 -42.32 3.49 17.09
CA LYS B 204 -43.37 4.42 17.51
C LYS B 204 -44.37 4.65 16.38
N LEU B 205 -43.86 4.99 15.20
CA LEU B 205 -44.69 5.26 14.02
C LEU B 205 -45.62 4.10 13.72
N TYR B 206 -45.06 2.90 13.74
CA TYR B 206 -45.81 1.69 13.50
C TYR B 206 -46.76 1.37 14.64
N ALA B 207 -46.33 1.64 15.86
CA ALA B 207 -47.19 1.37 17.01
C ALA B 207 -48.41 2.30 17.06
N GLU B 208 -48.20 3.58 16.73
CA GLU B 208 -49.29 4.56 16.74
C GLU B 208 -50.43 4.17 15.82
N HIS B 209 -50.09 3.77 14.60
CA HIS B 209 -51.11 3.37 13.62
C HIS B 209 -51.59 1.92 13.82
N SER B 210 -51.11 1.28 14.89
CA SER B 210 -51.49 -0.09 15.23
C SER B 210 -51.15 -1.07 14.11
N LEU B 211 -49.91 -0.99 13.63
CA LEU B 211 -49.49 -1.74 12.45
C LEU B 211 -48.45 -2.82 12.78
N LEU B 212 -48.29 -3.11 14.07
CA LEU B 212 -47.27 -4.05 14.54
C LEU B 212 -47.55 -5.52 14.18
N ASP B 213 -48.79 -5.82 13.80
CA ASP B 213 -49.19 -7.20 13.56
C ASP B 213 -49.74 -7.38 12.16
N LEU B 214 -49.11 -6.69 11.21
CA LEU B 214 -49.53 -6.77 9.82
C LEU B 214 -49.26 -8.16 9.23
N PRO B 215 -50.27 -8.74 8.58
CA PRO B 215 -50.13 -10.07 7.98
C PRO B 215 -49.29 -9.99 6.71
N ASN C 10 19.31 -59.15 3.04
CA ASN C 10 19.35 -58.48 4.33
C ASN C 10 18.79 -57.05 4.23
N LEU C 11 18.32 -56.68 3.04
CA LEU C 11 17.58 -55.42 2.88
C LEU C 11 16.07 -55.71 3.01
N LYS C 12 15.68 -56.93 2.63
CA LYS C 12 14.30 -57.38 2.82
C LYS C 12 13.98 -57.48 4.31
N VAL C 13 15.00 -57.80 5.11
CA VAL C 13 14.83 -57.96 6.55
C VAL C 13 14.62 -56.62 7.29
N VAL C 14 15.14 -55.54 6.70
CA VAL C 14 14.99 -54.21 7.31
C VAL C 14 13.81 -53.42 6.74
N LEU C 15 13.53 -53.62 5.45
CA LEU C 15 12.46 -52.91 4.77
C LEU C 15 11.07 -53.28 5.33
N VAL C 16 10.98 -54.46 5.93
CA VAL C 16 9.74 -54.94 6.54
C VAL C 16 9.61 -54.54 8.02
N SER C 17 10.72 -54.10 8.62
CA SER C 17 10.66 -53.57 9.98
C SER C 17 9.86 -52.27 10.01
N PHE C 18 9.64 -51.69 8.83
CA PHE C 18 8.75 -50.57 8.66
C PHE C 18 7.26 -50.96 8.82
N LYS C 19 6.99 -51.99 9.64
CA LYS C 19 5.63 -52.40 9.94
C LYS C 19 5.36 -52.29 11.43
N GLN C 20 6.44 -52.14 12.19
CA GLN C 20 6.39 -51.89 13.63
C GLN C 20 6.38 -50.39 13.85
N CYS C 21 6.66 -49.66 12.77
CA CYS C 21 6.70 -48.19 12.78
C CYS C 21 5.30 -47.62 12.83
N LEU C 22 4.40 -48.17 12.02
CA LEU C 22 3.03 -47.70 11.98
C LEU C 22 2.09 -48.55 12.84
N ASP C 23 0.92 -48.00 13.15
CA ASP C 23 -0.14 -48.76 13.79
C ASP C 23 -1.54 -48.49 13.25
N GLU C 24 -2.51 -48.79 14.11
CA GLU C 24 -3.91 -48.89 13.75
C GLU C 24 -4.61 -47.52 13.87
N LYS C 25 -4.34 -46.82 14.97
CA LYS C 25 -4.68 -45.40 15.11
C LYS C 25 -3.84 -44.63 14.12
N GLU C 26 -2.74 -45.27 13.72
CA GLU C 26 -1.81 -44.82 12.69
C GLU C 26 -0.85 -43.76 13.19
N GLU C 27 -0.40 -43.97 14.42
CA GLU C 27 0.65 -43.17 15.02
C GLU C 27 1.99 -43.82 14.67
N VAL C 28 2.85 -43.06 14.01
CA VAL C 28 4.19 -43.57 13.70
C VAL C 28 5.02 -43.63 14.98
N LEU C 29 5.30 -44.85 15.44
CA LEU C 29 6.10 -45.02 16.65
C LEU C 29 7.55 -44.61 16.38
N LEU C 30 8.31 -44.35 17.43
CA LEU C 30 9.66 -43.79 17.27
C LEU C 30 10.77 -44.85 17.33
N ASP C 31 10.84 -45.59 18.42
CA ASP C 31 11.89 -46.59 18.61
C ASP C 31 11.95 -47.63 17.47
N PRO C 32 10.79 -48.09 16.96
CA PRO C 32 10.82 -48.86 15.71
C PRO C 32 11.45 -48.07 14.57
N TYR C 33 10.89 -46.88 14.30
CA TYR C 33 11.38 -45.98 13.26
C TYR C 33 12.89 -45.76 13.40
N ILE C 34 13.34 -45.55 14.64
CA ILE C 34 14.77 -45.48 14.95
C ILE C 34 15.47 -46.76 14.50
N ALA C 35 15.07 -47.87 15.10
CA ALA C 35 15.72 -49.17 14.89
C ALA C 35 15.76 -49.54 13.40
N SER C 36 14.64 -49.31 12.72
CA SER C 36 14.57 -49.47 11.27
C SER C 36 15.66 -48.61 10.62
N TRP C 37 15.59 -47.31 10.86
CA TRP C 37 16.58 -46.37 10.33
C TRP C 37 18.02 -46.80 10.64
N LYS C 38 18.24 -47.34 11.83
CA LYS C 38 19.56 -47.78 12.26
C LYS C 38 20.06 -48.88 11.34
N GLY C 39 19.12 -49.63 10.76
CA GLY C 39 19.44 -50.74 9.89
C GLY C 39 20.01 -50.32 8.54
N LEU C 40 19.47 -49.24 7.99
CA LEU C 40 19.91 -48.73 6.70
C LEU C 40 21.33 -48.16 6.76
N VAL C 41 21.73 -47.69 7.95
CA VAL C 41 23.08 -47.17 8.16
C VAL C 41 24.12 -48.25 7.89
N ARG C 42 24.00 -49.38 8.57
CA ARG C 42 24.89 -50.52 8.34
C ARG C 42 24.77 -51.04 6.90
N PHE C 43 23.60 -50.88 6.28
CA PHE C 43 23.45 -51.26 4.88
C PHE C 43 24.25 -50.32 3.97
N LEU C 44 24.10 -49.01 4.19
CA LEU C 44 24.93 -48.04 3.51
C LEU C 44 26.40 -48.31 3.82
N ASN C 45 26.66 -48.74 5.05
CA ASN C 45 28.00 -49.10 5.49
C ASN C 45 28.49 -50.38 4.83
N SER C 46 27.56 -51.27 4.47
CA SER C 46 27.93 -52.55 3.85
C SER C 46 28.53 -52.31 2.47
N LEU C 47 27.91 -51.41 1.71
CA LEU C 47 28.41 -51.01 0.39
C LEU C 47 29.69 -50.17 0.55
N GLY C 48 30.55 -50.20 -0.46
CA GLY C 48 31.77 -49.42 -0.41
C GLY C 48 31.68 -48.11 -1.18
N THR C 49 30.83 -47.21 -0.71
CA THR C 49 30.69 -45.90 -1.36
C THR C 49 31.23 -44.75 -0.50
N ILE C 50 31.32 -43.57 -1.09
CA ILE C 50 31.70 -42.37 -0.35
C ILE C 50 30.59 -41.97 0.61
N PHE C 51 29.34 -42.10 0.17
CA PHE C 51 28.16 -41.64 0.91
C PHE C 51 28.02 -42.22 2.32
N SER C 52 28.92 -43.13 2.70
CA SER C 52 28.88 -43.72 4.03
C SER C 52 29.25 -42.71 5.11
N PHE C 53 29.55 -41.48 4.70
CA PHE C 53 29.79 -40.39 5.62
C PHE C 53 28.47 -39.75 6.07
N ILE C 54 27.41 -39.96 5.29
CA ILE C 54 26.09 -39.46 5.69
C ILE C 54 25.41 -40.43 6.65
N SER C 55 26.13 -41.48 7.01
CA SER C 55 25.72 -42.32 8.13
C SER C 55 25.94 -41.50 9.40
N LYS C 56 27.03 -40.75 9.43
CA LYS C 56 27.37 -39.88 10.56
C LYS C 56 26.25 -38.89 10.89
N ASP C 57 25.72 -38.24 9.86
CA ASP C 57 24.62 -37.31 10.05
C ASP C 57 23.41 -38.02 10.67
N VAL C 58 23.03 -39.16 10.09
CA VAL C 58 21.85 -39.90 10.55
C VAL C 58 21.99 -40.35 12.01
N VAL C 59 23.12 -40.99 12.33
CA VAL C 59 23.38 -41.46 13.68
C VAL C 59 23.27 -40.32 14.71
N SER C 60 23.78 -39.14 14.35
CA SER C 60 23.64 -37.97 15.20
C SER C 60 22.16 -37.66 15.40
N LYS C 61 21.43 -37.60 14.29
CA LYS C 61 19.98 -37.35 14.31
C LYS C 61 19.25 -38.46 15.05
N LEU C 62 19.72 -39.69 14.87
CA LEU C 62 19.19 -40.83 15.60
C LEU C 62 19.45 -40.67 17.08
N ARG C 63 20.65 -40.19 17.42
CA ARG C 63 21.05 -40.00 18.82
C ARG C 63 20.28 -38.84 19.46
N ILE C 64 19.99 -37.80 18.67
CA ILE C 64 19.15 -36.68 19.11
C ILE C 64 17.80 -37.21 19.59
N MET C 65 17.17 -37.99 18.73
CA MET C 65 15.92 -38.67 18.99
C MET C 65 16.01 -39.60 20.18
N GLU C 66 17.17 -40.24 20.32
CA GLU C 66 17.36 -41.22 21.36
C GLU C 66 17.28 -40.58 22.75
N ARG C 67 18.11 -39.57 22.98
CA ARG C 67 18.12 -38.90 24.28
C ARG C 67 16.82 -38.14 24.55
N LEU C 68 16.11 -37.79 23.47
CA LEU C 68 14.76 -37.25 23.60
C LEU C 68 13.82 -38.35 24.06
N ARG C 69 13.94 -39.53 23.47
CA ARG C 69 13.12 -40.68 23.81
C ARG C 69 13.57 -41.27 25.15
N GLY C 70 14.78 -40.93 25.56
CA GLY C 70 15.26 -41.30 26.88
C GLY C 70 15.31 -40.09 27.79
N GLY C 71 14.50 -39.09 27.47
CA GLY C 71 14.46 -37.86 28.24
C GLY C 71 13.56 -37.93 29.45
N PRO C 72 13.40 -36.79 30.14
CA PRO C 72 12.51 -36.66 31.31
C PRO C 72 11.05 -36.62 30.88
N GLN C 73 10.80 -36.20 29.64
CA GLN C 73 9.47 -36.28 29.04
C GLN C 73 9.50 -37.27 27.88
N SER C 74 9.93 -38.49 28.16
CA SER C 74 10.11 -39.53 27.16
C SER C 74 8.82 -39.98 26.51
N GLU C 75 7.75 -40.05 27.31
CA GLU C 75 6.47 -40.62 26.87
C GLU C 75 5.82 -39.83 25.73
N HIS C 76 6.23 -38.58 25.56
CA HIS C 76 5.67 -37.74 24.51
C HIS C 76 6.35 -38.01 23.15
N TYR C 77 7.47 -38.70 23.19
CA TYR C 77 8.19 -39.04 21.96
C TYR C 77 7.91 -40.48 21.56
N ARG C 78 6.89 -41.08 22.16
CA ARG C 78 6.42 -42.42 21.80
C ARG C 78 6.09 -42.46 20.31
N SER C 79 5.04 -41.74 19.95
CA SER C 79 4.67 -41.57 18.55
C SER C 79 5.22 -40.25 18.06
N LEU C 80 5.00 -39.94 16.79
CA LEU C 80 5.41 -38.65 16.25
C LEU C 80 4.29 -37.65 16.48
N GLN C 81 3.06 -38.11 16.37
CA GLN C 81 1.88 -37.27 16.59
C GLN C 81 1.86 -36.80 18.04
N ALA C 82 2.34 -37.65 18.95
CA ALA C 82 2.53 -37.28 20.34
C ALA C 82 3.66 -36.26 20.48
N MET C 83 4.75 -36.49 19.75
CA MET C 83 5.91 -35.61 19.71
C MET C 83 5.53 -34.22 19.21
N VAL C 84 4.75 -34.18 18.14
CA VAL C 84 4.25 -32.91 17.64
C VAL C 84 3.33 -32.28 18.68
N ALA C 85 2.49 -33.10 19.31
CA ALA C 85 1.57 -32.63 20.34
C ALA C 85 2.31 -31.98 21.50
N HIS C 86 3.49 -32.50 21.82
CA HIS C 86 4.30 -31.99 22.92
C HIS C 86 5.06 -30.72 22.54
N GLU C 87 5.88 -30.82 21.49
CA GLU C 87 6.79 -29.73 21.13
C GLU C 87 6.09 -28.52 20.51
N LEU C 88 4.97 -28.73 19.84
CA LEU C 88 4.25 -27.62 19.24
C LEU C 88 3.41 -26.86 20.28
N SER C 89 3.00 -27.56 21.33
CA SER C 89 2.25 -26.92 22.41
C SER C 89 3.18 -26.15 23.35
N ASN C 90 4.26 -26.82 23.75
CA ASN C 90 5.26 -26.22 24.64
C ASN C 90 6.29 -25.36 23.91
N ARG C 91 5.97 -24.99 22.67
CA ARG C 91 6.78 -24.06 21.88
C ARG C 91 8.26 -24.45 21.82
N LEU C 92 8.51 -25.76 21.76
CA LEU C 92 9.86 -26.28 21.69
C LEU C 92 10.29 -26.49 20.22
N VAL C 93 9.63 -25.76 19.31
CA VAL C 93 9.95 -25.85 17.89
C VAL C 93 10.23 -24.47 17.33
N ASP C 94 11.28 -24.37 16.50
CA ASP C 94 11.60 -23.11 15.82
C ASP C 94 10.97 -23.15 14.43
N LEU C 95 9.86 -22.44 14.25
CA LEU C 95 9.10 -22.52 13.01
C LEU C 95 9.62 -21.58 11.91
N GLU C 96 10.45 -20.60 12.29
CA GLU C 96 10.88 -19.58 11.34
C GLU C 96 12.39 -19.36 11.30
N ARG C 97 13.04 -19.44 12.47
CA ARG C 97 14.47 -19.18 12.54
C ARG C 97 15.18 -20.17 13.44
N ARG C 98 16.32 -20.67 12.99
CA ARG C 98 17.13 -21.63 13.74
C ARG C 98 17.67 -20.97 15.01
N SER C 99 16.77 -20.72 15.96
CA SER C 99 17.08 -19.96 17.17
C SER C 99 17.49 -20.62 18.49
N HIS C 100 16.50 -20.98 19.30
CA HIS C 100 16.74 -21.66 20.57
C HIS C 100 16.61 -23.18 20.51
N HIS C 101 15.88 -23.69 19.52
CA HIS C 101 15.64 -25.13 19.39
C HIS C 101 16.11 -25.67 18.03
N PRO C 102 17.44 -25.79 17.84
CA PRO C 102 17.99 -26.16 16.54
C PRO C 102 18.08 -27.67 16.37
N GLU C 103 17.72 -28.40 17.43
CA GLU C 103 17.75 -29.86 17.39
C GLU C 103 16.45 -30.44 17.94
N SER C 104 15.35 -29.75 17.66
CA SER C 104 14.03 -30.21 18.08
C SER C 104 13.70 -31.54 17.42
N GLY C 105 12.71 -32.24 17.98
CA GLY C 105 12.28 -33.50 17.41
C GLY C 105 11.71 -33.37 16.02
N CYS C 106 10.87 -32.37 15.84
CA CYS C 106 10.12 -32.19 14.61
C CYS C 106 10.97 -31.88 13.38
N ARG C 107 12.09 -31.17 13.58
CA ARG C 107 13.00 -30.84 12.47
C ARG C 107 13.97 -31.97 12.16
N THR C 108 14.24 -32.82 13.15
CA THR C 108 15.19 -33.90 13.00
C THR C 108 14.56 -35.07 12.24
N VAL C 109 13.39 -35.51 12.70
CA VAL C 109 12.64 -36.52 11.98
C VAL C 109 12.34 -36.01 10.59
N LEU C 110 12.04 -34.71 10.48
CA LEU C 110 11.77 -34.12 9.18
C LEU C 110 12.91 -34.32 8.19
N ARG C 111 14.15 -34.38 8.69
CA ARG C 111 15.28 -34.67 7.81
C ARG C 111 15.29 -36.15 7.44
N LEU C 112 15.05 -37.01 8.42
CA LEU C 112 14.95 -38.45 8.17
C LEU C 112 13.78 -38.74 7.23
N HIS C 113 12.65 -38.07 7.47
CA HIS C 113 11.44 -38.26 6.69
C HIS C 113 11.63 -37.94 5.21
N ARG C 114 12.46 -36.93 4.93
CA ARG C 114 12.74 -36.57 3.55
C ARG C 114 13.69 -37.58 2.91
N ALA C 115 14.62 -38.10 3.70
CA ALA C 115 15.55 -39.12 3.23
C ALA C 115 14.80 -40.34 2.73
N LEU C 116 13.70 -40.67 3.41
CA LEU C 116 12.83 -41.78 3.02
C LEU C 116 12.18 -41.54 1.66
N HIS C 117 11.80 -40.29 1.40
CA HIS C 117 11.18 -39.94 0.12
C HIS C 117 12.13 -40.16 -1.04
N TRP C 118 13.38 -39.71 -0.90
CA TRP C 118 14.38 -40.03 -1.91
C TRP C 118 14.59 -41.54 -2.05
N LEU C 119 14.59 -42.25 -0.92
CA LEU C 119 14.88 -43.68 -0.90
C LEU C 119 13.90 -44.50 -1.73
N GLN C 120 12.62 -44.39 -1.42
CA GLN C 120 11.60 -45.16 -2.14
C GLN C 120 11.41 -44.65 -3.56
N LEU C 121 11.85 -43.42 -3.81
CA LEU C 121 11.87 -42.88 -5.16
C LEU C 121 13.00 -43.53 -5.96
N PHE C 122 14.01 -44.03 -5.25
CA PHE C 122 15.17 -44.66 -5.87
C PHE C 122 14.91 -46.15 -6.09
N LEU C 123 14.37 -46.82 -5.07
CA LEU C 123 14.09 -48.26 -5.15
C LEU C 123 12.98 -48.58 -6.16
N GLU C 124 11.94 -47.75 -6.19
CA GLU C 124 10.90 -47.85 -7.20
C GLU C 124 11.51 -47.59 -8.57
N GLY C 125 12.35 -46.55 -8.65
CA GLY C 125 13.07 -46.26 -9.87
C GLY C 125 14.04 -47.37 -10.22
N LEU C 126 14.47 -48.12 -9.20
CA LEU C 126 15.37 -49.25 -9.38
C LEU C 126 14.57 -50.47 -9.82
N ARG C 127 13.41 -50.66 -9.20
CA ARG C 127 12.53 -51.79 -9.50
C ARG C 127 12.06 -51.74 -10.96
N THR C 128 11.20 -50.76 -11.25
CA THR C 128 10.71 -50.56 -12.61
C THR C 128 11.79 -49.95 -13.49
N SER C 129 12.80 -50.74 -13.80
CA SER C 129 13.93 -50.23 -14.58
C SER C 129 14.55 -51.35 -15.40
N PRO C 130 15.00 -51.02 -16.61
CA PRO C 130 15.77 -51.96 -17.45
C PRO C 130 17.16 -52.17 -16.86
N GLU C 131 17.97 -53.01 -17.52
CA GLU C 131 19.38 -53.13 -17.17
C GLU C 131 20.11 -52.02 -17.93
N ASP C 132 19.38 -51.36 -18.82
CA ASP C 132 19.87 -50.23 -19.57
C ASP C 132 19.55 -48.94 -18.83
N ALA C 133 19.86 -48.91 -17.54
CA ALA C 133 19.69 -47.72 -16.73
C ALA C 133 21.02 -47.33 -16.09
N ARG C 134 21.58 -46.21 -16.51
CA ARG C 134 22.76 -45.67 -15.86
C ARG C 134 22.35 -45.24 -14.45
N THR C 135 22.93 -45.90 -13.45
CA THR C 135 22.57 -45.70 -12.06
C THR C 135 22.76 -44.25 -11.62
N SER C 136 23.58 -43.52 -12.38
CA SER C 136 23.80 -42.10 -12.13
C SER C 136 22.52 -41.31 -12.36
N ALA C 137 22.16 -41.10 -13.62
CA ALA C 137 21.04 -40.25 -13.98
C ALA C 137 19.67 -40.84 -13.66
N LEU C 138 19.58 -41.61 -12.58
CA LEU C 138 18.31 -42.03 -12.01
C LEU C 138 18.28 -41.57 -10.57
N CYS C 139 19.47 -41.50 -9.97
CA CYS C 139 19.64 -40.93 -8.64
C CYS C 139 19.31 -39.46 -8.70
N ALA C 140 19.84 -38.79 -9.71
CA ALA C 140 19.56 -37.37 -9.95
C ALA C 140 18.06 -37.10 -10.06
N ASP C 141 17.34 -38.03 -10.69
CA ASP C 141 15.90 -37.88 -10.87
C ASP C 141 15.13 -38.30 -9.63
N SER C 142 15.74 -39.16 -8.81
CA SER C 142 15.23 -39.48 -7.48
C SER C 142 15.62 -38.34 -6.54
N TYR C 143 16.72 -37.66 -6.88
CA TYR C 143 17.21 -36.53 -6.11
C TYR C 143 16.32 -35.31 -6.35
N ASN C 144 16.56 -34.61 -7.46
CA ASN C 144 15.88 -33.35 -7.79
C ASN C 144 14.36 -33.28 -7.55
N ALA C 145 13.71 -34.43 -7.42
CA ALA C 145 12.29 -34.47 -7.12
C ALA C 145 12.07 -34.65 -5.61
N SER C 146 13.16 -34.69 -4.86
CA SER C 146 13.10 -34.91 -3.42
C SER C 146 13.91 -33.87 -2.62
N LEU C 147 15.22 -34.04 -2.60
CA LEU C 147 16.10 -33.29 -1.70
C LEU C 147 16.72 -32.04 -2.32
N ALA C 148 16.81 -31.98 -3.64
CA ALA C 148 17.54 -30.90 -4.31
C ALA C 148 16.90 -29.50 -4.23
N ALA C 149 15.81 -29.37 -3.47
CA ALA C 149 15.21 -28.06 -3.25
C ALA C 149 15.46 -27.60 -1.81
N TYR C 150 15.74 -28.58 -0.95
CA TYR C 150 16.07 -28.34 0.45
C TYR C 150 17.58 -28.16 0.63
N HIS C 151 18.33 -28.35 -0.45
CA HIS C 151 19.77 -28.19 -0.41
C HIS C 151 20.21 -26.97 -1.24
N PRO C 152 21.37 -26.38 -0.87
CA PRO C 152 21.94 -25.30 -1.69
C PRO C 152 22.68 -25.87 -2.90
N TRP C 153 22.95 -25.04 -3.91
CA TRP C 153 23.53 -25.50 -5.18
C TRP C 153 24.92 -26.12 -5.06
N VAL C 154 25.73 -25.59 -4.15
CA VAL C 154 27.08 -26.11 -3.91
C VAL C 154 27.05 -27.58 -3.48
N VAL C 155 25.99 -27.96 -2.79
CA VAL C 155 25.74 -29.35 -2.45
C VAL C 155 25.19 -30.08 -3.67
N ARG C 156 24.16 -29.51 -4.29
CA ARG C 156 23.50 -30.10 -5.45
C ARG C 156 24.46 -30.30 -6.62
N ARG C 157 25.46 -29.44 -6.74
CA ARG C 157 26.51 -29.63 -7.72
C ARG C 157 27.42 -30.80 -7.31
N ALA C 158 28.00 -30.71 -6.11
CA ALA C 158 28.97 -31.71 -5.66
C ALA C 158 28.34 -33.02 -5.15
N VAL C 159 27.07 -33.24 -5.50
CA VAL C 159 26.40 -34.50 -5.16
C VAL C 159 25.90 -35.17 -6.44
N THR C 160 25.47 -34.35 -7.41
CA THR C 160 25.27 -34.78 -8.79
C THR C 160 26.56 -35.45 -9.29
N VAL C 161 27.69 -34.83 -8.97
CA VAL C 161 29.01 -35.33 -9.32
C VAL C 161 29.31 -36.69 -8.68
N ALA C 162 29.08 -36.79 -7.37
CA ALA C 162 29.41 -38.01 -6.62
C ALA C 162 28.55 -39.22 -6.99
N PHE C 163 27.61 -39.03 -7.91
CA PHE C 163 26.76 -40.11 -8.40
C PHE C 163 27.47 -40.96 -9.44
N CYS C 164 28.43 -40.35 -10.15
CA CYS C 164 29.19 -41.05 -11.17
C CYS C 164 30.12 -42.07 -10.53
N THR C 165 30.16 -42.04 -9.20
CA THR C 165 30.91 -43.00 -8.41
C THR C 165 29.98 -44.12 -7.94
N LEU C 166 28.79 -44.18 -8.51
CA LEU C 166 27.83 -45.23 -8.16
C LEU C 166 28.26 -46.46 -8.96
N PRO C 167 27.81 -47.64 -8.50
CA PRO C 167 27.94 -48.92 -9.22
C PRO C 167 26.85 -49.14 -10.26
N THR C 168 26.51 -50.41 -10.47
CA THR C 168 25.50 -50.77 -11.44
C THR C 168 24.19 -51.09 -10.74
N ARG C 169 23.10 -51.15 -11.52
CA ARG C 169 21.82 -51.55 -10.98
C ARG C 169 21.86 -53.00 -10.48
N GLU C 170 22.60 -53.84 -11.20
CA GLU C 170 22.73 -55.26 -10.89
C GLU C 170 23.32 -55.52 -9.49
N VAL C 171 24.54 -55.05 -9.26
CA VAL C 171 25.23 -55.20 -7.97
C VAL C 171 24.41 -54.59 -6.82
N PHE C 172 23.71 -53.50 -7.11
CA PHE C 172 22.78 -52.90 -6.16
C PHE C 172 21.70 -53.89 -5.75
N LEU C 173 21.22 -54.70 -6.71
CA LEU C 173 20.26 -55.74 -6.43
C LEU C 173 20.95 -56.96 -5.80
N GLU C 174 22.20 -57.19 -6.20
CA GLU C 174 22.99 -58.30 -5.67
C GLU C 174 23.37 -58.06 -4.20
N ALA C 175 23.55 -56.78 -3.84
CA ALA C 175 24.04 -56.39 -2.52
C ALA C 175 22.98 -56.47 -1.42
N MET C 176 21.73 -56.74 -1.79
CA MET C 176 20.66 -56.83 -0.82
C MET C 176 20.60 -58.20 -0.13
N ASN C 177 21.43 -59.14 -0.58
CA ASN C 177 21.41 -60.53 -0.09
C ASN C 177 20.00 -61.09 -0.20
N VAL C 178 19.52 -61.17 -1.43
CA VAL C 178 18.13 -61.47 -1.73
C VAL C 178 18.03 -62.59 -2.77
N GLY C 179 19.09 -62.74 -3.54
CA GLY C 179 19.11 -63.66 -4.66
C GLY C 179 19.51 -62.91 -5.92
N PRO C 180 19.17 -63.45 -7.09
CA PRO C 180 19.50 -62.78 -8.35
C PRO C 180 18.62 -61.54 -8.54
N PRO C 181 18.92 -60.71 -9.55
CA PRO C 181 18.05 -59.59 -9.95
C PRO C 181 16.68 -60.07 -10.48
N GLU C 182 16.34 -61.30 -10.17
CA GLU C 182 14.99 -61.84 -10.33
C GLU C 182 14.28 -61.71 -8.99
N GLN C 183 14.98 -62.08 -7.92
CA GLN C 183 14.45 -62.10 -6.56
C GLN C 183 14.35 -60.72 -5.91
N ALA C 184 15.31 -59.86 -6.22
CA ALA C 184 15.34 -58.51 -5.67
C ALA C 184 14.16 -57.69 -6.17
N VAL C 185 14.03 -57.58 -7.49
CA VAL C 185 12.98 -56.77 -8.12
C VAL C 185 11.59 -57.29 -7.73
N GLN C 186 11.53 -58.54 -7.27
CA GLN C 186 10.33 -59.03 -6.62
C GLN C 186 10.13 -58.31 -5.29
N MET C 187 10.98 -58.61 -4.33
CA MET C 187 10.96 -58.04 -2.98
C MET C 187 10.62 -56.55 -2.88
N LEU C 188 10.92 -55.80 -3.95
CA LEU C 188 10.51 -54.41 -4.03
C LEU C 188 9.08 -54.33 -4.57
N GLY C 189 8.19 -55.08 -3.92
CA GLY C 189 6.78 -55.12 -4.25
C GLY C 189 6.04 -55.62 -3.02
N GLU C 190 6.80 -56.18 -2.09
CA GLU C 190 6.24 -56.71 -0.85
C GLU C 190 6.94 -56.14 0.39
N ALA C 191 7.60 -55.00 0.22
CA ALA C 191 8.21 -54.28 1.33
C ALA C 191 8.16 -52.77 1.10
N LEU C 192 8.29 -52.39 -0.17
CA LEU C 192 8.09 -51.01 -0.59
C LEU C 192 6.72 -50.42 -0.18
N PRO C 193 5.63 -51.21 -0.27
CA PRO C 193 4.37 -50.64 0.23
C PRO C 193 4.30 -50.59 1.75
N PHE C 194 5.38 -50.98 2.43
CA PHE C 194 5.43 -50.92 3.89
C PHE C 194 6.26 -49.73 4.33
N ILE C 195 6.88 -49.05 3.37
CA ILE C 195 7.66 -47.85 3.65
C ILE C 195 7.04 -46.68 2.89
N GLN C 196 6.17 -47.00 1.94
CA GLN C 196 5.55 -45.99 1.09
C GLN C 196 4.36 -45.35 1.79
N ARG C 197 3.87 -46.02 2.85
CA ARG C 197 2.73 -45.53 3.60
C ARG C 197 3.14 -44.79 4.87
N VAL C 198 3.99 -45.41 5.69
CA VAL C 198 4.52 -44.77 6.90
C VAL C 198 5.11 -43.40 6.55
N TYR C 199 5.77 -43.32 5.40
CA TYR C 199 6.14 -42.02 4.86
C TYR C 199 4.91 -41.16 4.59
N ASN C 200 3.95 -41.72 3.85
CA ASN C 200 2.75 -41.01 3.40
C ASN C 200 1.93 -40.33 4.51
N VAL C 201 1.83 -40.97 5.67
CA VAL C 201 1.11 -40.39 6.81
C VAL C 201 1.91 -39.27 7.46
N SER C 202 3.23 -39.46 7.48
CA SER C 202 4.13 -38.50 8.09
C SER C 202 4.04 -37.18 7.35
N GLN C 203 4.22 -37.23 6.04
CA GLN C 203 4.08 -36.06 5.17
C GLN C 203 2.80 -35.27 5.48
N LYS C 204 1.71 -36.01 5.70
CA LYS C 204 0.43 -35.41 6.05
C LYS C 204 0.48 -34.72 7.43
N LEU C 205 0.85 -35.49 8.46
CA LEU C 205 1.06 -34.95 9.81
C LEU C 205 1.91 -33.69 9.80
N TYR C 206 2.90 -33.67 8.92
CA TYR C 206 3.77 -32.52 8.77
C TYR C 206 3.17 -31.45 7.85
N ALA C 207 2.05 -31.78 7.20
CA ALA C 207 1.33 -30.79 6.41
C ALA C 207 0.10 -30.28 7.17
N GLU C 208 -0.41 -31.12 8.08
CA GLU C 208 -1.47 -30.75 8.99
C GLU C 208 -1.07 -29.51 9.77
N HIS C 209 0.11 -29.57 10.37
CA HIS C 209 0.58 -28.52 11.26
C HIS C 209 1.58 -27.58 10.59
N SER C 210 1.61 -27.61 9.26
CA SER C 210 2.46 -26.71 8.47
C SER C 210 3.93 -26.79 8.87
N LEU C 211 4.44 -28.03 8.94
CA LEU C 211 5.77 -28.31 9.46
C LEU C 211 6.76 -28.79 8.38
N LEU C 212 6.39 -28.61 7.11
CA LEU C 212 7.18 -29.12 5.99
C LEU C 212 8.42 -28.27 5.73
N ASP C 213 8.43 -27.06 6.30
CA ASP C 213 9.51 -26.11 6.04
C ASP C 213 10.17 -25.64 7.33
N LEU C 214 10.46 -26.61 8.21
CA LEU C 214 11.17 -26.31 9.46
C LEU C 214 12.65 -26.11 9.17
N PRO C 215 13.23 -25.05 9.76
CA PRO C 215 14.68 -24.81 9.68
C PRO C 215 15.42 -25.65 10.73
N ASN D 10 21.26 -4.64 -22.87
CA ASN D 10 20.28 -5.18 -23.82
C ASN D 10 18.95 -4.42 -23.82
N LEU D 11 17.93 -4.98 -24.47
CA LEU D 11 16.63 -4.31 -24.59
C LEU D 11 15.61 -4.79 -23.56
N LYS D 12 15.67 -6.08 -23.22
CA LYS D 12 14.78 -6.63 -22.20
C LYS D 12 14.88 -5.85 -20.88
N VAL D 13 16.10 -5.52 -20.46
CA VAL D 13 16.30 -4.73 -19.24
C VAL D 13 15.62 -3.35 -19.32
N VAL D 14 15.53 -2.79 -20.51
CA VAL D 14 14.82 -1.51 -20.72
C VAL D 14 13.31 -1.71 -20.54
N LEU D 15 12.71 -2.49 -21.44
CA LEU D 15 11.27 -2.74 -21.41
C LEU D 15 10.72 -3.15 -20.03
N VAL D 16 11.57 -3.72 -19.17
CA VAL D 16 11.17 -4.05 -17.80
C VAL D 16 11.73 -3.04 -16.80
N SER D 17 12.00 -1.83 -17.26
CA SER D 17 12.23 -0.72 -16.34
C SER D 17 10.89 -0.04 -16.19
N PHE D 18 9.96 -0.43 -17.07
CA PHE D 18 8.61 0.09 -17.06
C PHE D 18 7.73 -0.68 -16.08
N LYS D 19 8.27 -1.74 -15.51
CA LYS D 19 7.62 -2.43 -14.41
C LYS D 19 7.58 -1.51 -13.19
N GLN D 20 8.65 -0.74 -13.04
CA GLN D 20 8.84 0.10 -11.86
C GLN D 20 8.42 1.55 -12.08
N CYS D 21 7.55 1.79 -13.05
CA CYS D 21 7.01 3.12 -13.27
C CYS D 21 5.58 3.14 -12.75
N LEU D 22 5.17 2.02 -12.17
CA LEU D 22 3.82 1.88 -11.64
C LEU D 22 3.83 1.39 -10.19
N ASP D 23 3.24 2.15 -9.29
CA ASP D 23 3.12 1.73 -7.89
C ASP D 23 1.91 0.82 -7.69
N GLU D 24 1.59 0.56 -6.42
CA GLU D 24 0.47 -0.31 -6.07
C GLU D 24 -0.85 0.39 -6.33
N LYS D 25 -0.79 1.70 -6.41
CA LYS D 25 -1.99 2.50 -6.63
C LYS D 25 -2.05 3.00 -8.08
N GLU D 26 -1.22 2.40 -8.93
CA GLU D 26 -1.17 2.71 -10.36
C GLU D 26 -0.92 4.18 -10.68
N GLU D 27 0.23 4.69 -10.25
CA GLU D 27 0.66 6.03 -10.59
C GLU D 27 1.94 5.93 -11.42
N VAL D 28 2.19 6.93 -12.24
CA VAL D 28 3.36 6.91 -13.11
C VAL D 28 4.50 7.75 -12.52
N LEU D 29 5.37 7.08 -11.78
CA LEU D 29 6.50 7.74 -11.10
C LEU D 29 7.48 8.33 -12.11
N LEU D 30 7.66 9.64 -12.06
CA LEU D 30 8.45 10.34 -13.06
C LEU D 30 9.93 9.94 -13.04
N ASP D 31 10.43 9.54 -11.87
CA ASP D 31 11.85 9.18 -11.76
C ASP D 31 12.25 7.93 -12.54
N PRO D 32 11.50 6.82 -12.38
CA PRO D 32 11.83 5.66 -13.21
C PRO D 32 11.42 5.88 -14.67
N TYR D 33 10.33 6.62 -14.88
CA TYR D 33 9.85 6.94 -16.23
C TYR D 33 10.94 7.62 -17.05
N ILE D 34 11.54 8.66 -16.46
CA ILE D 34 12.71 9.32 -17.06
C ILE D 34 13.88 8.33 -17.20
N ALA D 35 14.08 7.51 -16.18
CA ALA D 35 15.17 6.52 -16.17
C ALA D 35 15.00 5.45 -17.25
N SER D 36 13.77 5.03 -17.50
CA SER D 36 13.49 4.03 -18.54
C SER D 36 13.72 4.65 -19.91
N TRP D 37 13.40 5.94 -20.05
CA TRP D 37 13.61 6.66 -21.28
C TRP D 37 15.10 6.82 -21.57
N LYS D 38 15.88 7.00 -20.49
CA LYS D 38 17.32 7.17 -20.60
C LYS D 38 17.98 5.96 -21.25
N GLY D 39 17.42 4.77 -21.04
CA GLY D 39 17.95 3.57 -21.65
C GLY D 39 17.50 3.39 -23.09
N LEU D 40 16.27 3.83 -23.37
CA LEU D 40 15.75 3.83 -24.73
C LEU D 40 16.62 4.69 -25.65
N VAL D 41 16.90 5.92 -25.22
CA VAL D 41 17.78 6.82 -25.96
C VAL D 41 19.14 6.16 -26.21
N ARG D 42 19.61 5.40 -25.23
CA ARG D 42 20.86 4.66 -25.37
C ARG D 42 20.71 3.57 -26.42
N PHE D 43 19.79 2.65 -26.20
CA PHE D 43 19.56 1.53 -27.11
C PHE D 43 19.30 2.02 -28.53
N LEU D 44 18.56 3.12 -28.65
CA LEU D 44 18.35 3.78 -29.94
C LEU D 44 19.68 4.09 -30.62
N ASN D 45 20.60 4.67 -29.86
CA ASN D 45 21.89 5.07 -30.39
C ASN D 45 22.86 3.90 -30.50
N SER D 46 22.66 2.89 -29.66
CA SER D 46 23.45 1.66 -29.72
C SER D 46 23.22 0.96 -31.05
N LEU D 47 22.06 1.21 -31.65
CA LEU D 47 21.74 0.71 -32.99
C LEU D 47 22.56 1.44 -34.05
N GLY D 48 22.88 2.71 -33.79
CA GLY D 48 23.64 3.50 -34.74
C GLY D 48 22.89 3.72 -36.04
N THR D 49 21.99 4.70 -36.05
CA THR D 49 21.15 4.97 -37.20
C THR D 49 21.20 6.44 -37.60
N ILE D 50 20.30 6.82 -38.50
CA ILE D 50 20.13 8.21 -38.92
C ILE D 50 19.13 8.87 -37.98
N PHE D 51 18.35 8.04 -37.29
CA PHE D 51 17.35 8.53 -36.34
C PHE D 51 17.97 8.89 -34.99
N SER D 52 19.27 8.61 -34.84
CA SER D 52 20.00 9.00 -33.64
C SER D 52 20.08 10.51 -33.49
N PHE D 53 19.58 11.24 -34.49
CA PHE D 53 19.42 12.68 -34.40
C PHE D 53 18.48 13.01 -33.25
N ILE D 54 17.23 12.58 -33.40
CA ILE D 54 16.14 12.92 -32.47
C ILE D 54 16.40 12.58 -30.98
N SER D 55 17.48 11.85 -30.70
CA SER D 55 17.96 11.66 -29.32
C SER D 55 18.20 13.02 -28.67
N LYS D 56 18.72 13.95 -29.46
CA LYS D 56 18.95 15.32 -28.99
C LYS D 56 17.67 15.98 -28.49
N ASP D 57 16.56 15.76 -29.20
CA ASP D 57 15.28 16.36 -28.81
C ASP D 57 14.66 15.67 -27.60
N VAL D 58 14.77 14.34 -27.55
CA VAL D 58 14.27 13.56 -26.42
C VAL D 58 14.98 13.95 -25.12
N VAL D 59 16.32 13.98 -25.16
CA VAL D 59 17.10 14.39 -24.00
C VAL D 59 16.70 15.80 -23.55
N SER D 60 16.46 16.69 -24.51
CA SER D 60 15.93 18.02 -24.21
C SER D 60 14.61 17.94 -23.45
N LYS D 61 13.69 17.12 -23.95
CA LYS D 61 12.40 16.89 -23.29
C LYS D 61 12.59 16.23 -21.92
N LEU D 62 13.69 15.48 -21.78
CA LEU D 62 14.02 14.84 -20.51
C LEU D 62 14.65 15.83 -19.53
N ARG D 63 15.57 16.64 -20.03
CA ARG D 63 16.22 17.66 -19.20
C ARG D 63 15.19 18.61 -18.59
N ILE D 64 14.11 18.85 -19.33
CA ILE D 64 13.01 19.67 -18.82
C ILE D 64 12.38 18.99 -17.61
N MET D 65 12.04 17.72 -17.77
CA MET D 65 11.35 16.98 -16.71
C MET D 65 12.22 16.77 -15.49
N GLU D 66 13.52 16.67 -15.70
CA GLU D 66 14.45 16.52 -14.58
C GLU D 66 14.54 17.81 -13.75
N ARG D 67 14.48 18.96 -14.42
CA ARG D 67 14.58 20.25 -13.73
C ARG D 67 13.40 20.49 -12.80
N LEU D 68 12.19 20.20 -13.28
CA LEU D 68 11.00 20.33 -12.44
C LEU D 68 11.11 19.33 -11.27
N ARG D 69 11.69 18.19 -11.56
CA ARG D 69 11.87 17.12 -10.58
C ARG D 69 12.93 17.50 -9.53
N GLY D 70 13.71 18.54 -9.83
CA GLY D 70 14.71 19.05 -8.90
C GLY D 70 14.47 20.48 -8.49
N GLY D 71 13.24 20.95 -8.70
CA GLY D 71 12.87 22.31 -8.34
C GLY D 71 12.32 22.44 -6.94
N PRO D 72 11.80 23.63 -6.60
CA PRO D 72 11.19 23.91 -5.30
C PRO D 72 9.80 23.31 -5.22
N GLN D 73 9.27 22.93 -6.38
CA GLN D 73 8.00 22.23 -6.47
C GLN D 73 8.24 20.78 -6.90
N SER D 74 9.33 20.20 -6.41
CA SER D 74 9.78 18.89 -6.84
C SER D 74 8.75 17.78 -6.60
N GLU D 75 8.23 17.71 -5.37
CA GLU D 75 7.39 16.57 -5.00
C GLU D 75 5.97 16.62 -5.59
N HIS D 76 5.70 17.59 -6.45
CA HIS D 76 4.46 17.59 -7.22
C HIS D 76 4.72 16.91 -8.56
N TYR D 77 5.99 16.63 -8.82
CA TYR D 77 6.43 15.99 -10.05
C TYR D 77 6.93 14.58 -9.78
N ARG D 78 6.45 13.96 -8.71
CA ARG D 78 6.84 12.58 -8.40
C ARG D 78 6.14 11.60 -9.31
N SER D 79 4.93 11.96 -9.74
CA SER D 79 4.10 11.10 -10.57
C SER D 79 3.27 11.97 -11.50
N LEU D 80 2.83 11.41 -12.62
CA LEU D 80 2.12 12.20 -13.61
C LEU D 80 0.80 12.74 -13.08
N GLN D 81 0.09 11.92 -12.31
CA GLN D 81 -1.17 12.34 -11.70
C GLN D 81 -0.95 13.60 -10.86
N ALA D 82 0.11 13.56 -10.06
CA ALA D 82 0.52 14.70 -9.25
C ALA D 82 0.84 15.90 -10.14
N MET D 83 1.55 15.65 -11.24
CA MET D 83 1.92 16.70 -12.17
C MET D 83 0.68 17.39 -12.76
N VAL D 84 -0.34 16.60 -13.07
CA VAL D 84 -1.57 17.13 -13.64
C VAL D 84 -2.27 18.06 -12.66
N ALA D 85 -2.54 17.54 -11.48
CA ALA D 85 -3.20 18.30 -10.43
C ALA D 85 -2.45 19.59 -10.12
N HIS D 86 -1.13 19.50 -10.00
CA HIS D 86 -0.32 20.66 -9.67
C HIS D 86 -0.35 21.77 -10.73
N GLU D 87 -0.44 21.38 -12.00
CA GLU D 87 -0.37 22.34 -13.10
C GLU D 87 -1.75 22.77 -13.60
N LEU D 88 -2.76 21.93 -13.38
CA LEU D 88 -4.13 22.29 -13.75
C LEU D 88 -4.72 23.25 -12.72
N SER D 89 -4.41 23.02 -11.45
CA SER D 89 -4.89 23.88 -10.36
C SER D 89 -4.15 25.21 -10.33
N ASN D 90 -2.82 25.16 -10.33
CA ASN D 90 -2.02 26.38 -10.23
C ASN D 90 -1.92 27.12 -11.56
N ARG D 91 -2.59 26.60 -12.59
CA ARG D 91 -2.58 27.18 -13.94
C ARG D 91 -1.15 27.33 -14.48
N LEU D 92 -0.47 26.20 -14.69
CA LEU D 92 0.93 26.21 -15.12
C LEU D 92 1.13 25.61 -16.50
N VAL D 93 0.07 25.64 -17.32
CA VAL D 93 0.11 25.01 -18.63
C VAL D 93 -0.76 25.75 -19.64
N ASP D 94 -0.20 26.07 -20.80
CA ASP D 94 -0.97 26.72 -21.87
C ASP D 94 -1.96 25.71 -22.44
N LEU D 95 -3.19 26.15 -22.68
CA LEU D 95 -4.25 25.25 -23.13
C LEU D 95 -4.57 25.35 -24.62
N GLU D 96 -4.73 26.58 -25.10
CA GLU D 96 -5.08 26.79 -26.51
C GLU D 96 -3.85 27.01 -27.39
N ARG D 97 -3.01 27.96 -27.01
CA ARG D 97 -1.80 28.26 -27.76
C ARG D 97 -0.61 28.54 -26.84
N ARG D 98 0.56 28.06 -27.25
CA ARG D 98 1.80 28.25 -26.50
C ARG D 98 2.11 29.72 -26.27
N SER D 99 2.48 30.06 -25.05
CA SER D 99 2.79 31.43 -24.66
C SER D 99 3.50 31.75 -23.35
N HIS D 100 2.80 31.52 -22.24
CA HIS D 100 3.40 31.63 -20.91
C HIS D 100 4.22 30.41 -20.50
N HIS D 101 3.70 29.22 -20.78
CA HIS D 101 4.40 27.99 -20.41
C HIS D 101 4.61 27.05 -21.60
N PRO D 102 5.63 27.32 -22.42
CA PRO D 102 5.95 26.49 -23.58
C PRO D 102 6.52 25.13 -23.18
N GLU D 103 7.39 25.12 -22.17
CA GLU D 103 8.03 23.90 -21.71
C GLU D 103 7.39 23.37 -20.43
N SER D 104 6.06 23.29 -20.43
CA SER D 104 5.32 22.74 -19.31
C SER D 104 5.57 21.23 -19.16
N GLY D 105 5.41 20.72 -17.95
CA GLY D 105 5.61 19.31 -17.69
C GLY D 105 4.54 18.44 -18.32
N CYS D 106 3.30 18.94 -18.30
CA CYS D 106 2.17 18.17 -18.80
C CYS D 106 2.22 17.95 -20.31
N ARG D 107 2.83 18.89 -21.03
CA ARG D 107 2.94 18.75 -22.47
C ARG D 107 4.19 17.99 -22.89
N THR D 108 5.26 18.16 -22.13
CA THR D 108 6.52 17.48 -22.44
C THR D 108 6.37 15.95 -22.34
N VAL D 109 5.79 15.48 -21.26
CA VAL D 109 5.46 14.06 -21.11
C VAL D 109 4.56 13.56 -22.26
N LEU D 110 3.58 14.37 -22.63
CA LEU D 110 2.67 14.04 -23.72
C LEU D 110 3.40 13.70 -25.04
N ARG D 111 4.54 14.35 -25.26
CA ARG D 111 5.36 14.05 -26.44
C ARG D 111 6.09 12.74 -26.27
N LEU D 112 6.50 12.44 -25.03
CA LEU D 112 7.12 11.16 -24.72
C LEU D 112 6.07 10.05 -24.73
N HIS D 113 4.88 10.39 -24.25
CA HIS D 113 3.75 9.48 -24.27
C HIS D 113 3.42 9.04 -25.70
N ARG D 114 3.32 10.02 -26.59
CA ARG D 114 3.01 9.75 -27.99
C ARG D 114 4.05 8.85 -28.65
N ALA D 115 5.33 9.13 -28.37
CA ALA D 115 6.42 8.34 -28.94
C ALA D 115 6.38 6.92 -28.39
N LEU D 116 5.91 6.78 -27.16
CA LEU D 116 5.78 5.48 -26.53
C LEU D 116 4.78 4.61 -27.29
N HIS D 117 3.77 5.26 -27.86
CA HIS D 117 2.73 4.58 -28.62
C HIS D 117 3.29 3.93 -29.89
N TRP D 118 4.05 4.71 -30.66
CA TRP D 118 4.68 4.19 -31.86
C TRP D 118 5.62 3.03 -31.53
N LEU D 119 6.35 3.15 -30.43
CA LEU D 119 7.35 2.16 -30.05
C LEU D 119 6.75 0.79 -29.79
N GLN D 120 5.68 0.75 -29.01
CA GLN D 120 5.00 -0.51 -28.70
C GLN D 120 4.26 -1.06 -29.91
N LEU D 121 3.85 -0.18 -30.82
CA LEU D 121 3.23 -0.63 -32.06
C LEU D 121 4.27 -1.30 -32.94
N PHE D 122 5.38 -0.61 -33.14
CA PHE D 122 6.48 -1.15 -33.95
C PHE D 122 7.00 -2.48 -33.40
N LEU D 123 7.08 -2.57 -32.08
CA LEU D 123 7.59 -3.79 -31.43
C LEU D 123 6.55 -4.91 -31.40
N GLU D 124 5.28 -4.57 -31.53
CA GLU D 124 4.24 -5.58 -31.60
C GLU D 124 4.04 -6.01 -33.05
N GLY D 125 4.25 -5.06 -33.96
CA GLY D 125 4.25 -5.36 -35.38
C GLY D 125 5.46 -6.22 -35.69
N LEU D 126 6.52 -6.02 -34.91
CA LEU D 126 7.76 -6.78 -35.08
C LEU D 126 7.61 -8.19 -34.53
N ARG D 127 6.83 -8.33 -33.45
CA ARG D 127 6.57 -9.63 -32.86
C ARG D 127 5.64 -10.44 -33.74
N THR D 128 4.55 -9.80 -34.20
CA THR D 128 3.65 -10.40 -35.18
C THR D 128 4.13 -10.09 -36.59
N SER D 129 5.29 -10.63 -36.95
CA SER D 129 5.90 -10.33 -38.24
C SER D 129 6.35 -11.61 -38.94
N PRO D 130 6.06 -11.73 -40.24
CA PRO D 130 6.50 -12.89 -41.02
C PRO D 130 8.02 -12.86 -41.24
N GLU D 131 8.60 -14.01 -41.57
CA GLU D 131 10.05 -14.17 -41.69
C GLU D 131 10.69 -13.21 -42.70
N ASP D 132 9.91 -12.79 -43.69
CA ASP D 132 10.38 -11.91 -44.74
C ASP D 132 10.12 -10.41 -44.63
N ALA D 133 9.29 -10.05 -43.65
CA ALA D 133 8.71 -8.71 -43.43
C ALA D 133 9.70 -7.55 -43.55
N ARG D 134 9.27 -6.51 -44.24
CA ARG D 134 10.09 -5.32 -44.44
C ARG D 134 10.02 -4.40 -43.22
N THR D 135 11.17 -4.15 -42.60
CA THR D 135 11.26 -3.21 -41.49
C THR D 135 10.81 -1.83 -41.96
N SER D 136 11.08 -1.53 -43.22
CA SER D 136 10.68 -0.25 -43.82
C SER D 136 9.16 -0.05 -43.75
N ALA D 137 8.43 -1.16 -43.86
CA ALA D 137 6.97 -1.12 -43.85
C ALA D 137 6.43 -1.11 -42.44
N LEU D 138 7.01 -1.94 -41.58
CA LEU D 138 6.58 -2.08 -40.19
C LEU D 138 6.62 -0.76 -39.40
N CYS D 139 7.67 0.02 -39.59
CA CYS D 139 7.75 1.32 -38.92
C CYS D 139 6.75 2.32 -39.53
N ALA D 140 6.73 2.44 -40.86
CA ALA D 140 5.80 3.38 -41.50
C ALA D 140 4.33 3.04 -41.24
N ASP D 141 4.01 1.75 -41.10
CA ASP D 141 2.67 1.33 -40.73
C ASP D 141 2.33 1.84 -39.34
N SER D 142 3.28 1.70 -38.42
CA SER D 142 3.11 2.17 -37.05
C SER D 142 3.29 3.68 -36.91
N TYR D 143 4.17 4.27 -37.72
CA TYR D 143 4.38 5.71 -37.67
C TYR D 143 3.14 6.47 -38.10
N ASN D 144 2.53 6.00 -39.20
CA ASN D 144 1.29 6.58 -39.70
C ASN D 144 0.12 6.27 -38.77
N ALA D 145 0.25 5.19 -38.01
CA ALA D 145 -0.79 4.78 -37.06
C ALA D 145 -0.79 5.65 -35.80
N SER D 146 0.27 6.44 -35.60
CA SER D 146 0.47 7.16 -34.36
C SER D 146 1.00 8.57 -34.54
N LEU D 147 2.31 8.66 -34.75
CA LEU D 147 3.03 9.93 -34.73
C LEU D 147 2.76 10.83 -35.94
N ALA D 148 2.41 10.23 -37.08
CA ALA D 148 2.16 11.02 -38.29
C ALA D 148 0.96 11.97 -38.14
N ALA D 149 0.13 11.74 -37.12
CA ALA D 149 -0.99 12.62 -36.84
C ALA D 149 -0.48 14.01 -36.44
N TYR D 150 0.51 14.04 -35.56
CA TYR D 150 0.97 15.28 -34.94
C TYR D 150 2.11 15.95 -35.71
N HIS D 151 2.40 15.43 -36.89
CA HIS D 151 3.48 15.98 -37.69
C HIS D 151 2.94 16.53 -39.00
N PRO D 152 3.49 17.67 -39.47
CA PRO D 152 3.14 18.20 -40.80
C PRO D 152 3.63 17.25 -41.89
N TRP D 153 3.20 17.47 -43.14
CA TRP D 153 3.52 16.58 -44.25
C TRP D 153 5.01 16.45 -44.55
N VAL D 154 5.67 17.59 -44.67
CA VAL D 154 7.09 17.67 -44.97
C VAL D 154 7.93 16.72 -44.12
N VAL D 155 7.73 16.74 -42.80
CA VAL D 155 8.47 15.86 -41.91
C VAL D 155 8.03 14.39 -42.04
N ARG D 156 6.76 14.17 -42.37
CA ARG D 156 6.26 12.81 -42.62
C ARG D 156 6.89 12.23 -43.88
N ARG D 157 6.98 13.04 -44.92
CA ARG D 157 7.51 12.59 -46.21
C ARG D 157 9.01 12.32 -46.12
N ALA D 158 9.65 12.83 -45.06
CA ALA D 158 11.08 12.62 -44.85
C ALA D 158 11.34 11.48 -43.86
N VAL D 159 10.52 11.41 -42.81
CA VAL D 159 10.58 10.31 -41.84
C VAL D 159 10.34 8.97 -42.53
N THR D 160 9.36 8.95 -43.43
CA THR D 160 9.02 7.76 -44.19
C THR D 160 10.18 7.28 -45.08
N VAL D 161 10.87 8.22 -45.73
CA VAL D 161 12.01 7.87 -46.59
C VAL D 161 13.18 7.30 -45.79
N ALA D 162 13.45 7.90 -44.64
CA ALA D 162 14.58 7.49 -43.79
C ALA D 162 14.35 6.12 -43.17
N PHE D 163 13.11 5.67 -43.22
CA PHE D 163 12.73 4.34 -42.76
C PHE D 163 13.38 3.27 -43.64
N CYS D 164 13.78 3.65 -44.85
CA CYS D 164 14.40 2.75 -45.81
C CYS D 164 15.91 2.68 -45.64
N THR D 165 16.41 3.35 -44.61
CA THR D 165 17.82 3.28 -44.25
C THR D 165 17.96 2.31 -43.09
N LEU D 166 16.82 1.91 -42.53
CA LEU D 166 16.80 1.01 -41.39
C LEU D 166 17.35 -0.36 -41.76
N PRO D 167 17.97 -1.04 -40.79
CA PRO D 167 18.37 -2.44 -40.98
C PRO D 167 17.12 -3.30 -41.13
N THR D 168 17.27 -4.61 -41.09
CA THR D 168 16.17 -5.49 -41.45
C THR D 168 15.79 -6.47 -40.31
N ARG D 169 14.57 -7.01 -40.41
CA ARG D 169 13.91 -7.78 -39.35
C ARG D 169 14.78 -8.72 -38.50
N GLU D 170 15.38 -9.71 -39.13
CA GLU D 170 16.16 -10.71 -38.42
C GLU D 170 17.36 -10.11 -37.65
N VAL D 171 17.96 -9.07 -38.21
CA VAL D 171 19.06 -8.39 -37.54
C VAL D 171 18.52 -7.46 -36.46
N PHE D 172 17.31 -6.97 -36.64
CA PHE D 172 16.69 -6.04 -35.70
C PHE D 172 16.38 -6.75 -34.38
N LEU D 173 16.20 -8.06 -34.46
CA LEU D 173 15.97 -8.89 -33.28
C LEU D 173 17.32 -9.29 -32.69
N GLU D 174 18.30 -9.46 -33.55
CA GLU D 174 19.65 -9.80 -33.13
C GLU D 174 20.34 -8.57 -32.56
N ALA D 175 19.86 -7.39 -32.96
CA ALA D 175 20.39 -6.13 -32.46
C ALA D 175 19.90 -5.83 -31.05
N MET D 176 19.02 -6.69 -30.54
CA MET D 176 18.47 -6.53 -29.20
C MET D 176 19.41 -7.15 -28.15
N ASN D 177 20.42 -7.89 -28.62
CA ASN D 177 21.45 -8.49 -27.77
C ASN D 177 20.88 -9.46 -26.73
N VAL D 178 19.79 -10.13 -27.09
CA VAL D 178 19.29 -11.27 -26.34
C VAL D 178 19.67 -12.50 -27.14
N GLY D 179 20.30 -12.24 -28.29
CA GLY D 179 20.80 -13.27 -29.16
C GLY D 179 19.80 -13.70 -30.21
N PRO D 180 19.41 -14.99 -30.18
CA PRO D 180 18.51 -15.62 -31.15
C PRO D 180 17.17 -14.91 -31.29
N PRO D 181 16.70 -14.72 -32.53
CA PRO D 181 15.46 -14.02 -32.88
C PRO D 181 14.24 -14.60 -32.19
N GLU D 182 14.14 -15.92 -32.16
CA GLU D 182 12.99 -16.58 -31.58
C GLU D 182 12.98 -16.50 -30.05
N GLN D 183 14.06 -15.98 -29.49
CA GLN D 183 14.10 -15.63 -28.07
C GLN D 183 13.76 -14.15 -27.91
N ALA D 184 14.05 -13.36 -28.95
CA ALA D 184 13.66 -11.95 -28.97
C ALA D 184 12.15 -11.80 -29.13
N VAL D 185 11.60 -12.54 -30.10
CA VAL D 185 10.15 -12.61 -30.29
C VAL D 185 9.50 -13.24 -29.07
N GLN D 186 10.22 -14.15 -28.43
CA GLN D 186 9.81 -14.69 -27.14
C GLN D 186 9.77 -13.55 -26.12
N MET D 187 10.87 -12.80 -26.05
CA MET D 187 11.03 -11.72 -25.09
C MET D 187 9.99 -10.62 -25.23
N LEU D 188 9.75 -10.16 -26.46
CA LEU D 188 8.84 -9.06 -26.72
C LEU D 188 7.43 -9.30 -26.20
N GLY D 189 6.93 -10.53 -26.35
CA GLY D 189 5.63 -10.90 -25.82
C GLY D 189 5.64 -10.99 -24.30
N GLU D 190 6.81 -10.83 -23.69
CA GLU D 190 6.95 -10.97 -22.25
C GLU D 190 7.34 -9.65 -21.61
N ALA D 191 7.80 -8.70 -22.42
CA ALA D 191 8.30 -7.43 -21.91
C ALA D 191 7.28 -6.32 -22.17
N LEU D 192 6.72 -6.32 -23.37
CA LEU D 192 5.73 -5.32 -23.78
C LEU D 192 4.54 -5.11 -22.80
N PRO D 193 4.05 -6.17 -22.14
CA PRO D 193 3.04 -6.02 -21.08
C PRO D 193 3.28 -4.89 -20.07
N PHE D 194 4.51 -4.40 -19.94
CA PHE D 194 4.83 -3.37 -18.97
C PHE D 194 4.79 -1.95 -19.54
N ILE D 195 5.40 -1.75 -20.71
CA ILE D 195 5.37 -0.45 -21.36
C ILE D 195 3.95 -0.09 -21.82
N GLN D 196 3.10 -1.11 -21.96
CA GLN D 196 1.69 -0.91 -22.32
C GLN D 196 0.89 -0.30 -21.18
N ARG D 197 0.84 -1.01 -20.05
CA ARG D 197 0.09 -0.57 -18.88
C ARG D 197 0.47 0.85 -18.47
N VAL D 198 1.75 1.19 -18.60
CA VAL D 198 2.21 2.55 -18.39
C VAL D 198 1.53 3.49 -19.38
N TYR D 199 1.58 3.14 -20.67
CA TYR D 199 0.92 3.93 -21.70
C TYR D 199 -0.59 4.04 -21.46
N ASN D 200 -1.23 2.90 -21.22
CA ASN D 200 -2.67 2.88 -20.96
C ASN D 200 -3.08 3.80 -19.81
N VAL D 201 -2.39 3.66 -18.68
CA VAL D 201 -2.62 4.50 -17.51
C VAL D 201 -2.46 5.98 -17.86
N SER D 202 -1.30 6.33 -18.43
CA SER D 202 -1.00 7.69 -18.83
C SER D 202 -1.99 8.24 -19.85
N GLN D 203 -2.52 7.36 -20.69
CA GLN D 203 -3.54 7.74 -21.66
C GLN D 203 -4.85 8.11 -20.96
N LYS D 204 -5.30 7.27 -20.02
CA LYS D 204 -6.53 7.51 -19.27
C LYS D 204 -6.45 8.81 -18.50
N LEU D 205 -5.26 9.08 -17.99
CA LEU D 205 -5.03 10.29 -17.22
C LEU D 205 -5.18 11.48 -18.15
N TYR D 206 -4.45 11.45 -19.27
CA TYR D 206 -4.48 12.55 -20.23
C TYR D 206 -5.82 12.70 -20.92
N ALA D 207 -6.58 11.62 -21.01
CA ALA D 207 -7.89 11.64 -21.65
C ALA D 207 -8.95 12.26 -20.75
N GLU D 208 -9.09 11.72 -19.55
CA GLU D 208 -10.10 12.19 -18.60
C GLU D 208 -9.93 13.65 -18.20
N HIS D 209 -8.71 14.14 -18.27
CA HIS D 209 -8.40 15.54 -17.99
C HIS D 209 -8.36 16.37 -19.27
N SER D 210 -8.76 15.77 -20.38
CA SER D 210 -8.78 16.43 -21.69
C SER D 210 -7.46 17.13 -22.02
N LEU D 211 -6.39 16.34 -22.16
CA LEU D 211 -5.04 16.88 -22.29
C LEU D 211 -4.27 16.34 -23.50
N LEU D 212 -4.95 15.62 -24.37
CA LEU D 212 -4.29 14.93 -25.48
C LEU D 212 -3.92 15.84 -26.65
N ASP D 213 -4.36 17.10 -26.60
CA ASP D 213 -4.24 17.99 -27.75
C ASP D 213 -3.40 19.25 -27.50
N LEU D 214 -2.64 19.25 -26.41
CA LEU D 214 -1.87 20.43 -26.00
C LEU D 214 -0.93 20.94 -27.09
N PRO D 215 -0.73 22.26 -27.15
CA PRO D 215 0.34 22.83 -27.98
C PRO D 215 1.67 22.67 -27.27
N PHE E 9 10.90 -3.13 55.22
CA PHE E 9 11.16 -3.74 56.53
C PHE E 9 12.52 -4.41 56.59
N ASN E 10 12.71 -5.30 57.56
CA ASN E 10 13.95 -6.08 57.69
C ASN E 10 14.26 -6.79 56.38
N LEU E 11 14.87 -6.06 55.46
CA LEU E 11 15.24 -6.60 54.15
C LEU E 11 16.48 -7.49 54.27
N LYS E 12 16.49 -8.32 55.30
CA LYS E 12 17.49 -9.36 55.47
C LYS E 12 16.86 -10.67 55.03
N VAL E 13 15.65 -10.93 55.51
CA VAL E 13 14.97 -12.19 55.22
C VAL E 13 14.53 -12.33 53.76
N VAL E 14 14.73 -11.27 52.96
CA VAL E 14 14.55 -11.37 51.51
C VAL E 14 15.64 -12.29 50.96
N LEU E 15 16.85 -12.14 51.49
CA LEU E 15 18.00 -12.97 51.16
C LEU E 15 17.66 -14.44 51.40
N VAL E 16 17.23 -14.75 52.63
CA VAL E 16 16.90 -16.12 53.03
C VAL E 16 15.81 -16.73 52.15
N SER E 17 14.95 -15.88 51.57
CA SER E 17 13.91 -16.34 50.68
C SER E 17 14.40 -16.42 49.23
N PHE E 18 15.23 -15.46 48.83
CA PHE E 18 15.90 -15.50 47.53
C PHE E 18 16.88 -16.66 47.47
N LYS E 19 17.36 -17.09 48.63
CA LYS E 19 18.14 -18.32 48.74
C LYS E 19 17.23 -19.52 48.53
N GLN E 20 16.03 -19.44 49.09
CA GLN E 20 15.06 -20.54 49.04
C GLN E 20 14.36 -20.70 47.69
N CYS E 21 14.67 -19.82 46.74
CA CYS E 21 14.07 -19.89 45.41
C CYS E 21 14.75 -20.94 44.53
N LEU E 22 16.07 -20.89 44.46
CA LEU E 22 16.84 -21.75 43.58
C LEU E 22 17.28 -23.04 44.29
N ASP E 23 16.91 -24.18 43.73
CA ASP E 23 17.24 -25.47 44.34
C ASP E 23 18.25 -26.30 43.54
N GLU E 24 18.34 -27.58 43.87
CA GLU E 24 19.37 -28.47 43.32
C GLU E 24 19.06 -29.00 41.92
N LYS E 25 17.94 -28.57 41.36
CA LYS E 25 17.60 -28.95 39.98
C LYS E 25 17.63 -27.73 39.08
N GLU E 26 18.02 -26.59 39.66
CA GLU E 26 17.88 -25.29 39.02
C GLU E 26 16.41 -25.00 38.69
N GLU E 27 15.53 -25.34 39.62
CA GLU E 27 14.12 -25.00 39.53
C GLU E 27 13.84 -23.71 40.31
N VAL E 28 12.84 -22.97 39.86
CA VAL E 28 12.49 -21.70 40.51
C VAL E 28 11.19 -21.84 41.31
N LEU E 29 11.33 -22.13 42.60
CA LEU E 29 10.19 -22.32 43.49
C LEU E 29 9.39 -21.02 43.60
N LEU E 30 8.13 -21.11 44.02
CA LEU E 30 7.23 -19.97 43.96
C LEU E 30 6.95 -19.30 45.31
N ASP E 31 6.67 -20.09 46.33
CA ASP E 31 6.42 -19.55 47.66
C ASP E 31 7.57 -18.71 48.24
N PRO E 32 8.84 -19.10 47.98
CA PRO E 32 9.90 -18.14 48.30
C PRO E 32 9.89 -16.95 47.34
N TYR E 33 9.67 -17.22 46.06
CA TYR E 33 9.62 -16.17 45.04
C TYR E 33 8.54 -15.14 45.34
N ILE E 34 7.47 -15.57 46.00
CA ILE E 34 6.38 -14.69 46.40
C ILE E 34 6.72 -13.94 47.70
N ALA E 35 7.16 -14.68 48.71
CA ALA E 35 7.54 -14.09 49.99
C ALA E 35 8.67 -13.09 49.83
N SER E 36 9.59 -13.36 48.90
CA SER E 36 10.64 -12.41 48.56
C SER E 36 10.02 -11.12 48.05
N TRP E 37 9.06 -11.27 47.14
CA TRP E 37 8.36 -10.14 46.56
C TRP E 37 7.45 -9.44 47.56
N LYS E 38 6.83 -10.21 48.46
CA LYS E 38 6.06 -9.62 49.55
C LYS E 38 6.99 -8.81 50.47
N GLY E 39 8.27 -9.16 50.46
CA GLY E 39 9.29 -8.40 51.17
C GLY E 39 9.57 -7.07 50.49
N LEU E 40 9.77 -7.11 49.17
CA LEU E 40 10.02 -5.90 48.40
C LEU E 40 8.80 -4.99 48.37
N VAL E 41 7.64 -5.57 48.63
CA VAL E 41 6.43 -4.79 48.83
C VAL E 41 6.58 -3.93 50.08
N ARG E 42 6.98 -4.55 51.19
CA ARG E 42 7.13 -3.86 52.46
C ARG E 42 8.07 -2.65 52.39
N PHE E 43 9.11 -2.73 51.56
CA PHE E 43 10.00 -1.60 51.37
C PHE E 43 9.30 -0.49 50.60
N LEU E 44 8.43 -0.87 49.67
CA LEU E 44 7.69 0.12 48.87
C LEU E 44 6.70 0.90 49.73
N ASN E 45 6.17 0.24 50.76
CA ASN E 45 5.24 0.88 51.68
C ASN E 45 5.95 1.88 52.60
N SER E 46 7.16 1.50 53.05
CA SER E 46 8.00 2.36 53.88
C SER E 46 8.27 3.72 53.23
N LEU E 47 8.39 3.73 51.91
CA LEU E 47 8.61 4.95 51.14
C LEU E 47 7.37 5.84 51.13
N GLY E 48 7.47 6.99 50.46
CA GLY E 48 6.35 7.93 50.37
C GLY E 48 5.09 7.36 49.75
N THR E 49 4.00 8.09 49.84
CA THR E 49 2.72 7.65 49.29
C THR E 49 2.58 8.02 47.82
N ILE E 50 3.69 7.99 47.08
CA ILE E 50 3.66 8.14 45.63
C ILE E 50 4.11 6.83 44.99
N PHE E 51 4.78 6.00 45.78
CA PHE E 51 5.13 4.65 45.36
C PHE E 51 3.98 3.71 45.69
N SER E 52 2.89 4.27 46.19
CA SER E 52 1.68 3.52 46.47
C SER E 52 1.09 2.95 45.19
N PHE E 53 1.16 3.71 44.11
CA PHE E 53 0.56 3.31 42.84
C PHE E 53 1.29 2.18 42.12
N ILE E 54 2.54 1.92 42.54
CA ILE E 54 3.32 0.81 41.98
C ILE E 54 3.19 -0.45 42.82
N SER E 55 2.99 -0.29 44.13
CA SER E 55 2.79 -1.43 45.02
C SER E 55 1.38 -2.01 44.84
N LYS E 56 0.42 -1.16 44.48
CA LYS E 56 -0.92 -1.60 44.11
C LYS E 56 -0.81 -2.64 43.01
N ASP E 57 -0.05 -2.31 41.97
CA ASP E 57 0.18 -3.22 40.85
C ASP E 57 0.83 -4.54 41.31
N VAL E 58 1.96 -4.42 42.01
CA VAL E 58 2.68 -5.58 42.52
C VAL E 58 1.84 -6.55 43.36
N VAL E 59 1.09 -6.02 44.33
CA VAL E 59 0.25 -6.88 45.14
C VAL E 59 -0.82 -7.56 44.28
N SER E 60 -1.36 -6.85 43.28
CA SER E 60 -2.34 -7.41 42.37
C SER E 60 -1.81 -8.66 41.65
N LYS E 61 -0.58 -8.57 41.16
CA LYS E 61 0.09 -9.72 40.55
C LYS E 61 0.30 -10.79 41.60
N LEU E 62 0.76 -10.37 42.78
CA LEU E 62 1.02 -11.29 43.89
C LEU E 62 -0.27 -11.89 44.43
N ARG E 63 -1.39 -11.16 44.31
CA ARG E 63 -2.71 -11.71 44.60
C ARG E 63 -2.91 -12.97 43.76
N ILE E 64 -2.80 -12.80 42.45
CA ILE E 64 -2.95 -13.85 41.47
C ILE E 64 -2.07 -15.06 41.76
N MET E 65 -0.77 -14.81 41.88
CA MET E 65 0.18 -15.89 42.10
C MET E 65 -0.05 -16.63 43.40
N GLU E 66 -0.73 -15.97 44.35
CA GLU E 66 -1.09 -16.60 45.62
C GLU E 66 -2.27 -17.56 45.46
N ARG E 67 -3.21 -17.19 44.59
CA ARG E 67 -4.45 -17.97 44.43
C ARG E 67 -4.28 -19.21 43.57
N LEU E 68 -3.41 -19.14 42.57
CA LEU E 68 -3.09 -20.30 41.74
C LEU E 68 -2.29 -21.29 42.57
N ARG E 69 -1.62 -20.78 43.60
CA ARG E 69 -0.84 -21.60 44.51
C ARG E 69 -1.76 -22.30 45.50
N GLY E 70 -2.91 -21.67 45.79
CA GLY E 70 -3.91 -22.27 46.64
C GLY E 70 -5.02 -22.90 45.85
N GLY E 71 -4.99 -22.70 44.53
CA GLY E 71 -6.04 -23.19 43.65
C GLY E 71 -6.10 -24.69 43.48
N PRO E 72 -7.08 -25.16 42.71
CA PRO E 72 -7.34 -26.59 42.46
C PRO E 72 -6.21 -27.25 41.67
N GLN E 73 -5.49 -26.46 40.86
CA GLN E 73 -4.32 -26.94 40.15
C GLN E 73 -3.05 -26.43 40.83
N SER E 74 -3.08 -26.38 42.16
CA SER E 74 -1.99 -25.85 42.99
C SER E 74 -0.58 -26.31 42.64
N GLU E 75 -0.35 -27.62 42.73
CA GLU E 75 1.01 -28.17 42.66
C GLU E 75 1.61 -28.20 41.25
N HIS E 76 0.95 -27.54 40.30
CA HIS E 76 1.54 -27.28 38.99
C HIS E 76 2.21 -25.90 39.05
N TYR E 77 2.09 -25.26 40.21
CA TYR E 77 2.68 -23.95 40.46
C TYR E 77 3.71 -24.03 41.59
N ARG E 78 4.29 -25.21 41.79
CA ARG E 78 5.35 -25.34 42.79
C ARG E 78 6.62 -24.73 42.21
N SER E 79 6.68 -24.66 40.90
CA SER E 79 7.84 -24.11 40.19
C SER E 79 7.41 -23.27 38.98
N LEU E 80 8.33 -22.47 38.46
CA LEU E 80 8.04 -21.70 37.26
C LEU E 80 8.13 -22.62 36.04
N GLN E 81 9.01 -23.61 36.12
CA GLN E 81 9.14 -24.64 35.09
C GLN E 81 7.86 -25.45 35.02
N ALA E 82 7.36 -25.86 36.18
CA ALA E 82 6.11 -26.60 36.28
C ALA E 82 4.93 -25.76 35.80
N MET E 83 4.99 -24.45 36.03
CA MET E 83 3.92 -23.54 35.66
C MET E 83 3.79 -23.38 34.15
N VAL E 84 4.93 -23.37 33.45
CA VAL E 84 4.94 -23.22 32.00
C VAL E 84 4.39 -24.46 31.30
N ALA E 85 4.92 -25.63 31.67
CA ALA E 85 4.46 -26.89 31.13
C ALA E 85 2.96 -27.08 31.35
N HIS E 86 2.47 -26.64 32.51
CA HIS E 86 1.06 -26.71 32.83
C HIS E 86 0.22 -25.84 31.87
N GLU E 87 0.38 -24.53 31.98
CA GLU E 87 -0.47 -23.59 31.26
C GLU E 87 -0.32 -23.63 29.74
N LEU E 88 0.86 -24.02 29.26
CA LEU E 88 1.09 -24.08 27.82
C LEU E 88 0.40 -25.27 27.18
N SER E 89 0.60 -26.45 27.77
CA SER E 89 -0.03 -27.66 27.27
C SER E 89 -1.55 -27.53 27.30
N ASN E 90 -2.05 -26.87 28.34
CA ASN E 90 -3.49 -26.71 28.53
C ASN E 90 -4.06 -25.41 27.93
N ARG E 91 -3.26 -24.74 27.09
CA ARG E 91 -3.72 -23.54 26.37
C ARG E 91 -4.32 -22.48 27.29
N LEU E 92 -3.68 -22.26 28.43
CA LEU E 92 -4.16 -21.33 29.45
C LEU E 92 -3.45 -19.98 29.35
N VAL E 93 -2.64 -19.80 28.31
CA VAL E 93 -1.87 -18.58 28.16
C VAL E 93 -2.14 -17.89 26.83
N ASP E 94 -2.65 -16.65 26.90
CA ASP E 94 -2.87 -15.87 25.69
C ASP E 94 -1.52 -15.46 25.12
N LEU E 95 -1.18 -16.04 23.96
CA LEU E 95 0.15 -15.89 23.38
C LEU E 95 0.24 -14.74 22.38
N GLU E 96 -0.89 -14.15 22.01
CA GLU E 96 -0.87 -13.15 20.96
C GLU E 96 -1.68 -11.92 21.34
N ARG E 97 -2.79 -12.14 22.02
CA ARG E 97 -3.70 -11.06 22.42
C ARG E 97 -4.31 -11.40 23.76
N ARG E 98 -4.14 -10.50 24.72
CA ARG E 98 -4.70 -10.69 26.05
C ARG E 98 -6.22 -10.74 26.02
N SER E 99 -6.77 -11.96 26.16
CA SER E 99 -8.18 -12.23 25.87
C SER E 99 -8.85 -13.18 26.86
N HIS E 100 -8.62 -14.48 26.70
CA HIS E 100 -9.37 -15.49 27.46
C HIS E 100 -8.80 -15.75 28.86
N HIS E 101 -7.50 -15.63 29.01
CA HIS E 101 -6.86 -15.79 30.30
C HIS E 101 -5.90 -14.62 30.55
N PRO E 102 -6.46 -13.40 30.70
CA PRO E 102 -5.64 -12.19 30.71
C PRO E 102 -4.73 -12.10 31.94
N GLU E 103 -5.01 -12.95 32.92
CA GLU E 103 -4.23 -12.99 34.14
C GLU E 103 -3.61 -14.36 34.34
N SER E 104 -3.02 -14.90 33.27
CA SER E 104 -2.35 -16.19 33.33
C SER E 104 -1.10 -16.11 34.20
N GLY E 105 -0.72 -17.24 34.80
CA GLY E 105 0.45 -17.29 35.65
C GLY E 105 1.72 -16.95 34.91
N CYS E 106 1.76 -17.26 33.62
CA CYS E 106 2.95 -17.01 32.81
C CYS E 106 3.17 -15.53 32.52
N ARG E 107 2.11 -14.83 32.10
CA ARG E 107 2.26 -13.42 31.78
C ARG E 107 2.39 -12.54 33.04
N THR E 108 1.90 -13.06 34.16
CA THR E 108 1.96 -12.34 35.43
C THR E 108 3.38 -12.31 35.97
N VAL E 109 3.97 -13.50 36.06
CA VAL E 109 5.34 -13.64 36.53
C VAL E 109 6.30 -12.91 35.61
N LEU E 110 6.00 -12.93 34.31
CA LEU E 110 6.78 -12.21 33.33
C LEU E 110 6.97 -10.74 33.69
N ARG E 111 5.94 -10.12 34.29
CA ARG E 111 6.02 -8.73 34.73
C ARG E 111 6.87 -8.56 35.99
N LEU E 112 6.83 -9.56 36.86
CA LEU E 112 7.67 -9.58 38.05
C LEU E 112 9.11 -9.87 37.62
N HIS E 113 9.24 -10.70 36.61
CA HIS E 113 10.54 -11.12 36.10
C HIS E 113 11.30 -9.95 35.50
N ARG E 114 10.63 -9.19 34.66
CA ARG E 114 11.23 -8.01 34.04
C ARG E 114 11.66 -6.99 35.09
N ALA E 115 11.01 -7.00 36.24
CA ALA E 115 11.33 -6.09 37.33
C ALA E 115 12.65 -6.50 38.00
N LEU E 116 12.92 -7.81 37.99
CA LEU E 116 14.15 -8.34 38.58
C LEU E 116 15.38 -7.87 37.82
N HIS E 117 15.28 -7.82 36.50
CA HIS E 117 16.38 -7.30 35.69
C HIS E 117 16.68 -5.86 36.06
N TRP E 118 15.63 -5.11 36.43
CA TRP E 118 15.80 -3.74 36.89
C TRP E 118 16.42 -3.68 38.28
N LEU E 119 15.86 -4.46 39.20
CA LEU E 119 16.34 -4.48 40.57
C LEU E 119 17.84 -4.81 40.63
N GLN E 120 18.22 -5.89 39.94
CA GLN E 120 19.61 -6.31 39.86
C GLN E 120 20.47 -5.18 39.29
N LEU E 121 19.95 -4.50 38.28
CA LEU E 121 20.63 -3.35 37.69
C LEU E 121 20.78 -2.19 38.68
N PHE E 122 19.79 -2.02 39.56
CA PHE E 122 19.79 -0.93 40.52
C PHE E 122 20.70 -1.19 41.72
N LEU E 123 20.64 -2.39 42.26
CA LEU E 123 21.48 -2.77 43.39
C LEU E 123 22.97 -2.69 43.04
N GLU E 124 23.32 -3.07 41.82
CA GLU E 124 24.69 -2.90 41.31
C GLU E 124 25.03 -1.42 41.12
N GLY E 125 24.06 -0.65 40.64
CA GLY E 125 24.23 0.78 40.51
C GLY E 125 24.46 1.38 41.88
N LEU E 126 23.79 0.79 42.88
CA LEU E 126 23.84 1.28 44.26
C LEU E 126 25.21 1.05 44.92
N ARG E 127 25.79 -0.14 44.72
CA ARG E 127 27.13 -0.41 45.22
C ARG E 127 28.27 0.36 44.54
N THR E 128 28.54 0.04 43.27
CA THR E 128 29.61 0.69 42.51
C THR E 128 29.24 2.14 42.27
N SER E 129 29.33 2.94 43.31
CA SER E 129 28.90 4.33 43.22
C SER E 129 29.47 5.13 44.39
N PRO E 130 29.65 6.44 44.17
CA PRO E 130 30.12 7.35 45.21
C PRO E 130 29.09 7.49 46.32
N GLU E 131 29.46 8.15 47.41
CA GLU E 131 28.51 8.51 48.45
C GLU E 131 27.84 9.80 48.04
N ASP E 132 28.50 10.52 47.13
CA ASP E 132 27.93 11.69 46.48
C ASP E 132 27.17 11.27 45.23
N ALA E 133 26.22 10.36 45.41
CA ALA E 133 25.40 9.85 44.31
C ALA E 133 23.93 9.95 44.68
N ARG E 134 23.15 10.56 43.79
CA ARG E 134 21.71 10.70 44.02
C ARG E 134 20.98 9.40 43.73
N THR E 135 20.20 8.93 44.69
CA THR E 135 19.38 7.74 44.51
C THR E 135 18.50 7.86 43.26
N SER E 136 18.02 9.07 43.01
CA SER E 136 17.19 9.34 41.83
C SER E 136 17.95 9.07 40.54
N ALA E 137 19.24 9.39 40.53
CA ALA E 137 20.10 9.13 39.38
C ALA E 137 20.32 7.63 39.19
N LEU E 138 20.59 6.93 40.30
CA LEU E 138 20.77 5.48 40.27
C LEU E 138 19.52 4.74 39.82
N CYS E 139 18.36 5.20 40.28
CA CYS E 139 17.09 4.59 39.93
C CYS E 139 16.72 4.82 38.48
N ALA E 140 16.92 6.04 38.00
CA ALA E 140 16.49 6.38 36.65
C ALA E 140 17.43 5.86 35.55
N ASP E 141 18.70 5.70 35.88
CA ASP E 141 19.66 5.14 34.94
C ASP E 141 19.41 3.65 34.73
N SER E 142 19.13 2.94 35.82
CA SER E 142 18.74 1.54 35.76
C SER E 142 17.39 1.39 35.07
N TYR E 143 16.45 2.28 35.38
CA TYR E 143 15.11 2.22 34.81
C TYR E 143 15.14 2.37 33.29
N ASN E 144 15.88 3.34 32.78
CA ASN E 144 15.94 3.59 31.33
C ASN E 144 16.61 2.45 30.58
N ALA E 145 17.59 1.83 31.22
CA ALA E 145 18.35 0.73 30.63
C ALA E 145 17.57 -0.59 30.67
N SER E 146 16.49 -0.61 31.45
CA SER E 146 15.79 -1.85 31.71
C SER E 146 14.28 -1.75 31.47
N LEU E 147 13.54 -1.45 32.52
CA LEU E 147 12.08 -1.54 32.55
C LEU E 147 11.35 -0.48 31.70
N ALA E 148 12.05 0.58 31.29
CA ALA E 148 11.40 1.67 30.57
C ALA E 148 10.89 1.25 29.18
N ALA E 149 11.44 0.18 28.63
CA ALA E 149 11.05 -0.27 27.30
C ALA E 149 9.64 -0.87 27.26
N TYR E 150 9.19 -1.38 28.40
CA TYR E 150 7.88 -2.02 28.49
C TYR E 150 6.82 -1.07 29.02
N HIS E 151 7.16 0.21 29.11
CA HIS E 151 6.28 1.19 29.76
C HIS E 151 5.94 2.39 28.88
N PRO E 152 4.64 2.77 28.85
CA PRO E 152 4.19 3.93 28.07
C PRO E 152 4.82 5.21 28.59
N TRP E 153 4.66 6.30 27.86
CA TRP E 153 5.27 7.57 28.24
C TRP E 153 4.83 8.06 29.62
N VAL E 154 3.52 8.00 29.89
CA VAL E 154 2.99 8.48 31.17
C VAL E 154 3.49 7.68 32.37
N VAL E 155 3.59 6.36 32.21
CA VAL E 155 4.06 5.50 33.27
C VAL E 155 5.56 5.74 33.50
N ARG E 156 6.30 5.95 32.42
CA ARG E 156 7.70 6.35 32.50
C ARG E 156 7.81 7.68 33.24
N ARG E 157 6.89 8.60 32.92
CA ARG E 157 6.87 9.93 33.52
C ARG E 157 6.57 9.85 35.01
N ALA E 158 5.51 9.12 35.35
CA ALA E 158 5.08 8.99 36.74
C ALA E 158 6.14 8.28 37.60
N VAL E 159 7.02 7.53 36.94
CA VAL E 159 8.08 6.81 37.64
C VAL E 159 9.33 7.67 37.83
N THR E 160 9.73 8.39 36.78
CA THR E 160 10.85 9.34 36.89
C THR E 160 10.57 10.42 37.92
N VAL E 161 9.33 10.90 37.94
CA VAL E 161 8.92 11.89 38.94
C VAL E 161 9.07 11.32 40.35
N ALA E 162 8.60 10.10 40.55
CA ALA E 162 8.68 9.43 41.85
C ALA E 162 10.13 9.26 42.30
N PHE E 163 11.01 8.94 41.36
CA PHE E 163 12.43 8.74 41.64
C PHE E 163 13.04 10.00 42.23
N CYS E 164 12.60 11.15 41.74
CA CYS E 164 13.16 12.43 42.14
C CYS E 164 12.81 12.76 43.59
N THR E 165 11.76 12.12 44.11
CA THR E 165 11.35 12.32 45.49
C THR E 165 12.07 11.37 46.45
N LEU E 166 12.93 10.51 45.91
CA LEU E 166 13.76 9.63 46.72
C LEU E 166 14.78 10.44 47.53
N PRO E 167 15.26 9.87 48.64
CA PRO E 167 16.32 10.55 49.42
C PRO E 167 17.71 10.32 48.82
N THR E 168 18.72 10.18 49.67
CA THR E 168 20.06 9.82 49.22
C THR E 168 20.46 8.50 49.89
N ARG E 169 21.46 7.82 49.34
CA ARG E 169 21.84 6.48 49.80
C ARG E 169 22.06 6.31 51.30
N GLU E 170 22.74 7.27 51.92
CA GLU E 170 23.02 7.19 53.35
C GLU E 170 21.73 7.04 54.17
N VAL E 171 20.67 7.71 53.72
CA VAL E 171 19.37 7.57 54.37
C VAL E 171 18.66 6.33 53.82
N PHE E 172 18.83 6.09 52.53
CA PHE E 172 18.25 4.94 51.85
C PHE E 172 18.71 3.63 52.48
N LEU E 173 20.04 3.45 52.54
CA LEU E 173 20.65 2.24 53.07
C LEU E 173 20.33 2.01 54.55
N GLU E 174 19.86 3.06 55.22
CA GLU E 174 19.37 2.94 56.59
C GLU E 174 18.00 2.28 56.57
N ALA E 175 17.17 2.67 55.62
CA ALA E 175 15.78 2.23 55.55
C ALA E 175 15.64 0.71 55.41
N MET E 176 16.73 0.05 55.04
CA MET E 176 16.73 -1.41 54.92
C MET E 176 16.85 -2.08 56.28
N ASN E 177 17.00 -1.26 57.33
CA ASN E 177 16.91 -1.71 58.71
C ASN E 177 17.78 -2.90 59.08
N VAL E 178 18.95 -3.01 58.45
CA VAL E 178 19.92 -4.01 58.82
C VAL E 178 21.07 -3.35 59.58
N GLY E 179 20.88 -2.08 59.91
CA GLY E 179 21.87 -1.33 60.65
C GLY E 179 22.58 -0.30 59.79
N PRO E 180 23.85 -0.03 60.11
CA PRO E 180 24.68 1.00 59.45
C PRO E 180 24.82 0.77 57.95
N PRO E 181 24.77 1.85 57.15
CA PRO E 181 24.77 1.83 55.68
C PRO E 181 25.74 0.84 55.02
N GLU E 182 26.99 0.78 55.48
CA GLU E 182 27.97 -0.11 54.88
C GLU E 182 27.63 -1.58 55.11
N GLN E 183 26.95 -1.88 56.21
CA GLN E 183 26.50 -3.24 56.52
C GLN E 183 25.52 -3.73 55.47
N ALA E 184 24.63 -2.84 55.04
CA ALA E 184 23.68 -3.13 53.97
C ALA E 184 24.41 -3.49 52.69
N VAL E 185 25.47 -2.75 52.38
CA VAL E 185 26.28 -2.99 51.19
C VAL E 185 26.98 -4.36 51.26
N GLN E 186 27.43 -4.73 52.45
CA GLN E 186 27.97 -6.06 52.70
C GLN E 186 26.94 -7.14 52.33
N MET E 187 25.69 -6.89 52.69
CA MET E 187 24.60 -7.83 52.46
C MET E 187 24.01 -7.71 51.05
N LEU E 188 24.00 -6.49 50.51
CA LEU E 188 23.46 -6.26 49.17
C LEU E 188 24.24 -7.06 48.13
N GLY E 189 25.55 -7.13 48.31
CA GLY E 189 26.39 -7.87 47.39
C GLY E 189 26.31 -9.36 47.61
N GLU E 190 25.82 -9.77 48.78
CA GLU E 190 25.63 -11.18 49.08
C GLU E 190 24.37 -11.69 48.39
N ALA E 191 23.30 -10.90 48.50
CA ALA E 191 22.01 -11.31 47.95
C ALA E 191 21.91 -11.10 46.44
N LEU E 192 22.86 -10.36 45.87
CA LEU E 192 22.80 -10.03 44.43
C LEU E 192 23.02 -11.22 43.46
N PRO E 193 24.04 -12.06 43.70
CA PRO E 193 24.17 -13.21 42.80
C PRO E 193 23.06 -14.23 43.03
N PHE E 194 22.45 -14.22 44.22
CA PHE E 194 21.25 -15.02 44.49
C PHE E 194 20.10 -14.60 43.57
N ILE E 195 20.00 -13.30 43.32
CA ILE E 195 19.03 -12.75 42.39
C ILE E 195 19.37 -13.12 40.95
N GLN E 196 20.37 -12.45 40.36
CA GLN E 196 20.70 -12.66 38.95
C GLN E 196 20.97 -14.11 38.57
N ARG E 197 20.99 -15.00 39.55
CA ARG E 197 20.86 -16.43 39.28
C ARG E 197 19.40 -16.69 38.91
N VAL E 198 18.50 -16.37 39.83
CA VAL E 198 17.06 -16.54 39.63
C VAL E 198 16.58 -15.87 38.35
N TYR E 199 17.03 -14.63 38.11
CA TYR E 199 16.68 -13.93 36.88
C TYR E 199 17.19 -14.67 35.65
N ASN E 200 18.49 -15.00 35.66
CA ASN E 200 19.11 -15.69 34.53
C ASN E 200 18.51 -17.05 34.23
N VAL E 201 18.06 -17.74 35.28
CA VAL E 201 17.37 -19.03 35.13
C VAL E 201 15.98 -18.82 34.53
N SER E 202 15.22 -17.90 35.13
CA SER E 202 13.85 -17.65 34.69
C SER E 202 13.81 -17.07 33.28
N GLN E 203 14.81 -16.27 32.93
CA GLN E 203 14.93 -15.73 31.57
C GLN E 203 15.21 -16.85 30.57
N LYS E 204 16.08 -17.78 30.95
CA LYS E 204 16.38 -18.97 30.16
C LYS E 204 15.09 -19.73 29.85
N LEU E 205 14.35 -20.04 30.90
CA LEU E 205 13.06 -20.74 30.80
C LEU E 205 12.09 -20.03 29.85
N TYR E 206 11.88 -18.73 30.08
CA TYR E 206 10.96 -17.94 29.27
C TYR E 206 11.40 -17.80 27.82
N ALA E 207 12.70 -17.75 27.60
CA ALA E 207 13.24 -17.61 26.25
C ALA E 207 13.18 -18.93 25.47
N GLU E 208 13.39 -20.03 26.18
CA GLU E 208 13.28 -21.36 25.57
C GLU E 208 11.89 -21.59 24.98
N HIS E 209 10.87 -21.17 25.70
CA HIS E 209 9.48 -21.37 25.27
C HIS E 209 8.87 -20.14 24.59
N SER E 210 9.71 -19.20 24.16
CA SER E 210 9.26 -17.99 23.46
C SER E 210 8.15 -17.19 24.17
N LEU E 211 8.30 -17.00 25.47
CA LEU E 211 7.28 -16.34 26.28
C LEU E 211 7.70 -14.93 26.76
N LEU E 212 8.69 -14.34 26.10
CA LEU E 212 9.27 -13.07 26.51
C LEU E 212 8.46 -11.87 26.05
N ASP E 213 7.49 -12.09 25.17
CA ASP E 213 6.72 -11.00 24.59
C ASP E 213 5.22 -11.19 24.79
N LEU E 214 4.86 -12.00 25.78
CA LEU E 214 3.45 -12.23 26.14
C LEU E 214 2.73 -10.92 26.47
N PRO E 215 1.47 -10.80 26.01
CA PRO E 215 0.63 -9.63 26.33
C PRO E 215 -0.01 -9.80 27.71
N LEU F 11 14.25 36.42 -61.07
CA LEU F 11 13.85 36.87 -59.74
C LEU F 11 13.41 38.33 -59.77
N LYS F 12 14.19 39.15 -60.47
CA LYS F 12 13.79 40.50 -60.79
C LYS F 12 12.43 40.44 -61.46
N VAL F 13 12.38 39.70 -62.56
CA VAL F 13 11.18 39.52 -63.38
C VAL F 13 9.91 39.16 -62.61
N VAL F 14 10.04 38.52 -61.45
CA VAL F 14 8.87 38.23 -60.62
C VAL F 14 8.72 39.24 -59.48
N LEU F 15 9.84 39.84 -59.07
CA LEU F 15 9.82 40.79 -57.97
C LEU F 15 8.94 41.99 -58.32
N VAL F 16 9.14 42.53 -59.52
CA VAL F 16 8.31 43.60 -60.04
C VAL F 16 6.83 43.17 -60.13
N SER F 17 6.59 41.89 -60.42
CA SER F 17 5.24 41.41 -60.74
C SER F 17 4.32 41.23 -59.51
N PHE F 18 4.61 41.97 -58.46
CA PHE F 18 3.71 42.07 -57.31
C PHE F 18 2.84 43.33 -57.40
N LYS F 19 3.00 44.07 -58.50
CA LYS F 19 2.09 45.17 -58.84
C LYS F 19 0.79 44.54 -59.31
N GLN F 20 0.91 43.58 -60.24
CA GLN F 20 -0.23 42.84 -60.75
C GLN F 20 -0.93 42.11 -59.63
N CYS F 21 -0.18 41.80 -58.57
CA CYS F 21 -0.70 41.19 -57.36
C CYS F 21 -1.73 42.07 -56.67
N LEU F 22 -1.38 43.34 -56.46
CA LEU F 22 -2.26 44.30 -55.79
C LEU F 22 -3.21 44.98 -56.79
N ASP F 23 -4.02 45.91 -56.30
CA ASP F 23 -4.95 46.64 -57.17
C ASP F 23 -5.32 48.01 -56.58
N GLU F 24 -6.30 48.67 -57.18
CA GLU F 24 -6.69 50.02 -56.79
C GLU F 24 -7.38 50.12 -55.42
N LYS F 25 -8.25 49.16 -55.12
CA LYS F 25 -8.96 49.15 -53.84
C LYS F 25 -8.08 48.62 -52.71
N GLU F 26 -6.81 48.38 -53.02
CA GLU F 26 -5.93 47.60 -52.16
C GLU F 26 -6.51 46.20 -51.95
N GLU F 27 -7.29 45.77 -52.94
CA GLU F 27 -7.66 44.37 -53.06
C GLU F 27 -6.50 43.70 -53.77
N VAL F 28 -6.14 42.51 -53.32
CA VAL F 28 -5.04 41.79 -53.95
C VAL F 28 -5.58 40.60 -54.74
N LEU F 29 -5.37 40.63 -56.05
CA LEU F 29 -5.76 39.53 -56.90
C LEU F 29 -4.99 38.28 -56.48
N LEU F 30 -5.67 37.14 -56.47
CA LEU F 30 -5.08 35.90 -56.01
C LEU F 30 -4.28 35.21 -57.11
N ASP F 31 -4.72 35.34 -58.36
CA ASP F 31 -4.04 34.69 -59.48
C ASP F 31 -2.59 35.16 -59.69
N PRO F 32 -2.34 36.48 -59.79
CA PRO F 32 -0.94 36.88 -59.90
C PRO F 32 -0.18 36.61 -58.61
N TYR F 33 -0.86 36.71 -57.47
CA TYR F 33 -0.25 36.35 -56.18
C TYR F 33 0.19 34.90 -56.18
N ILE F 34 -0.62 34.04 -56.81
CA ILE F 34 -0.22 32.66 -57.10
C ILE F 34 0.95 32.67 -58.07
N ALA F 35 0.78 33.38 -59.18
CA ALA F 35 1.81 33.47 -60.22
C ALA F 35 3.11 34.12 -59.74
N SER F 36 2.98 35.16 -58.92
CA SER F 36 4.15 35.80 -58.32
C SER F 36 4.89 34.82 -57.42
N TRP F 37 4.15 33.97 -56.72
CA TRP F 37 4.74 32.91 -55.89
C TRP F 37 5.36 31.79 -56.72
N LYS F 38 4.82 31.58 -57.92
CA LYS F 38 5.38 30.58 -58.84
C LYS F 38 6.81 30.99 -59.19
N GLY F 39 6.97 32.24 -59.60
CA GLY F 39 8.28 32.81 -59.85
C GLY F 39 9.19 32.81 -58.62
N LEU F 40 8.59 32.75 -57.44
CA LEU F 40 9.36 32.59 -56.22
C LEU F 40 9.91 31.16 -56.15
N VAL F 41 9.04 30.17 -56.36
CA VAL F 41 9.44 28.77 -56.35
C VAL F 41 10.42 28.46 -57.51
N ARG F 42 10.16 29.06 -58.67
CA ARG F 42 11.09 28.98 -59.80
C ARG F 42 12.49 29.27 -59.30
N PHE F 43 12.66 30.44 -58.69
CA PHE F 43 13.91 30.82 -58.08
C PHE F 43 14.32 29.86 -56.98
N LEU F 44 13.39 29.56 -56.06
CA LEU F 44 13.67 28.70 -54.92
C LEU F 44 14.28 27.33 -55.30
N ASN F 45 13.57 26.58 -56.14
CA ASN F 45 14.08 25.29 -56.62
C ASN F 45 15.42 25.44 -57.32
N SER F 46 15.57 26.52 -58.09
CA SER F 46 16.76 26.73 -58.91
C SER F 46 18.05 27.04 -58.17
N LEU F 47 18.50 26.09 -57.36
CA LEU F 47 19.81 26.16 -56.69
C LEU F 47 20.22 24.80 -56.12
N GLY F 48 19.82 23.74 -56.81
CA GLY F 48 20.08 22.37 -56.39
C GLY F 48 19.68 22.15 -54.95
N THR F 49 20.64 21.68 -54.15
CA THR F 49 20.51 21.56 -52.70
C THR F 49 19.26 20.84 -52.20
N ILE F 50 18.78 21.32 -51.06
CA ILE F 50 17.64 20.72 -50.41
C ILE F 50 16.38 21.62 -50.43
N PHE F 51 16.56 22.95 -50.45
CA PHE F 51 15.44 23.89 -50.42
C PHE F 51 14.42 23.67 -51.54
N SER F 52 14.80 22.90 -52.55
CA SER F 52 13.84 22.38 -53.50
C SER F 52 12.81 21.53 -52.74
N PHE F 53 13.31 20.61 -51.92
CA PHE F 53 12.44 19.73 -51.13
C PHE F 53 11.45 20.52 -50.27
N ILE F 54 11.91 21.58 -49.62
CA ILE F 54 11.03 22.39 -48.78
C ILE F 54 10.00 23.19 -49.60
N SER F 55 10.28 23.39 -50.88
CA SER F 55 9.33 24.10 -51.75
C SER F 55 8.13 23.23 -52.10
N LYS F 56 8.22 21.93 -51.79
CA LYS F 56 7.10 21.02 -52.00
C LYS F 56 5.93 21.36 -51.09
N ASP F 57 6.22 22.04 -49.99
CA ASP F 57 5.18 22.48 -49.06
C ASP F 57 4.39 23.64 -49.69
N VAL F 58 5.12 24.62 -50.23
CA VAL F 58 4.51 25.79 -50.88
C VAL F 58 3.65 25.42 -52.09
N VAL F 59 4.13 24.48 -52.90
CA VAL F 59 3.42 24.08 -54.11
C VAL F 59 2.15 23.27 -53.77
N SER F 60 2.07 22.76 -52.55
CA SER F 60 0.88 22.06 -52.07
C SER F 60 -0.21 23.08 -51.71
N LYS F 61 0.23 24.24 -51.24
CA LYS F 61 -0.66 25.33 -50.86
C LYS F 61 -1.33 25.96 -52.08
N LEU F 62 -0.56 26.13 -53.15
CA LEU F 62 -1.04 26.73 -54.38
C LEU F 62 -2.08 25.84 -55.05
N ARG F 63 -1.80 24.54 -55.09
CA ARG F 63 -2.72 23.57 -55.66
C ARG F 63 -4.06 23.53 -54.92
N ILE F 64 -4.05 23.95 -53.66
CA ILE F 64 -5.29 24.16 -52.89
C ILE F 64 -5.97 25.45 -53.34
N MET F 65 -5.19 26.53 -53.34
CA MET F 65 -5.70 27.85 -53.72
C MET F 65 -6.16 27.89 -55.18
N GLU F 66 -5.40 27.23 -56.06
CA GLU F 66 -5.79 27.10 -57.46
C GLU F 66 -7.13 26.36 -57.59
N ARG F 67 -7.24 25.23 -56.89
CA ARG F 67 -8.49 24.46 -56.88
C ARG F 67 -9.70 25.28 -56.45
N LEU F 68 -9.53 26.14 -55.45
CA LEU F 68 -10.63 26.95 -54.95
C LEU F 68 -11.00 28.10 -55.91
N ARG F 69 -10.13 28.34 -56.89
CA ARG F 69 -10.44 29.24 -58.00
C ARG F 69 -11.19 28.47 -59.08
N GLY F 70 -10.84 27.20 -59.23
CA GLY F 70 -11.52 26.31 -60.16
C GLY F 70 -12.66 25.59 -59.46
N GLY F 71 -13.46 26.35 -58.73
CA GLY F 71 -14.63 25.83 -58.04
C GLY F 71 -15.81 26.75 -58.21
N PRO F 72 -17.02 26.26 -57.87
CA PRO F 72 -18.29 26.98 -58.07
C PRO F 72 -18.39 28.33 -57.36
N GLN F 73 -17.47 28.60 -56.43
CA GLN F 73 -17.42 29.89 -55.76
C GLN F 73 -16.21 30.70 -56.24
N SER F 74 -15.88 30.56 -57.52
CA SER F 74 -14.69 31.16 -58.12
C SER F 74 -14.58 32.67 -57.90
N GLU F 75 -15.71 33.36 -58.02
CA GLU F 75 -15.76 34.81 -57.86
C GLU F 75 -15.41 35.23 -56.43
N HIS F 76 -15.61 34.31 -55.49
CA HIS F 76 -15.33 34.57 -54.08
C HIS F 76 -13.88 34.29 -53.74
N TYR F 77 -13.04 34.18 -54.76
CA TYR F 77 -11.62 33.96 -54.57
C TYR F 77 -10.85 34.85 -55.53
N ARG F 78 -11.58 35.76 -56.17
CA ARG F 78 -10.97 36.76 -57.03
C ARG F 78 -9.98 37.57 -56.23
N SER F 79 -10.51 38.23 -55.19
CA SER F 79 -9.68 38.93 -54.21
C SER F 79 -9.74 38.13 -52.93
N LEU F 80 -8.65 38.16 -52.16
CA LEU F 80 -8.72 37.55 -50.84
C LEU F 80 -9.65 38.35 -49.93
N GLN F 81 -9.97 39.58 -50.32
CA GLN F 81 -11.06 40.31 -49.68
C GLN F 81 -12.36 39.54 -49.88
N ALA F 82 -12.71 39.31 -51.14
CA ALA F 82 -13.91 38.54 -51.50
C ALA F 82 -13.88 37.15 -50.90
N MET F 83 -12.66 36.70 -50.61
CA MET F 83 -12.40 35.41 -49.99
C MET F 83 -12.68 35.51 -48.49
N VAL F 84 -11.89 36.31 -47.79
CA VAL F 84 -12.10 36.52 -46.35
C VAL F 84 -13.54 36.95 -46.06
N ALA F 85 -14.20 37.56 -47.04
CA ALA F 85 -15.64 37.81 -47.00
C ALA F 85 -16.44 36.50 -47.03
N HIS F 86 -16.03 35.57 -47.89
CA HIS F 86 -16.73 34.30 -48.07
C HIS F 86 -16.61 33.37 -46.85
N GLU F 87 -15.45 32.73 -46.70
CA GLU F 87 -15.28 31.65 -45.72
C GLU F 87 -15.63 32.02 -44.27
N LEU F 88 -15.47 33.30 -43.92
CA LEU F 88 -15.83 33.78 -42.59
C LEU F 88 -17.35 33.77 -42.41
N SER F 89 -18.03 34.41 -43.36
CA SER F 89 -19.49 34.56 -43.31
C SER F 89 -20.27 33.25 -43.22
N ASN F 90 -19.93 32.27 -44.06
CA ASN F 90 -20.63 30.99 -44.05
C ASN F 90 -19.98 30.00 -43.11
N ARG F 91 -19.14 30.52 -42.22
CA ARG F 91 -18.45 29.71 -41.23
C ARG F 91 -17.70 28.56 -41.88
N LEU F 92 -16.75 28.88 -42.74
CA LEU F 92 -15.94 27.89 -43.43
C LEU F 92 -14.51 27.90 -42.92
N VAL F 93 -14.30 28.55 -41.77
CA VAL F 93 -12.95 28.69 -41.21
C VAL F 93 -12.81 28.01 -39.85
N ASP F 94 -11.91 27.03 -39.78
CA ASP F 94 -11.52 26.44 -38.50
C ASP F 94 -10.73 27.50 -37.74
N LEU F 95 -11.42 28.20 -36.85
CA LEU F 95 -10.91 29.39 -36.21
C LEU F 95 -9.87 29.13 -35.12
N GLU F 96 -10.01 28.01 -34.42
CA GLU F 96 -9.20 27.77 -33.23
C GLU F 96 -8.56 26.38 -33.18
N ARG F 97 -9.15 25.44 -33.90
CA ARG F 97 -8.59 24.09 -33.99
C ARG F 97 -8.76 23.70 -35.44
N ARG F 98 -7.83 22.92 -35.98
CA ARG F 98 -7.99 22.31 -37.30
C ARG F 98 -9.13 21.30 -37.27
N SER F 99 -10.36 21.82 -37.23
CA SER F 99 -11.55 21.00 -37.09
C SER F 99 -11.97 20.38 -38.42
N HIS F 100 -12.84 21.09 -39.14
CA HIS F 100 -13.50 20.52 -40.31
C HIS F 100 -12.95 21.06 -41.62
N HIS F 101 -12.24 22.18 -41.55
CA HIS F 101 -11.65 22.81 -42.73
C HIS F 101 -10.15 23.04 -42.53
N PRO F 102 -9.36 21.95 -42.59
CA PRO F 102 -7.90 22.05 -42.42
C PRO F 102 -7.29 22.83 -43.57
N GLU F 103 -7.97 22.84 -44.71
CA GLU F 103 -7.49 23.53 -45.89
C GLU F 103 -8.33 24.75 -46.22
N SER F 104 -8.68 25.52 -45.20
CA SER F 104 -9.23 26.85 -45.42
C SER F 104 -8.16 27.60 -46.19
N GLY F 105 -8.56 28.42 -47.15
CA GLY F 105 -7.58 29.23 -47.85
C GLY F 105 -7.01 30.28 -46.92
N CYS F 106 -7.84 30.77 -46.01
CA CYS F 106 -7.46 31.85 -45.09
C CYS F 106 -6.30 31.44 -44.19
N ARG F 107 -6.30 30.19 -43.75
CA ARG F 107 -5.18 29.64 -43.00
C ARG F 107 -4.00 29.35 -43.93
N THR F 108 -4.30 29.01 -45.18
CA THR F 108 -3.29 28.68 -46.18
C THR F 108 -2.45 29.89 -46.60
N VAL F 109 -3.11 30.92 -47.13
CA VAL F 109 -2.47 32.18 -47.50
C VAL F 109 -1.75 32.78 -46.30
N LEU F 110 -2.31 32.57 -45.12
CA LEU F 110 -1.69 33.00 -43.86
C LEU F 110 -0.26 32.49 -43.78
N ARG F 111 -0.07 31.18 -43.93
CA ARG F 111 1.27 30.59 -43.90
C ARG F 111 2.17 31.14 -45.02
N LEU F 112 1.57 31.43 -46.16
CA LEU F 112 2.28 32.09 -47.25
C LEU F 112 2.60 33.53 -46.87
N HIS F 113 1.65 34.18 -46.19
CA HIS F 113 1.84 35.54 -45.71
C HIS F 113 2.94 35.57 -44.65
N ARG F 114 2.98 34.55 -43.81
CA ARG F 114 4.05 34.42 -42.82
C ARG F 114 5.36 34.08 -43.52
N ALA F 115 5.26 33.36 -44.63
CA ALA F 115 6.41 33.07 -45.47
C ALA F 115 6.87 34.35 -46.18
N LEU F 116 5.90 35.21 -46.49
CA LEU F 116 6.16 36.49 -47.14
C LEU F 116 6.94 37.41 -46.20
N HIS F 117 6.55 37.41 -44.93
CA HIS F 117 7.17 38.24 -43.92
C HIS F 117 8.67 37.97 -43.75
N TRP F 118 9.06 36.71 -43.94
CA TRP F 118 10.46 36.34 -43.79
C TRP F 118 11.33 36.92 -44.89
N LEU F 119 10.81 36.92 -46.12
CA LEU F 119 11.58 37.37 -47.26
C LEU F 119 11.93 38.85 -47.20
N GLN F 120 11.10 39.63 -46.49
CA GLN F 120 11.35 41.06 -46.34
C GLN F 120 12.47 41.32 -45.33
N LEU F 121 12.47 40.58 -44.22
CA LEU F 121 13.47 40.75 -43.17
C LEU F 121 14.82 40.20 -43.63
N PHE F 122 14.77 39.06 -44.31
CA PHE F 122 15.95 38.47 -44.91
C PHE F 122 16.61 39.45 -45.88
N LEU F 123 15.94 39.68 -47.01
CA LEU F 123 16.50 40.47 -48.10
C LEU F 123 17.02 41.87 -47.71
N GLU F 124 16.31 42.56 -46.82
CA GLU F 124 16.76 43.86 -46.33
C GLU F 124 18.09 43.75 -45.59
N GLY F 125 18.14 42.85 -44.61
CA GLY F 125 19.37 42.59 -43.90
C GLY F 125 20.49 42.21 -44.85
N LEU F 126 20.14 41.46 -45.89
CA LEU F 126 21.07 41.10 -46.95
C LEU F 126 21.49 42.32 -47.78
N ARG F 127 20.53 43.18 -48.10
CA ARG F 127 20.81 44.37 -48.88
C ARG F 127 21.63 45.37 -48.06
N THR F 128 21.24 45.54 -46.80
CA THR F 128 21.95 46.42 -45.89
C THR F 128 23.05 45.66 -45.16
N SER F 129 23.89 44.97 -45.95
CA SER F 129 24.94 44.12 -45.39
C SER F 129 26.32 44.42 -45.95
N PRO F 130 27.36 44.11 -45.16
CA PRO F 130 28.75 44.05 -45.61
C PRO F 130 29.01 42.78 -46.43
N GLU F 131 29.58 42.95 -47.62
CA GLU F 131 29.77 41.86 -48.59
C GLU F 131 30.66 40.72 -48.11
N ASP F 132 31.44 40.98 -47.06
CA ASP F 132 32.38 39.99 -46.51
C ASP F 132 31.70 38.71 -46.03
N ALA F 133 30.58 38.87 -45.33
CA ALA F 133 29.92 37.77 -44.62
C ALA F 133 29.38 36.68 -45.52
N ARG F 134 28.70 35.72 -44.90
CA ARG F 134 28.01 34.66 -45.60
C ARG F 134 26.52 34.86 -45.44
N THR F 135 25.73 34.30 -46.35
CA THR F 135 24.29 34.48 -46.34
C THR F 135 23.65 33.74 -45.17
N SER F 136 24.39 32.79 -44.60
CA SER F 136 23.86 31.89 -43.57
C SER F 136 23.44 32.59 -42.28
N ALA F 137 24.40 33.22 -41.62
CA ALA F 137 24.18 33.81 -40.29
C ALA F 137 23.04 34.82 -40.28
N LEU F 138 22.93 35.61 -41.35
CA LEU F 138 21.87 36.60 -41.48
C LEU F 138 20.55 35.98 -41.93
N CYS F 139 20.63 34.83 -42.60
CA CYS F 139 19.44 34.07 -42.94
C CYS F 139 18.84 33.50 -41.65
N ALA F 140 19.73 33.14 -40.73
CA ALA F 140 19.33 32.64 -39.42
C ALA F 140 18.61 33.70 -38.61
N ASP F 141 19.18 34.92 -38.60
CA ASP F 141 18.63 36.02 -37.82
C ASP F 141 17.28 36.49 -38.39
N SER F 142 17.09 36.28 -39.69
CA SER F 142 15.78 36.52 -40.30
C SER F 142 14.81 35.45 -39.84
N TYR F 143 15.27 34.19 -39.84
CA TYR F 143 14.44 33.06 -39.46
C TYR F 143 14.16 33.02 -37.97
N ASN F 144 15.16 33.34 -37.16
CA ASN F 144 14.99 33.40 -35.71
C ASN F 144 13.98 34.47 -35.31
N ALA F 145 13.84 35.48 -36.16
CA ALA F 145 12.86 36.54 -35.96
C ALA F 145 11.51 36.12 -36.55
N SER F 146 11.48 35.90 -37.86
CA SER F 146 10.24 35.61 -38.58
C SER F 146 9.55 34.29 -38.22
N LEU F 147 10.15 33.18 -38.62
CA LEU F 147 9.44 31.89 -38.64
C LEU F 147 9.77 30.92 -37.51
N ALA F 148 10.85 31.17 -36.78
CA ALA F 148 11.26 30.28 -35.68
C ALA F 148 10.15 30.12 -34.64
N ALA F 149 9.23 31.07 -34.63
CA ALA F 149 8.06 31.00 -33.76
C ALA F 149 7.08 29.93 -34.23
N TYR F 150 6.78 29.97 -35.53
CA TYR F 150 5.73 29.11 -36.12
C TYR F 150 6.17 27.67 -36.41
N HIS F 151 7.44 27.36 -36.18
CA HIS F 151 7.97 26.09 -36.64
C HIS F 151 8.51 25.17 -35.54
N PRO F 152 8.09 23.90 -35.56
CA PRO F 152 8.58 22.84 -34.66
C PRO F 152 10.09 22.66 -34.71
N TRP F 153 10.61 21.75 -33.90
CA TRP F 153 12.05 21.57 -33.75
C TRP F 153 12.77 21.11 -35.02
N VAL F 154 12.20 20.10 -35.67
CA VAL F 154 12.79 19.48 -36.86
C VAL F 154 13.03 20.48 -37.98
N VAL F 155 11.93 21.08 -38.44
CA VAL F 155 11.97 22.15 -39.43
C VAL F 155 12.95 23.26 -39.00
N ARG F 156 12.94 23.58 -37.71
CA ARG F 156 13.91 24.52 -37.15
C ARG F 156 15.33 24.00 -37.33
N ARG F 157 15.55 22.75 -36.90
CA ARG F 157 16.86 22.11 -37.03
C ARG F 157 17.26 21.91 -38.49
N ALA F 158 16.29 21.55 -39.33
CA ALA F 158 16.54 21.39 -40.76
C ALA F 158 16.97 22.72 -41.39
N VAL F 159 16.22 23.77 -41.11
CA VAL F 159 16.56 25.13 -41.55
C VAL F 159 17.92 25.57 -40.98
N THR F 160 18.15 25.24 -39.71
CA THR F 160 19.41 25.54 -39.03
C THR F 160 20.61 24.94 -39.78
N VAL F 161 20.42 23.74 -40.33
CA VAL F 161 21.48 23.08 -41.06
C VAL F 161 21.31 23.29 -42.56
N ALA F 162 20.16 23.82 -42.95
CA ALA F 162 19.94 24.21 -44.35
C ALA F 162 20.69 25.50 -44.68
N PHE F 163 20.94 26.34 -43.68
CA PHE F 163 21.65 27.60 -43.93
C PHE F 163 23.18 27.48 -43.93
N CYS F 164 23.74 26.57 -43.14
CA CYS F 164 25.18 26.38 -43.08
C CYS F 164 25.71 26.01 -44.46
N THR F 165 24.84 25.39 -45.26
CA THR F 165 25.12 25.11 -46.66
C THR F 165 24.59 26.26 -47.51
N LEU F 166 25.28 27.39 -47.44
CA LEU F 166 24.95 28.55 -48.27
C LEU F 166 26.22 29.31 -48.64
N PRO F 167 26.45 29.50 -49.95
CA PRO F 167 27.67 30.13 -50.49
C PRO F 167 27.83 31.55 -49.94
N THR F 168 29.05 32.06 -49.94
CA THR F 168 29.31 33.40 -49.42
C THR F 168 28.48 34.44 -50.16
N ARG F 169 28.31 35.60 -49.56
CA ARG F 169 27.40 36.64 -50.03
C ARG F 169 27.36 36.87 -51.54
N GLU F 170 28.53 36.87 -52.18
CA GLU F 170 28.67 37.41 -53.55
C GLU F 170 28.37 36.43 -54.70
N VAL F 171 28.28 35.13 -54.41
CA VAL F 171 27.90 34.16 -55.43
C VAL F 171 26.37 34.09 -55.48
N PHE F 172 25.75 34.53 -54.39
CA PHE F 172 24.31 34.52 -54.24
C PHE F 172 23.66 35.59 -55.11
N LEU F 173 24.34 36.72 -55.23
CA LEU F 173 23.80 37.92 -55.85
C LEU F 173 23.76 37.82 -57.39
N GLU F 174 24.42 36.81 -57.93
CA GLU F 174 24.46 36.59 -59.37
C GLU F 174 23.23 35.79 -59.82
N ALA F 175 22.63 35.09 -58.87
CA ALA F 175 21.48 34.20 -59.10
C ALA F 175 20.26 34.93 -59.60
N MET F 176 20.19 36.22 -59.26
CA MET F 176 19.09 37.08 -59.66
C MET F 176 19.03 37.42 -61.15
N ASN F 177 20.14 37.15 -61.84
CA ASN F 177 20.31 37.24 -63.29
C ASN F 177 20.50 38.67 -63.73
N VAL F 178 20.47 39.57 -62.77
CA VAL F 178 20.92 40.94 -62.95
C VAL F 178 22.43 40.90 -63.03
N GLY F 179 23.00 39.99 -62.24
CA GLY F 179 24.45 39.78 -62.23
C GLY F 179 25.21 40.55 -61.17
N PRO F 180 25.93 41.61 -61.60
CA PRO F 180 26.76 42.51 -60.78
C PRO F 180 26.14 42.83 -59.44
N PRO F 181 26.86 42.53 -58.34
CA PRO F 181 26.39 42.67 -56.97
C PRO F 181 25.95 44.10 -56.62
N GLU F 182 26.49 45.09 -57.35
CA GLU F 182 26.13 46.48 -57.19
C GLU F 182 24.70 46.72 -57.68
N GLN F 183 24.24 45.91 -58.62
CA GLN F 183 22.87 46.00 -59.14
C GLN F 183 21.92 45.19 -58.27
N ALA F 184 22.43 44.14 -57.64
CA ALA F 184 21.65 43.29 -56.76
C ALA F 184 21.08 44.09 -55.59
N VAL F 185 21.95 44.82 -54.89
CA VAL F 185 21.51 45.70 -53.80
C VAL F 185 20.66 46.84 -54.32
N GLN F 186 20.83 47.15 -55.61
CA GLN F 186 20.08 48.23 -56.27
C GLN F 186 18.70 47.76 -56.71
N MET F 187 18.63 46.52 -57.20
CA MET F 187 17.40 45.95 -57.72
C MET F 187 16.33 45.85 -56.65
N LEU F 188 16.74 45.30 -55.51
CA LEU F 188 15.84 45.08 -54.38
C LEU F 188 15.37 46.39 -53.76
N GLY F 189 16.18 47.43 -53.89
CA GLY F 189 15.80 48.75 -53.45
C GLY F 189 14.62 49.28 -54.26
N GLU F 190 14.35 48.64 -55.40
CA GLU F 190 13.28 49.04 -56.29
C GLU F 190 12.08 48.10 -56.27
N ALA F 191 12.36 46.80 -56.42
CA ALA F 191 11.30 45.82 -56.61
C ALA F 191 10.85 45.06 -55.35
N LEU F 192 11.48 45.34 -54.21
CA LEU F 192 11.01 44.78 -52.94
C LEU F 192 9.91 45.63 -52.28
N PRO F 193 10.04 46.97 -52.33
CA PRO F 193 8.91 47.82 -51.95
C PRO F 193 7.58 47.38 -52.58
N PHE F 194 7.64 46.79 -53.76
CA PHE F 194 6.45 46.27 -54.46
C PHE F 194 5.68 45.20 -53.69
N ILE F 195 6.34 44.60 -52.71
CA ILE F 195 5.82 43.45 -52.02
C ILE F 195 5.35 43.78 -50.60
N GLN F 196 6.06 44.68 -49.91
CA GLN F 196 5.61 45.16 -48.60
C GLN F 196 4.22 45.76 -48.73
N ARG F 197 3.97 46.39 -49.88
CA ARG F 197 2.63 46.87 -50.22
C ARG F 197 1.62 45.72 -50.17
N VAL F 198 1.85 44.66 -50.95
CA VAL F 198 0.94 43.52 -50.95
C VAL F 198 1.08 42.69 -49.66
N TYR F 199 2.10 43.00 -48.88
CA TYR F 199 2.27 42.38 -47.56
C TYR F 199 1.51 43.15 -46.48
N ASN F 200 1.80 44.45 -46.38
CA ASN F 200 1.16 45.31 -45.37
C ASN F 200 -0.37 45.37 -45.50
N VAL F 201 -0.86 45.47 -46.73
CA VAL F 201 -2.29 45.42 -47.01
C VAL F 201 -2.90 44.16 -46.39
N SER F 202 -2.33 43.01 -46.75
CA SER F 202 -2.76 41.71 -46.21
C SER F 202 -2.72 41.69 -44.69
N GLN F 203 -1.55 41.97 -44.12
CA GLN F 203 -1.31 41.94 -42.67
C GLN F 203 -2.39 42.70 -41.89
N LYS F 204 -2.76 43.87 -42.39
CA LYS F 204 -3.84 44.65 -41.79
C LYS F 204 -5.17 43.93 -41.98
N LEU F 205 -5.44 43.48 -43.20
CA LEU F 205 -6.67 42.75 -43.52
C LEU F 205 -6.83 41.49 -42.67
N TYR F 206 -5.72 40.82 -42.38
CA TYR F 206 -5.72 39.67 -41.48
C TYR F 206 -5.90 40.12 -40.04
N ALA F 207 -5.34 41.28 -39.70
CA ALA F 207 -5.41 41.81 -38.34
C ALA F 207 -6.81 42.29 -37.97
N GLU F 208 -7.54 42.80 -38.95
CA GLU F 208 -8.89 43.32 -38.73
C GLU F 208 -9.86 42.24 -38.27
N HIS F 209 -9.71 41.04 -38.80
CA HIS F 209 -10.73 40.00 -38.66
C HIS F 209 -10.47 39.00 -37.54
N SER F 210 -9.69 39.41 -36.53
CA SER F 210 -9.28 38.51 -35.44
C SER F 210 -8.67 37.23 -36.03
N LEU F 211 -7.88 37.42 -37.09
CA LEU F 211 -7.50 36.34 -38.00
C LEU F 211 -5.99 36.29 -38.16
N LEU F 212 -5.31 35.71 -37.18
CA LEU F 212 -3.85 35.64 -37.20
C LEU F 212 -3.31 34.38 -36.53
N ASP F 213 -3.98 33.93 -35.47
CA ASP F 213 -3.53 32.77 -34.70
C ASP F 213 -4.24 31.50 -35.15
N LEU F 214 -4.42 31.35 -36.45
CA LEU F 214 -5.14 30.21 -37.02
C LEU F 214 -4.31 28.93 -36.99
N PRO F 215 -4.99 27.80 -36.79
CA PRO F 215 -4.41 26.48 -37.10
C PRO F 215 -4.85 26.09 -38.51
CAB 1Q0 G . -8.74 19.19 28.40
CAM 1Q0 G . -9.22 17.78 28.64
CAR 1Q0 G . -8.11 16.88 29.17
CAW 1Q0 G . -7.79 15.75 28.21
CBB 1Q0 G . -8.10 14.39 28.78
CBE 1Q0 G . -7.48 13.27 27.99
CBG 1Q0 G . -7.87 11.90 28.51
CBH 1Q0 G . -6.79 11.26 29.34
CBF 1Q0 G . -5.47 11.19 28.60
CBC 1Q0 G . -4.62 10.03 29.05
CAZ 1Q0 G . -3.31 10.49 29.67
CAU 1Q0 G . -2.12 9.75 29.11
CAP 1Q0 G . -1.28 10.63 28.20
CAJ 1Q0 G . -0.04 9.87 27.76
CAK 1Q0 G . -0.13 8.58 27.41
CBP 1Q0 G . 0.97 7.95 26.58
OAE 1Q0 G . 1.43 6.80 27.27
CBQ 1Q0 G . 0.50 7.51 25.21
CBL 1Q0 G . 1.66 7.32 24.25
OBN 1Q0 G . 2.59 6.45 24.84
PBR 1Q0 G . 3.74 5.85 23.94
OAF 1Q0 G . 3.14 5.20 22.71
OAG 1Q0 G . 4.51 4.82 24.72
OAD 1Q0 G . 4.66 6.97 23.51
NBM 1Q0 G . -0.40 8.47 24.69
CBO 1Q0 G . -1.65 8.06 24.16
OAC 1Q0 G . -1.95 6.88 24.16
CBK 1Q0 G . -2.62 9.08 23.61
CBJ 1Q0 G . -3.25 9.93 24.69
CBI 1Q0 G . -3.93 11.17 24.14
CBD 1Q0 G . -3.57 12.41 24.91
CAY 1Q0 G . -4.75 13.33 25.09
CAT 1Q0 G . -5.14 14.03 23.81
CAO 1Q0 G . -6.44 14.78 23.94
CAI 1Q0 G . -6.21 16.24 23.61
CAH 1Q0 G . -5.92 16.61 22.34
CAN 1Q0 G . -5.53 18.04 22.04
CAS 1Q0 G . -6.75 18.94 22.15
CAX 1Q0 G . -7.40 18.85 23.51
CBA 1Q0 G . -8.55 19.82 23.66
CAV 1Q0 G . -9.42 19.50 24.85
CAQ 1Q0 G . -10.40 20.62 25.17
CAL 1Q0 G . -11.84 20.14 25.16
CAA 1Q0 G . -12.82 21.29 25.23
CAU 1Q0 H . -34.90 -16.28 6.12
CAP 1Q0 H . -36.01 -16.13 7.14
CAJ 1Q0 H . -37.13 -15.29 6.55
CAK 1Q0 H . -38.41 -15.63 6.77
CBP 1Q0 H . -39.52 -14.80 6.17
OAE 1Q0 H . -40.69 -15.58 6.15
CBQ 1Q0 H . -39.81 -13.54 6.97
CBL 1Q0 H . -41.23 -13.02 6.88
OBN 1Q0 H . -42.04 -13.82 6.04
PBR 1Q0 H . -42.89 -13.10 4.92
OAF 1Q0 H . -42.11 -11.96 4.34
OAG 1Q0 H . -44.18 -12.59 5.54
OAD 1Q0 H . -43.23 -14.09 3.83
NBM 1Q0 H . -38.90 -12.51 6.60
CBO 1Q0 H . -38.10 -11.88 7.58
OAC 1Q0 H . -38.20 -12.21 8.75
CBK 1Q0 H . -37.13 -10.79 7.19
CBJ 1Q0 H . -35.71 -11.29 7.10
CBI 1Q0 H . -35.10 -11.52 8.47
CBD 1Q0 H . -33.82 -12.32 8.40
CAY 1Q0 H . -32.93 -12.10 9.61
CAT 1Q0 H . -31.77 -11.19 9.30
CAO 1Q0 H . -31.42 -10.30 10.47
CAI 1Q0 H . -30.10 -9.60 10.21
CAH 1Q0 H . -29.83 -9.12 8.98
CAN 1Q0 H . -28.58 -8.29 8.75
CAS 1Q0 H . -27.42 -8.93 9.48
CAB 1Q0 I . 24.17 -44.86 -3.30
CAM 1Q0 I . 23.94 -44.83 -1.81
CAR 1Q0 I . 22.98 -43.72 -1.40
CAW 1Q0 I . 23.31 -42.41 -2.09
CBB 1Q0 I . 22.60 -41.24 -1.44
CBE 1Q0 I . 22.66 -40.00 -2.30
CBG 1Q0 I . 21.64 -38.95 -1.87
CBH 1Q0 I . 22.27 -37.62 -1.59
CBF 1Q0 I . 21.99 -37.14 -0.18
CBC 1Q0 I . 22.15 -35.64 -0.04
CAZ 1Q0 I . 23.59 -35.22 0.15
CAU 1Q0 I . 23.80 -34.43 1.41
CAP 1Q0 I . 23.72 -35.29 2.65
CAJ 1Q0 I . 23.64 -34.40 3.88
CAK 1Q0 I . 22.62 -33.51 4.01
CBP 1Q0 I . 22.56 -32.60 5.21
OAE 1Q0 I . 22.65 -31.26 4.74
CBQ 1Q0 I . 21.28 -32.74 5.99
CBL 1Q0 I . 21.38 -32.11 7.36
OBN 1Q0 I . 21.09 -30.74 7.24
PBR 1Q0 I . 20.50 -29.98 8.49
OAF 1Q0 I . 19.72 -30.95 9.34
OAG 1Q0 I . 19.58 -28.88 8.02
OAD 1Q0 I . 21.62 -29.38 9.31
NBM 1Q0 I . 20.95 -34.12 6.12
CBO 1Q0 I . 20.02 -34.71 5.23
OAC 1Q0 I . 19.49 -34.04 4.37
CBK 1Q0 I . 19.67 -36.17 5.38
CBJ 1Q0 I . 20.78 -37.08 4.91
CBI 1Q0 I . 20.62 -37.49 3.47
CBD 1Q0 I . 19.54 -38.55 3.29
CAY 1Q0 I . 19.88 -39.55 2.22
CAT 1Q0 I . 20.26 -40.89 2.79
CAO 1Q0 I . 19.73 -42.04 1.96
CAI 1Q0 I . 18.59 -42.72 2.70
CAH 1Q0 I . 18.82 -43.82 3.42
CAN 1Q0 I . 20.23 -44.39 3.54
CAS 1Q0 I . 20.22 -45.84 3.17
CAX 1Q0 I . 20.82 -46.11 1.81
CBA 1Q0 I . 20.02 -47.10 1.00
CAV 1Q0 I . 20.33 -47.03 -0.48
CAQ 1Q0 I . 20.93 -48.30 -0.99
CAL 1Q0 I . 20.15 -48.89 -2.14
CAA 1Q0 I . 20.20 -50.40 -2.17
CAB 1Q0 J . 15.16 3.38 -34.63
CAM 1Q0 J . 13.87 3.69 -35.34
CAR 1Q0 J . 13.67 5.19 -35.37
CAW 1Q0 J . 12.33 5.53 -34.77
CBB 1Q0 J . 11.99 6.97 -34.96
CBE 1Q0 J . 10.75 7.12 -35.80
CBG 1Q0 J . 9.78 8.05 -35.14
CBH 1Q0 J . 9.57 9.30 -35.93
CBF 1Q0 J . 9.63 10.54 -35.08
CBC 1Q0 J . 10.57 11.52 -35.68
CAZ 1Q0 J . 9.96 12.88 -35.81
CAU 1Q0 J . 10.15 13.67 -34.55
CAP 1Q0 J . 11.16 14.77 -34.71
CAJ 1Q0 J . 10.96 15.83 -33.66
CAK 1Q0 J . 9.71 16.22 -33.34
CBP 1Q0 J . 9.52 17.34 -32.37
OAE 1Q0 J . 8.96 18.37 -33.11
CBQ 1Q0 J . 8.57 16.97 -31.28
CBL 1Q0 J . 8.52 18.05 -30.24
OBN 1Q0 J . 7.35 18.80 -30.41
PBR 1Q0 J . 7.43 20.27 -29.94
OAF 1Q0 J . 7.07 20.37 -28.50
OAG 1Q0 J . 6.43 21.03 -30.72
OAD 1Q0 J . 8.78 20.85 -30.12
NBM 1Q0 J . 9.13 15.82 -30.70
CBO 1Q0 J . 8.44 14.60 -30.71
OAC 1Q0 J . 7.36 14.52 -31.22
CBK 1Q0 J . 9.07 13.39 -30.10
CBJ 1Q0 J . 9.53 12.43 -31.16
CBI 1Q0 J . 10.65 11.55 -30.66
CBD 1Q0 J . 10.70 10.24 -31.40
CAY 1Q0 J . 10.77 9.07 -30.47
CAT 1Q0 J . 11.76 8.05 -30.93
CAO 1Q0 J . 11.38 6.66 -30.53
CAI 1Q0 J . 11.67 6.48 -29.06
CAH 1Q0 J . 12.67 5.69 -28.65
CAN 1Q0 J . 13.36 4.81 -29.65
CAS 1Q0 J . 13.56 3.46 -29.02
CAX 1Q0 J . 14.42 2.55 -29.84
CBA 1Q0 J . 14.04 2.57 -31.29
CAV 1Q0 J . 14.32 1.28 -32.02
CAQ 1Q0 J . 13.96 0.08 -31.19
CAL 1Q0 J . 14.02 -1.20 -31.97
CAA 1Q0 J . 13.92 -2.37 -31.04
CAB 1Q0 K . 13.63 1.99 45.06
CAM 1Q0 K . 12.90 2.33 43.78
CAR 1Q0 K . 11.40 2.37 43.97
CAW 1Q0 K . 10.69 1.32 43.13
CBB 1Q0 K . 11.19 1.30 41.70
CBE 1Q0 K . 10.21 0.62 40.77
CBG 1Q0 K . 10.71 0.60 39.34
CBH 1Q0 K . 9.64 1.05 38.36
CBF 1Q0 K . 8.45 0.12 38.36
CBC 1Q0 K . 7.38 0.56 37.37
CAZ 1Q0 K . 5.98 0.31 37.90
CAU 1Q0 K . 4.92 0.97 37.05
CAP 1Q0 K . 3.52 0.66 37.52
CAJ 1Q0 K . 3.03 -0.61 36.84
CAK 1Q0 K . 3.08 -0.71 35.50
CBP 1Q0 K . 2.25 -1.75 34.78
OAE 1Q0 K . 1.87 -1.22 33.53
CBQ 1Q0 K . 3.01 -3.03 34.53
CBL 1Q0 K . 2.08 -4.19 34.27
OBN 1Q0 K . 1.60 -4.09 32.94
PBR 1Q0 K . 0.26 -4.84 32.56
OAF 1Q0 K . 0.04 -5.99 33.51
OAG 1Q0 K . 0.36 -5.35 31.15
OAD 1Q0 K . -0.90 -3.87 32.66
NBM 1Q0 K . 3.83 -3.33 35.66
CBO 1Q0 K . 5.24 -3.23 35.55
OAC 1Q0 K . 5.75 -2.90 34.50
CBK 1Q0 K . 6.11 -3.55 36.74
CBJ 1Q0 K . 5.36 -4.25 37.84
CBI 1Q0 K . 6.27 -4.75 38.94
CBD 1Q0 K . 7.17 -3.67 39.46
CAY 1Q0 K . 8.17 -4.20 40.48
CAT 1Q0 K . 8.34 -3.27 41.65
CAO 1Q0 K . 9.44 -2.25 41.42
CAI 1Q0 K . 10.78 -2.93 41.54
CAH 1Q0 K . 11.20 -3.42 42.73
CAN 1Q0 K . 10.48 -3.02 44.00
CAS 1Q0 K . 11.40 -3.23 45.18
CAX 1Q0 K . 12.07 -1.94 45.63
CBA 1Q0 K . 13.57 -2.09 45.76
CAV 1Q0 K . 13.98 -2.61 47.12
CAQ 1Q0 K . 15.47 -2.67 47.28
CAL 1Q0 K . 15.89 -3.25 48.62
CAA 1Q0 K . 16.18 -4.72 48.54
CAP 1Q0 L . 8.47 23.86 -43.94
CAJ 1Q0 L . 7.36 23.78 -42.91
CAK 1Q0 L . 6.28 23.01 -43.14
CBP 1Q0 L . 4.96 23.32 -42.47
OAE 1Q0 L . 4.96 22.71 -41.20
CBQ 1Q0 L . 4.75 24.81 -42.26
CBL 1Q0 L . 3.30 25.15 -42.06
OBN 1Q0 L . 2.53 24.40 -42.96
PBR 1Q0 L . 1.27 23.60 -42.40
OAF 1Q0 L . 0.19 23.58 -43.46
OAG 1Q0 L . 0.75 24.28 -41.16
OAD 1Q0 L . 1.69 22.19 -42.08
NBM 1Q0 L . 5.25 25.52 -43.40
CBO 1Q0 L . 5.08 26.92 -43.47
OAC 1Q0 L . 4.53 27.52 -42.58
CBK 1Q0 L . 5.61 27.68 -44.68
#